data_2V7N
#
_entry.id   2V7N
#
_cell.length_a   102.790
_cell.length_b   185.920
_cell.length_c   102.990
_cell.angle_alpha   90.00
_cell.angle_beta   90.00
_cell.angle_gamma   90.00
#
_symmetry.space_group_name_H-M   'P 21 21 2'
#
loop_
_entity.id
_entity.type
_entity.pdbx_description
1 polymer 'IMMUNOGLOBULIN LIGHT CHAIN'
2 polymer 'IMMUNOGLOBULIN HEAVY CHAIN'
3 water water
#
loop_
_entity_poly.entity_id
_entity_poly.type
_entity_poly.pdbx_seq_one_letter_code
_entity_poly.pdbx_strand_id
1 'polypeptide(L)'
;DIVLTQSPATLSLSPGERATLSCRASQSVSSNYLAWYQQKPGQAPRLLIYDSSSRATGVPARFSGSGSGTDFTLTISSLE
PEDFAVYYCHQYSDISPTFGQGTKVEIKRTVAAPSVFIFPPSDEQLKSGTASVVCLLNNFYPREAKVQWKVDNALQSGNS
QESVTEQDSKDSTYSLSSTLTLSKADYEKHKVYACEVTHQGLSSPVTKSFNRGEA
;
A,C,E,G
2 'polypeptide(L)'
;QVQLVESGGGLVQPGGSLRLSCAASGFTFRNSAMHWVRQAPGKGLEWVSSIWYSGSNTYYADSVKGRFTISRDNSKNTLY
LQMNSLRAEDTAVYYCARFAGGWGAYDVWGQGTLVTVSSASTKGPSVFPLAPSSKSTSGGTAALGCLVKDYFPEPVTVSW
NSGALTSGVHTFPAVLQSSGLYSLSSVVTVPSSSLGTQTYICNVNHKPSNTKVDKKVEPKSEFHHHHHH
;
B,D,F,H
#
# COMPACT_ATOMS: atom_id res chain seq x y z
N ASP A 1 -6.62 -44.14 -27.14
CA ASP A 1 -5.61 -43.09 -27.25
C ASP A 1 -4.78 -43.35 -28.51
N ILE A 2 -4.13 -42.34 -29.07
CA ILE A 2 -3.25 -42.63 -30.20
C ILE A 2 -1.80 -42.39 -29.75
N VAL A 3 -1.08 -43.50 -29.59
CA VAL A 3 0.31 -43.44 -29.17
C VAL A 3 1.23 -43.22 -30.35
N LEU A 4 2.11 -42.24 -30.21
CA LEU A 4 3.03 -41.90 -31.28
C LEU A 4 4.45 -42.35 -30.92
N THR A 5 5.03 -43.15 -31.80
CA THR A 5 6.34 -43.72 -31.55
C THR A 5 7.34 -43.23 -32.61
N GLN A 6 8.35 -42.52 -32.14
CA GLN A 6 9.34 -41.98 -33.07
C GLN A 6 10.62 -42.82 -33.07
N SER A 7 11.13 -43.05 -34.27
CA SER A 7 12.36 -43.78 -34.50
C SER A 7 13.26 -43.06 -35.51
N PRO A 8 14.57 -43.14 -35.30
CA PRO A 8 15.13 -43.74 -34.09
C PRO A 8 15.07 -42.72 -32.96
N ALA A 9 15.50 -43.09 -31.77
CA ALA A 9 15.68 -42.17 -30.66
C ALA A 9 16.64 -41.03 -31.02
N THR A 10 17.79 -41.42 -31.56
CA THR A 10 18.79 -40.46 -31.98
C THR A 10 19.29 -40.80 -33.38
N LEU A 11 19.41 -39.76 -34.22
CA LEU A 11 20.03 -40.00 -35.52
C LEU A 11 21.40 -39.29 -35.50
N SER A 12 22.46 -39.99 -35.80
CA SER A 12 23.79 -39.35 -35.82
C SER A 12 24.23 -39.22 -37.27
N LEU A 13 24.36 -37.98 -37.75
CA LEU A 13 24.62 -37.74 -39.15
C LEU A 13 25.54 -36.54 -39.31
N SER A 14 26.24 -36.43 -40.44
CA SER A 14 27.08 -35.26 -40.70
C SER A 14 26.34 -34.24 -41.56
N PRO A 15 26.68 -32.97 -41.47
CA PRO A 15 26.05 -31.95 -42.34
C PRO A 15 26.14 -32.41 -43.78
N GLY A 16 25.10 -32.14 -44.58
CA GLY A 16 25.09 -32.54 -45.97
C GLY A 16 24.49 -33.90 -46.22
N GLU A 17 24.22 -34.66 -45.17
CA GLU A 17 23.68 -36.00 -45.37
C GLU A 17 22.16 -35.97 -45.15
N ARG A 18 21.48 -36.96 -45.71
CA ARG A 18 20.03 -37.07 -45.61
C ARG A 18 19.62 -37.63 -44.26
N ALA A 19 18.55 -37.09 -43.71
CA ALA A 19 17.98 -37.57 -42.45
C ALA A 19 16.57 -38.10 -42.72
N THR A 20 16.30 -39.31 -42.25
CA THR A 20 14.98 -39.92 -42.38
C THR A 20 14.46 -40.31 -41.00
N LEU A 21 13.40 -39.65 -40.58
CA LEU A 21 12.80 -39.79 -39.27
C LEU A 21 11.42 -40.44 -39.36
N SER A 22 11.15 -41.39 -38.47
CA SER A 22 9.87 -42.10 -38.50
C SER A 22 8.97 -41.75 -37.31
N CYS A 23 7.67 -41.72 -37.63
CA CYS A 23 6.61 -41.52 -36.64
C CYS A 23 5.51 -42.55 -36.94
N ARG A 24 5.28 -43.51 -36.05
CA ARG A 24 4.19 -44.49 -36.32
C ARG A 24 3.15 -44.40 -35.21
N ALA A 25 1.89 -44.56 -35.59
CA ALA A 25 0.76 -44.40 -34.69
C ALA A 25 0.16 -45.75 -34.27
N SER A 26 -0.42 -45.82 -33.09
CA SER A 26 -1.14 -46.99 -32.62
C SER A 26 -2.44 -47.20 -33.38
N GLN A 27 -2.99 -46.11 -33.92
CA GLN A 27 -4.17 -46.25 -34.76
C GLN A 27 -4.09 -45.24 -35.90
N SER A 28 -4.82 -45.50 -36.98
CA SER A 28 -4.86 -44.55 -38.08
C SER A 28 -5.22 -43.15 -37.59
N VAL A 29 -4.41 -42.21 -38.09
CA VAL A 29 -4.59 -40.80 -37.84
C VAL A 29 -5.54 -40.22 -38.88
N SER A 30 -6.76 -39.94 -38.46
CA SER A 30 -7.81 -39.50 -39.37
C SER A 30 -7.41 -38.25 -40.15
N SER A 31 -7.68 -38.23 -41.45
CA SER A 31 -7.39 -37.14 -42.35
C SER A 31 -5.90 -36.78 -42.45
N ASN A 32 -5.04 -37.66 -41.96
CA ASN A 32 -3.60 -37.40 -41.95
C ASN A 32 -3.25 -36.11 -41.21
N TYR A 33 -4.07 -35.85 -40.20
CA TYR A 33 -3.90 -34.73 -39.28
C TYR A 33 -2.67 -34.96 -38.41
N LEU A 34 -1.50 -34.84 -39.03
CA LEU A 34 -0.20 -35.08 -38.41
C LEU A 34 0.83 -33.98 -38.73
N ALA A 35 1.45 -33.44 -37.71
CA ALA A 35 2.43 -32.36 -37.87
C ALA A 35 3.82 -32.79 -37.37
N TRP A 36 4.81 -32.02 -37.78
CA TRP A 36 6.19 -32.15 -37.35
C TRP A 36 6.73 -30.78 -36.88
N TYR A 37 7.41 -30.79 -35.74
CA TYR A 37 8.01 -29.63 -35.13
C TYR A 37 9.51 -29.83 -34.89
N GLN A 38 10.26 -28.74 -34.94
CA GLN A 38 11.69 -28.78 -34.59
C GLN A 38 11.88 -28.11 -33.24
N GLN A 39 12.75 -28.62 -32.35
CA GLN A 39 12.98 -27.84 -31.14
C GLN A 39 14.47 -27.77 -30.77
N LYS A 40 14.94 -26.55 -30.56
CA LYS A 40 16.30 -26.35 -30.06
C LYS A 40 16.27 -26.01 -28.57
N PRO A 41 17.34 -26.37 -27.87
CA PRO A 41 17.42 -26.16 -26.42
C PRO A 41 17.04 -24.75 -26.04
N GLY A 42 16.23 -24.67 -24.99
CA GLY A 42 15.72 -23.43 -24.45
C GLY A 42 14.76 -22.73 -25.39
N GLN A 43 14.44 -23.35 -26.54
CA GLN A 43 13.57 -22.62 -27.45
C GLN A 43 12.23 -23.33 -27.62
N ALA A 44 11.27 -22.51 -28.05
CA ALA A 44 9.93 -22.97 -28.39
C ALA A 44 9.95 -23.87 -29.64
N PRO A 45 9.01 -24.80 -29.71
CA PRO A 45 8.87 -25.62 -30.92
C PRO A 45 8.51 -24.72 -32.09
N ARG A 46 8.90 -25.15 -33.27
CA ARG A 46 8.62 -24.45 -34.51
C ARG A 46 7.97 -25.37 -35.53
N LEU A 47 6.84 -24.97 -36.12
CA LEU A 47 6.21 -25.90 -37.08
C LEU A 47 7.05 -26.13 -38.32
N LEU A 48 7.11 -27.37 -38.81
CA LEU A 48 7.74 -27.65 -40.08
C LEU A 48 6.76 -28.09 -41.15
N ILE A 49 5.98 -29.10 -40.81
CA ILE A 49 5.09 -29.83 -41.70
C ILE A 49 3.74 -29.99 -40.97
N TYR A 50 2.63 -29.86 -41.66
CA TYR A 50 1.31 -30.15 -41.04
C TYR A 50 0.46 -30.89 -42.06
N ASP A 51 -0.63 -31.52 -41.61
CA ASP A 51 -1.42 -32.33 -42.53
C ASP A 51 -0.51 -33.36 -43.21
N SER A 52 0.39 -33.95 -42.45
CA SER A 52 1.29 -34.98 -42.98
C SER A 52 2.33 -34.46 -43.95
N SER A 53 2.00 -33.52 -44.84
CA SER A 53 2.94 -33.24 -45.92
C SER A 53 2.93 -31.80 -46.37
N SER A 54 2.20 -30.94 -45.64
CA SER A 54 2.27 -29.54 -46.10
C SER A 54 3.42 -28.83 -45.40
N ARG A 55 4.24 -28.11 -46.13
CA ARG A 55 5.29 -27.32 -45.52
C ARG A 55 4.75 -26.01 -44.95
N ALA A 56 5.13 -25.69 -43.72
CA ALA A 56 4.79 -24.43 -43.10
C ALA A 56 5.48 -23.27 -43.81
N THR A 57 4.93 -22.07 -43.67
CA THR A 57 5.47 -20.91 -44.34
C THR A 57 6.90 -20.62 -43.92
N GLY A 58 7.75 -20.30 -44.90
CA GLY A 58 9.13 -19.99 -44.64
C GLY A 58 9.97 -21.15 -44.17
N VAL A 59 9.44 -22.38 -44.18
CA VAL A 59 10.24 -23.56 -43.88
C VAL A 59 10.99 -24.00 -45.13
N PRO A 60 12.28 -24.25 -45.04
CA PRO A 60 13.06 -24.69 -46.20
C PRO A 60 12.54 -25.94 -46.89
N ALA A 61 12.66 -25.93 -48.22
CA ALA A 61 12.20 -27.04 -49.02
C ALA A 61 12.91 -28.35 -48.70
N ARG A 62 14.05 -28.29 -47.99
CA ARG A 62 14.75 -29.54 -47.70
C ARG A 62 13.96 -30.38 -46.69
N PHE A 63 12.99 -29.76 -46.03
CA PHE A 63 12.11 -30.47 -45.12
C PHE A 63 10.87 -30.99 -45.85
N SER A 64 10.62 -32.30 -45.81
CA SER A 64 9.36 -32.72 -46.42
C SER A 64 8.73 -33.84 -45.61
N GLY A 65 7.40 -33.91 -45.63
CA GLY A 65 6.72 -34.91 -44.83
C GLY A 65 5.92 -35.85 -45.73
N SER A 66 5.84 -37.13 -45.38
CA SER A 66 5.07 -38.08 -46.18
C SER A 66 4.48 -39.16 -45.28
N GLY A 67 3.73 -40.06 -45.88
CA GLY A 67 3.09 -41.14 -45.15
C GLY A 67 1.63 -40.84 -44.91
N SER A 68 0.95 -41.85 -44.40
CA SER A 68 -0.50 -41.85 -44.21
C SER A 68 -0.86 -43.01 -43.30
N GLY A 69 -2.08 -43.07 -42.81
CA GLY A 69 -2.47 -44.17 -41.93
C GLY A 69 -1.76 -44.12 -40.59
N THR A 70 -0.87 -45.07 -40.33
CA THR A 70 -0.09 -45.11 -39.11
C THR A 70 1.41 -44.90 -39.36
N ASP A 71 1.86 -44.74 -40.61
CA ASP A 71 3.29 -44.65 -40.86
C ASP A 71 3.66 -43.33 -41.52
N PHE A 72 4.43 -42.52 -40.79
CA PHE A 72 4.74 -41.20 -41.32
C PHE A 72 6.23 -40.94 -41.28
N THR A 73 6.75 -40.15 -42.25
CA THR A 73 8.19 -39.89 -42.08
C THR A 73 8.48 -38.44 -42.47
N LEU A 74 9.42 -37.88 -41.73
CA LEU A 74 9.97 -36.57 -42.01
C LEU A 74 11.35 -36.76 -42.65
N THR A 75 11.56 -36.14 -43.79
CA THR A 75 12.82 -36.19 -44.50
C THR A 75 13.45 -34.80 -44.45
N ILE A 76 14.73 -34.73 -44.12
CA ILE A 76 15.52 -33.51 -44.32
C ILE A 76 16.52 -33.89 -45.40
N SER A 77 16.32 -33.43 -46.61
CA SER A 77 17.07 -33.96 -47.75
C SER A 77 18.58 -33.83 -47.54
N SER A 78 18.96 -32.76 -46.89
CA SER A 78 20.39 -32.54 -46.59
C SER A 78 20.47 -31.73 -45.31
N LEU A 79 21.12 -32.25 -44.27
CA LEU A 79 21.24 -31.46 -43.06
C LEU A 79 22.18 -30.27 -43.19
N GLU A 80 21.62 -29.09 -42.92
CA GLU A 80 22.35 -27.87 -42.67
C GLU A 80 22.76 -27.80 -41.19
N PRO A 81 23.77 -27.01 -40.86
CA PRO A 81 24.21 -26.92 -39.46
C PRO A 81 23.09 -26.52 -38.51
N GLU A 82 22.18 -25.63 -38.97
CA GLU A 82 21.09 -25.24 -38.10
C GLU A 82 20.06 -26.35 -37.94
N ASP A 83 20.17 -27.46 -38.64
CA ASP A 83 19.15 -28.49 -38.55
C ASP A 83 19.35 -29.51 -37.44
N PHE A 84 20.51 -29.48 -36.80
CA PHE A 84 20.70 -30.47 -35.72
C PHE A 84 19.86 -30.00 -34.54
N ALA A 85 18.88 -30.81 -34.18
CA ALA A 85 17.83 -30.40 -33.24
C ALA A 85 16.99 -31.61 -32.85
N VAL A 86 16.00 -31.40 -32.00
CA VAL A 86 15.06 -32.49 -31.69
C VAL A 86 13.82 -32.28 -32.54
N TYR A 87 13.19 -33.37 -32.95
CA TYR A 87 12.05 -33.27 -33.85
C TYR A 87 10.89 -34.04 -33.25
N TYR A 88 9.72 -33.42 -33.17
CA TYR A 88 8.55 -34.11 -32.63
C TYR A 88 7.49 -34.30 -33.72
N CYS A 89 6.76 -35.41 -33.62
CA CYS A 89 5.54 -35.56 -34.41
C CYS A 89 4.36 -35.32 -33.45
N HIS A 90 3.18 -35.11 -34.00
CA HIS A 90 2.02 -34.62 -33.26
C HIS A 90 0.78 -35.00 -34.06
N GLN A 91 -0.14 -35.75 -33.48
CA GLN A 91 -1.41 -35.98 -34.17
C GLN A 91 -2.47 -35.04 -33.59
N TYR A 92 -3.29 -34.45 -34.44
CA TYR A 92 -4.36 -33.58 -33.96
C TYR A 92 -5.65 -34.02 -34.65
N SER A 93 -5.82 -35.33 -34.72
CA SER A 93 -6.88 -35.98 -35.47
C SER A 93 -8.05 -36.44 -34.59
N ASP A 94 -7.89 -36.37 -33.28
CA ASP A 94 -8.98 -36.76 -32.38
C ASP A 94 -9.11 -35.74 -31.26
N ILE A 95 -9.81 -36.08 -30.18
CA ILE A 95 -10.00 -34.99 -29.19
C ILE A 95 -8.91 -35.00 -28.14
N SER A 96 -7.94 -35.89 -28.31
CA SER A 96 -6.88 -36.07 -27.33
C SER A 96 -5.51 -35.97 -28.01
N PRO A 97 -5.13 -34.78 -28.43
CA PRO A 97 -3.87 -34.56 -29.15
C PRO A 97 -2.70 -35.26 -28.48
N THR A 98 -1.85 -35.93 -29.25
CA THR A 98 -0.68 -36.59 -28.72
C THR A 98 0.58 -36.20 -29.53
N PHE A 99 1.71 -36.42 -28.88
CA PHE A 99 3.03 -36.16 -29.43
C PHE A 99 3.92 -37.38 -29.34
N GLY A 100 4.77 -37.55 -30.34
CA GLY A 100 5.80 -38.58 -30.26
C GLY A 100 6.84 -38.14 -29.26
N GLN A 101 7.74 -39.03 -28.82
CA GLN A 101 8.62 -38.54 -27.76
C GLN A 101 9.90 -37.95 -28.31
N GLY A 102 9.99 -37.81 -29.63
CA GLY A 102 11.08 -37.06 -30.23
C GLY A 102 12.22 -37.89 -30.78
N THR A 103 12.87 -37.32 -31.79
CA THR A 103 14.09 -37.86 -32.38
C THR A 103 15.13 -36.74 -32.35
N LYS A 104 16.25 -36.99 -31.69
CA LYS A 104 17.34 -36.04 -31.65
C LYS A 104 18.27 -36.31 -32.84
N VAL A 105 18.45 -35.27 -33.66
CA VAL A 105 19.39 -35.33 -34.77
C VAL A 105 20.67 -34.65 -34.31
N GLU A 106 21.71 -35.44 -34.06
CA GLU A 106 22.99 -34.92 -33.57
C GLU A 106 24.10 -35.10 -34.61
N ILE A 107 25.08 -34.21 -34.58
CA ILE A 107 26.21 -34.28 -35.50
C ILE A 107 27.07 -35.53 -35.28
N LYS A 108 27.24 -36.30 -36.32
CA LYS A 108 28.18 -37.41 -36.33
C LYS A 108 29.63 -36.93 -36.23
N ARG A 109 30.45 -37.71 -35.54
CA ARG A 109 31.83 -37.36 -35.25
C ARG A 109 32.71 -38.59 -35.17
N THR A 110 34.03 -38.44 -35.18
CA THR A 110 34.89 -39.61 -34.97
C THR A 110 34.69 -40.15 -33.56
N VAL A 111 34.70 -41.46 -33.35
CA VAL A 111 34.69 -41.99 -31.99
C VAL A 111 35.89 -41.39 -31.25
N ALA A 112 35.64 -40.95 -30.04
CA ALA A 112 36.60 -40.32 -29.14
C ALA A 112 36.40 -40.92 -27.75
N ALA A 113 37.36 -41.72 -27.28
CA ALA A 113 37.19 -42.26 -25.92
C ALA A 113 37.23 -41.13 -24.90
N PRO A 114 36.50 -41.23 -23.80
CA PRO A 114 36.55 -40.16 -22.81
C PRO A 114 37.85 -40.20 -22.02
N SER A 115 38.31 -39.05 -21.55
CA SER A 115 39.28 -38.97 -20.47
C SER A 115 38.48 -39.06 -19.17
N VAL A 116 38.82 -39.99 -18.31
CA VAL A 116 38.12 -40.24 -17.06
C VAL A 116 38.94 -39.80 -15.86
N PHE A 117 38.31 -39.13 -14.92
CA PHE A 117 38.78 -38.60 -13.67
C PHE A 117 37.83 -38.92 -12.53
N ILE A 118 38.33 -39.29 -11.36
CA ILE A 118 37.48 -39.54 -10.19
C ILE A 118 37.93 -38.65 -9.04
N PHE A 119 36.99 -37.99 -8.38
CA PHE A 119 37.26 -37.10 -7.26
C PHE A 119 36.62 -37.65 -5.99
N PRO A 120 37.40 -37.84 -4.94
CA PRO A 120 36.81 -38.21 -3.65
C PRO A 120 35.99 -37.05 -3.09
N PRO A 121 35.16 -37.35 -2.10
CA PRO A 121 34.50 -36.26 -1.38
C PRO A 121 35.54 -35.38 -0.71
N SER A 122 35.20 -34.12 -0.48
CA SER A 122 36.11 -33.25 0.28
C SER A 122 35.99 -33.53 1.77
N ASP A 123 37.05 -33.25 2.52
CA ASP A 123 36.97 -33.39 3.97
C ASP A 123 35.89 -32.47 4.54
N GLU A 124 35.73 -31.31 3.92
CA GLU A 124 34.73 -30.36 4.42
C GLU A 124 33.32 -30.95 4.35
N GLN A 125 32.94 -31.57 3.24
CA GLN A 125 31.61 -32.19 3.17
C GLN A 125 31.42 -33.30 4.20
N LEU A 126 32.38 -34.19 4.33
CA LEU A 126 32.29 -35.36 5.20
C LEU A 126 31.88 -35.01 6.62
N LYS A 127 32.39 -33.89 7.14
CA LYS A 127 32.01 -33.49 8.50
C LYS A 127 30.53 -33.17 8.58
N SER A 128 29.91 -32.89 7.44
CA SER A 128 28.50 -32.58 7.35
C SER A 128 27.63 -33.83 7.24
N GLY A 129 28.20 -35.00 6.98
CA GLY A 129 27.45 -36.24 7.07
C GLY A 129 27.20 -36.96 5.76
N THR A 130 27.69 -36.39 4.65
CA THR A 130 27.52 -36.98 3.34
C THR A 130 28.83 -37.03 2.57
N ALA A 131 28.94 -38.01 1.68
CA ALA A 131 30.08 -38.08 0.77
C ALA A 131 29.56 -38.12 -0.66
N SER A 132 29.91 -37.09 -1.42
CA SER A 132 29.70 -37.15 -2.86
C SER A 132 31.05 -37.54 -3.51
N VAL A 133 31.02 -38.59 -4.28
CA VAL A 133 32.13 -38.99 -5.13
C VAL A 133 31.76 -38.65 -6.57
N VAL A 134 32.61 -37.97 -7.29
CA VAL A 134 32.35 -37.51 -8.65
C VAL A 134 33.31 -38.14 -9.64
N CYS A 135 32.75 -38.72 -10.68
CA CYS A 135 33.48 -39.26 -11.80
C CYS A 135 33.21 -38.41 -13.04
N LEU A 136 34.28 -38.04 -13.72
CA LEU A 136 34.11 -37.21 -14.91
C LEU A 136 34.55 -37.97 -16.14
N LEU A 137 33.71 -37.97 -17.17
CA LEU A 137 34.07 -38.54 -18.48
C LEU A 137 34.15 -37.35 -19.43
N ASN A 138 35.33 -37.11 -19.99
CA ASN A 138 35.52 -35.85 -20.73
C ASN A 138 35.66 -36.00 -22.25
N ASN A 139 34.93 -35.15 -22.96
CA ASN A 139 34.87 -35.00 -24.40
C ASN A 139 35.00 -36.28 -25.21
N PHE A 140 33.96 -37.07 -25.15
CA PHE A 140 33.87 -38.33 -25.85
C PHE A 140 32.78 -38.24 -26.92
N TYR A 141 32.79 -39.22 -27.80
CA TYR A 141 31.78 -39.46 -28.81
C TYR A 141 31.82 -40.93 -29.22
N PRO A 142 30.71 -41.60 -29.45
CA PRO A 142 29.34 -41.12 -29.29
C PRO A 142 28.89 -40.88 -27.85
N ARG A 143 27.65 -40.43 -27.67
CA ARG A 143 27.12 -40.09 -26.37
C ARG A 143 26.91 -41.27 -25.44
N GLU A 144 26.72 -42.46 -25.99
CA GLU A 144 26.48 -43.65 -25.20
C GLU A 144 27.73 -44.05 -24.40
N ALA A 145 27.58 -44.15 -23.09
CA ALA A 145 28.62 -44.56 -22.17
C ALA A 145 27.97 -45.24 -20.97
N LYS A 146 28.56 -46.36 -20.55
CA LYS A 146 28.09 -47.01 -19.33
C LYS A 146 29.05 -46.66 -18.20
N VAL A 147 28.53 -46.07 -17.13
CA VAL A 147 29.43 -45.66 -16.03
C VAL A 147 29.02 -46.38 -14.76
N GLN A 148 29.90 -47.26 -14.29
CA GLN A 148 29.51 -48.07 -13.13
C GLN A 148 30.26 -47.61 -11.89
N TRP A 149 29.55 -47.65 -10.76
CA TRP A 149 30.22 -47.32 -9.50
C TRP A 149 30.49 -48.59 -8.72
N LYS A 150 31.71 -48.72 -8.18
CA LYS A 150 31.99 -49.93 -7.41
C LYS A 150 32.63 -49.55 -6.08
N VAL A 151 32.08 -50.04 -4.97
CA VAL A 151 32.62 -49.68 -3.67
C VAL A 151 33.09 -50.95 -2.97
N ASP A 152 34.40 -51.05 -2.72
CA ASP A 152 34.95 -52.34 -2.31
C ASP A 152 34.53 -53.43 -3.28
N ASN A 153 34.49 -53.06 -4.56
CA ASN A 153 34.14 -53.89 -5.67
C ASN A 153 32.69 -54.34 -5.67
N ALA A 154 31.83 -53.72 -4.89
CA ALA A 154 30.41 -54.08 -4.92
C ALA A 154 29.68 -53.06 -5.78
N LEU A 155 29.05 -53.55 -6.84
CA LEU A 155 28.34 -52.64 -7.74
C LEU A 155 27.31 -51.84 -6.98
N GLN A 156 27.26 -50.55 -7.19
CA GLN A 156 26.27 -49.65 -6.62
C GLN A 156 25.08 -49.51 -7.58
N SER A 157 23.89 -49.33 -7.04
CA SER A 157 22.68 -49.10 -7.83
C SER A 157 21.73 -48.17 -7.07
N GLY A 158 21.15 -47.20 -7.77
CA GLY A 158 20.17 -46.35 -7.11
C GLY A 158 20.79 -45.19 -6.37
N ASN A 159 22.11 -45.06 -6.25
CA ASN A 159 22.62 -43.95 -5.47
C ASN A 159 23.56 -43.03 -6.26
N SER A 160 23.50 -43.05 -7.60
CA SER A 160 24.18 -42.05 -8.38
C SER A 160 23.26 -41.38 -9.41
N GLN A 161 23.59 -40.17 -9.82
CA GLN A 161 22.85 -39.49 -10.89
C GLN A 161 23.83 -39.03 -11.96
N GLU A 162 23.44 -39.04 -13.23
CA GLU A 162 24.29 -38.56 -14.31
C GLU A 162 23.86 -37.19 -14.83
N SER A 163 24.81 -36.42 -15.37
CA SER A 163 24.49 -35.15 -16.03
C SER A 163 25.37 -35.05 -17.26
N VAL A 164 24.86 -34.55 -18.36
CA VAL A 164 25.57 -34.52 -19.63
C VAL A 164 25.48 -33.13 -20.22
N THR A 165 26.54 -32.76 -20.94
CA THR A 165 26.50 -31.47 -21.60
C THR A 165 25.90 -31.63 -23.00
N GLU A 166 25.60 -30.51 -23.66
CA GLU A 166 25.18 -30.50 -25.04
C GLU A 166 26.40 -30.77 -25.93
N GLN A 167 26.22 -31.25 -27.16
CA GLN A 167 27.35 -31.52 -28.04
C GLN A 167 28.27 -30.30 -28.16
N ASP A 168 29.56 -30.44 -27.94
CA ASP A 168 30.43 -29.26 -27.90
C ASP A 168 30.43 -28.52 -29.24
N SER A 169 30.19 -27.22 -29.11
CA SER A 169 30.08 -26.30 -30.23
C SER A 169 31.26 -26.36 -31.17
N LYS A 170 32.43 -26.71 -30.62
CA LYS A 170 33.69 -26.71 -31.36
C LYS A 170 34.09 -28.11 -31.78
N ASP A 171 33.96 -29.09 -30.89
CA ASP A 171 34.52 -30.41 -31.19
C ASP A 171 33.46 -31.49 -31.22
N SER A 172 32.21 -31.12 -30.99
CA SER A 172 31.11 -32.07 -31.16
C SER A 172 31.21 -33.26 -30.25
N THR A 173 31.90 -33.15 -29.12
CA THR A 173 31.95 -34.25 -28.18
C THR A 173 31.03 -33.96 -27.01
N TYR A 174 30.80 -34.97 -26.20
CA TYR A 174 30.10 -34.80 -24.94
C TYR A 174 31.04 -34.89 -23.75
N SER A 175 30.56 -34.39 -22.62
CA SER A 175 31.18 -34.65 -21.33
C SER A 175 30.06 -34.99 -20.34
N LEU A 176 30.41 -35.74 -19.32
CA LEU A 176 29.41 -36.32 -18.44
C LEU A 176 29.95 -36.40 -17.02
N SER A 177 29.14 -35.97 -16.07
CA SER A 177 29.41 -36.22 -14.67
C SER A 177 28.47 -37.32 -14.15
N SER A 178 29.03 -38.23 -13.38
CA SER A 178 28.29 -39.20 -12.60
C SER A 178 28.59 -38.92 -11.13
N THR A 179 27.55 -38.79 -10.31
CA THR A 179 27.78 -38.49 -8.90
C THR A 179 27.18 -39.57 -8.01
N LEU A 180 28.00 -40.07 -7.11
CA LEU A 180 27.63 -41.05 -6.11
C LEU A 180 27.39 -40.37 -4.77
N THR A 181 26.21 -40.57 -4.18
CA THR A 181 25.93 -40.05 -2.85
C THR A 181 25.87 -41.19 -1.85
N LEU A 182 26.71 -41.05 -0.83
CA LEU A 182 26.82 -42.01 0.25
C LEU A 182 26.62 -41.31 1.59
N SER A 183 26.26 -42.07 2.62
CA SER A 183 26.38 -41.53 3.98
C SER A 183 27.86 -41.50 4.37
N LYS A 184 28.24 -40.60 5.25
CA LYS A 184 29.61 -40.54 5.78
C LYS A 184 29.97 -41.89 6.36
N ALA A 185 29.02 -42.54 7.04
CA ALA A 185 29.31 -43.84 7.63
C ALA A 185 29.62 -44.89 6.58
N ASP A 186 28.83 -44.88 5.51
CA ASP A 186 29.07 -45.86 4.45
C ASP A 186 30.43 -45.57 3.79
N TYR A 187 30.65 -44.29 3.48
CA TYR A 187 31.93 -43.88 2.91
C TYR A 187 33.11 -44.37 3.77
N GLU A 188 33.07 -44.08 5.06
CA GLU A 188 34.17 -44.41 5.96
C GLU A 188 34.30 -45.90 6.21
N LYS A 189 33.25 -46.63 5.88
CA LYS A 189 33.14 -48.06 6.09
C LYS A 189 33.82 -48.85 4.99
N HIS A 190 34.25 -48.16 3.94
CA HIS A 190 34.84 -48.86 2.80
C HIS A 190 36.14 -48.19 2.40
N LYS A 191 36.94 -48.85 1.57
CA LYS A 191 38.26 -48.35 1.20
C LYS A 191 38.38 -47.97 -0.27
N VAL A 192 37.94 -48.84 -1.17
CA VAL A 192 38.18 -48.64 -2.59
C VAL A 192 37.01 -48.00 -3.34
N TYR A 193 37.27 -46.85 -3.96
CA TYR A 193 36.20 -46.19 -4.73
C TYR A 193 36.53 -46.14 -6.21
N ALA A 194 35.77 -46.87 -7.02
CA ALA A 194 36.12 -47.04 -8.43
C ALA A 194 35.02 -46.61 -9.37
N CYS A 195 35.40 -45.90 -10.40
CA CYS A 195 34.51 -45.54 -11.49
C CYS A 195 34.82 -46.40 -12.72
N GLU A 196 33.89 -47.24 -13.12
CA GLU A 196 34.01 -48.10 -14.30
C GLU A 196 33.31 -47.53 -15.55
N VAL A 197 34.06 -47.34 -16.64
CA VAL A 197 33.51 -46.72 -17.83
C VAL A 197 33.66 -47.58 -19.09
N THR A 198 32.49 -47.85 -19.65
CA THR A 198 32.37 -48.57 -20.92
C THR A 198 31.89 -47.62 -22.01
N HIS A 199 32.60 -47.66 -23.13
CA HIS A 199 32.36 -46.74 -24.23
C HIS A 199 32.97 -47.34 -25.50
N GLN A 200 32.43 -46.95 -26.63
CA GLN A 200 32.85 -47.36 -27.97
C GLN A 200 34.33 -47.12 -28.21
N GLY A 201 34.88 -46.04 -27.68
CA GLY A 201 36.27 -45.68 -27.94
C GLY A 201 37.29 -46.48 -27.15
N LEU A 202 36.80 -47.27 -26.21
CA LEU A 202 37.61 -48.10 -25.32
C LEU A 202 37.40 -49.58 -25.62
N SER A 203 38.50 -50.22 -25.98
CA SER A 203 38.59 -51.64 -26.28
C SER A 203 38.19 -52.50 -25.08
N SER A 204 38.38 -51.94 -23.90
CA SER A 204 38.19 -52.55 -22.60
C SER A 204 37.71 -51.52 -21.59
N PRO A 205 36.93 -51.91 -20.59
CA PRO A 205 36.46 -50.92 -19.60
C PRO A 205 37.63 -50.20 -18.95
N VAL A 206 37.49 -48.90 -18.79
CA VAL A 206 38.47 -48.11 -18.05
C VAL A 206 38.03 -47.88 -16.60
N THR A 207 38.95 -48.20 -15.68
CA THR A 207 38.66 -48.02 -14.26
C THR A 207 39.52 -46.92 -13.65
N LYS A 208 38.88 -45.92 -13.05
CA LYS A 208 39.59 -44.93 -12.24
C LYS A 208 39.18 -45.10 -10.79
N SER A 209 40.18 -45.07 -9.89
CA SER A 209 39.86 -45.39 -8.51
C SER A 209 40.67 -44.54 -7.54
N PHE A 210 40.27 -44.58 -6.27
CA PHE A 210 41.06 -44.06 -5.17
C PHE A 210 40.77 -44.92 -3.93
N ASN A 211 41.69 -44.89 -2.97
CA ASN A 211 41.41 -45.51 -1.67
C ASN A 211 41.20 -44.39 -0.65
N ARG A 212 40.07 -44.41 0.04
CA ARG A 212 39.79 -43.49 1.13
C ARG A 212 40.91 -43.59 2.18
N GLY A 213 41.55 -42.46 2.44
CA GLY A 213 42.68 -42.35 3.34
C GLY A 213 44.01 -42.51 2.60
N VAL B 2 3.06 -12.33 -36.19
CA VAL B 2 2.27 -13.05 -35.19
C VAL B 2 3.10 -13.22 -33.92
N GLN B 3 2.38 -13.24 -32.80
CA GLN B 3 3.09 -13.38 -31.55
C GLN B 3 2.16 -13.81 -30.41
N LEU B 4 2.80 -14.50 -29.48
CA LEU B 4 2.21 -15.04 -28.28
C LEU B 4 3.21 -14.83 -27.14
N VAL B 5 2.76 -14.17 -26.09
CA VAL B 5 3.59 -13.90 -24.94
C VAL B 5 2.99 -14.46 -23.66
N GLU B 6 3.53 -15.53 -23.09
CA GLU B 6 2.97 -16.04 -21.84
C GLU B 6 3.59 -15.33 -20.63
N SER B 7 2.79 -15.32 -19.56
CA SER B 7 3.20 -14.71 -18.29
C SER B 7 2.58 -15.46 -17.12
N GLY B 8 3.09 -15.25 -15.92
CA GLY B 8 2.54 -15.74 -14.69
C GLY B 8 3.10 -17.04 -14.13
N GLY B 9 4.09 -17.62 -14.79
CA GLY B 9 4.69 -18.88 -14.34
C GLY B 9 5.49 -18.65 -13.08
N GLY B 10 6.03 -19.68 -12.44
CA GLY B 10 6.79 -19.43 -11.22
C GLY B 10 6.67 -20.55 -10.21
N LEU B 11 7.05 -20.27 -8.98
CA LEU B 11 7.13 -21.21 -7.88
C LEU B 11 5.84 -21.26 -7.08
N VAL B 12 5.25 -22.43 -6.98
CA VAL B 12 4.01 -22.72 -6.28
C VAL B 12 4.17 -23.99 -5.45
N GLN B 13 3.60 -24.01 -4.24
CA GLN B 13 3.75 -25.23 -3.46
C GLN B 13 2.74 -26.26 -3.95
N PRO B 14 3.02 -27.54 -3.73
CA PRO B 14 2.03 -28.58 -4.02
C PRO B 14 0.69 -28.28 -3.34
N GLY B 15 -0.39 -28.41 -4.09
CA GLY B 15 -1.74 -28.08 -3.69
C GLY B 15 -2.05 -26.61 -3.94
N GLY B 16 -1.05 -25.84 -4.34
CA GLY B 16 -1.25 -24.44 -4.61
C GLY B 16 -1.97 -24.20 -5.93
N SER B 17 -2.19 -22.92 -6.25
CA SER B 17 -2.87 -22.60 -7.50
C SER B 17 -2.12 -21.51 -8.26
N LEU B 18 -2.32 -21.45 -9.57
CA LEU B 18 -1.64 -20.48 -10.40
C LEU B 18 -2.46 -20.21 -11.66
N ARG B 19 -2.51 -18.94 -12.05
CA ARG B 19 -3.11 -18.57 -13.32
C ARG B 19 -2.03 -18.17 -14.32
N LEU B 20 -1.93 -18.87 -15.43
CA LEU B 20 -1.11 -18.43 -16.55
C LEU B 20 -1.98 -17.62 -17.52
N SER B 21 -1.38 -16.59 -18.11
CA SER B 21 -2.02 -15.81 -19.15
C SER B 21 -1.13 -15.83 -20.39
N CYS B 22 -1.70 -15.56 -21.54
CA CYS B 22 -1.07 -15.52 -22.83
C CYS B 22 -1.68 -14.44 -23.72
N ALA B 23 -0.98 -13.33 -23.89
CA ALA B 23 -1.33 -12.24 -24.78
C ALA B 23 -0.95 -12.52 -26.23
N ALA B 24 -1.92 -12.43 -27.12
CA ALA B 24 -1.79 -12.69 -28.53
C ALA B 24 -1.88 -11.43 -29.38
N SER B 25 -1.04 -11.41 -30.40
CA SER B 25 -1.04 -10.28 -31.34
C SER B 25 -0.77 -10.80 -32.74
N GLY B 26 -0.91 -9.99 -33.77
CA GLY B 26 -0.56 -10.35 -35.13
C GLY B 26 -1.50 -11.25 -35.87
N PHE B 27 -2.64 -11.57 -35.29
CA PHE B 27 -3.66 -12.40 -35.94
C PHE B 27 -5.01 -12.13 -35.28
N THR B 28 -6.08 -12.52 -35.96
CA THR B 28 -7.40 -12.29 -35.36
C THR B 28 -7.69 -13.35 -34.30
N PHE B 29 -7.46 -12.95 -33.07
CA PHE B 29 -7.58 -13.80 -31.91
C PHE B 29 -8.96 -14.46 -31.80
N ARG B 30 -10.00 -13.72 -32.13
CA ARG B 30 -11.37 -14.20 -31.97
C ARG B 30 -11.64 -15.37 -32.91
N ASN B 31 -10.81 -15.49 -33.93
CA ASN B 31 -11.05 -16.47 -34.99
C ASN B 31 -10.24 -17.74 -34.80
N SER B 32 -9.58 -17.88 -33.67
CA SER B 32 -8.62 -18.98 -33.54
C SER B 32 -8.89 -19.83 -32.31
N ALA B 33 -8.79 -21.14 -32.48
CA ALA B 33 -8.71 -22.04 -31.33
C ALA B 33 -7.34 -21.85 -30.66
N MET B 34 -7.29 -21.93 -29.34
CA MET B 34 -6.06 -21.70 -28.58
C MET B 34 -5.79 -22.88 -27.66
N HIS B 35 -4.54 -23.33 -27.57
CA HIS B 35 -4.25 -24.51 -26.76
C HIS B 35 -3.07 -24.21 -25.83
N TRP B 36 -2.99 -25.04 -24.80
CA TRP B 36 -1.84 -25.05 -23.90
C TRP B 36 -1.11 -26.40 -24.07
N VAL B 37 0.20 -26.30 -24.14
CA VAL B 37 1.11 -27.43 -24.33
C VAL B 37 2.27 -27.24 -23.33
N ARG B 38 2.73 -28.25 -22.62
CA ARG B 38 3.79 -28.06 -21.64
C ARG B 38 4.96 -29.02 -21.89
N GLN B 39 6.09 -28.72 -21.27
CA GLN B 39 7.30 -29.52 -21.39
C GLN B 39 8.00 -29.67 -20.03
N ALA B 40 7.87 -30.84 -19.45
CA ALA B 40 8.55 -31.10 -18.18
C ALA B 40 10.05 -31.18 -18.39
N PRO B 41 10.83 -30.90 -17.36
CA PRO B 41 12.29 -30.86 -17.50
C PRO B 41 12.85 -32.12 -18.16
N GLY B 42 13.59 -31.93 -19.25
CA GLY B 42 14.22 -33.06 -19.93
C GLY B 42 13.22 -33.90 -20.68
N LYS B 43 11.96 -33.49 -20.72
CA LYS B 43 10.91 -34.28 -21.36
C LYS B 43 10.43 -33.67 -22.68
N GLY B 44 9.52 -34.41 -23.31
CA GLY B 44 8.95 -34.04 -24.58
C GLY B 44 7.79 -33.06 -24.39
N LEU B 45 7.03 -32.89 -25.46
CA LEU B 45 5.84 -32.06 -25.47
C LEU B 45 4.63 -32.89 -25.04
N GLU B 46 3.76 -32.27 -24.26
CA GLU B 46 2.48 -32.84 -23.88
C GLU B 46 1.37 -31.80 -24.04
N TRP B 47 0.33 -32.10 -24.79
CA TRP B 47 -0.86 -31.25 -24.85
C TRP B 47 -1.50 -31.12 -23.49
N VAL B 48 -1.98 -29.93 -23.13
CA VAL B 48 -2.59 -29.75 -21.83
C VAL B 48 -4.10 -29.48 -21.92
N SER B 49 -4.48 -28.54 -22.77
CA SER B 49 -5.89 -28.16 -22.87
C SER B 49 -6.14 -27.36 -24.14
N SER B 50 -7.39 -27.33 -24.56
CA SER B 50 -7.88 -26.69 -25.76
C SER B 50 -9.13 -25.88 -25.49
N ILE B 51 -9.27 -24.78 -26.19
CA ILE B 51 -10.52 -24.01 -26.16
C ILE B 51 -10.87 -23.53 -27.56
N TRP B 52 -12.14 -23.77 -27.93
CA TRP B 52 -12.60 -23.43 -29.27
C TRP B 52 -12.69 -21.92 -29.46
N TYR B 53 -12.91 -21.47 -30.69
CA TYR B 53 -13.22 -20.05 -30.81
C TYR B 53 -14.71 -19.88 -31.10
N SER B 54 -15.28 -20.76 -31.91
CA SER B 54 -16.57 -20.60 -32.55
C SER B 54 -17.76 -20.83 -31.62
N GLY B 55 -17.50 -20.96 -30.33
CA GLY B 55 -18.54 -21.51 -29.45
C GLY B 55 -17.82 -22.56 -28.60
N SER B 56 -16.97 -21.99 -27.75
CA SER B 56 -15.96 -22.67 -26.98
C SER B 56 -16.46 -23.99 -26.36
N ASN B 57 -15.52 -24.86 -26.31
CA ASN B 57 -15.57 -26.29 -26.13
C ASN B 57 -14.27 -26.68 -25.48
N THR B 58 -14.20 -26.65 -24.15
CA THR B 58 -12.92 -26.94 -23.52
C THR B 58 -12.57 -28.42 -23.54
N TYR B 59 -11.30 -28.72 -23.81
CA TYR B 59 -10.81 -30.09 -23.66
C TYR B 59 -9.50 -30.06 -22.87
N TYR B 60 -9.22 -31.16 -22.19
CA TYR B 60 -8.12 -31.29 -21.24
C TYR B 60 -7.46 -32.65 -21.24
N ALA B 61 -6.15 -32.69 -21.01
CA ALA B 61 -5.46 -33.95 -20.80
C ALA B 61 -6.02 -34.64 -19.56
N ASP B 62 -6.09 -35.97 -19.63
CA ASP B 62 -6.61 -36.77 -18.54
C ASP B 62 -5.94 -36.41 -17.23
N SER B 63 -4.62 -36.17 -17.26
CA SER B 63 -3.93 -35.90 -16.01
C SER B 63 -4.32 -34.56 -15.41
N VAL B 64 -5.05 -33.73 -16.16
CA VAL B 64 -5.35 -32.42 -15.56
C VAL B 64 -6.84 -32.19 -15.42
N LYS B 65 -7.63 -33.12 -15.95
CA LYS B 65 -9.08 -33.00 -15.88
C LYS B 65 -9.55 -32.80 -14.44
N GLY B 66 -10.39 -31.79 -14.21
CA GLY B 66 -10.86 -31.54 -12.86
C GLY B 66 -10.02 -30.54 -12.09
N ARG B 67 -8.78 -30.30 -12.50
CA ARG B 67 -7.88 -29.43 -11.75
C ARG B 67 -7.52 -28.15 -12.48
N PHE B 68 -7.41 -28.22 -13.81
CA PHE B 68 -7.09 -27.06 -14.62
C PHE B 68 -8.34 -26.50 -15.29
N THR B 69 -8.40 -25.19 -15.51
CA THR B 69 -9.46 -24.63 -16.35
C THR B 69 -8.89 -23.70 -17.42
N ILE B 70 -9.28 -23.97 -18.67
CA ILE B 70 -8.82 -23.11 -19.77
C ILE B 70 -9.92 -22.11 -20.13
N SER B 71 -9.54 -20.85 -20.35
CA SER B 71 -10.50 -19.82 -20.70
C SER B 71 -9.85 -18.78 -21.60
N ARG B 72 -10.67 -17.88 -22.13
CA ARG B 72 -10.15 -16.84 -22.99
C ARG B 72 -10.93 -15.53 -22.80
N ASP B 73 -10.24 -14.40 -22.95
CA ASP B 73 -10.95 -13.13 -22.96
C ASP B 73 -10.78 -12.47 -24.33
N ASN B 74 -11.73 -12.58 -25.26
CA ASN B 74 -11.32 -12.04 -26.57
C ASN B 74 -11.21 -10.52 -26.58
N SER B 75 -11.91 -9.80 -25.71
CA SER B 75 -11.67 -8.35 -25.65
C SER B 75 -10.25 -8.01 -25.20
N LYS B 76 -9.55 -8.97 -24.58
CA LYS B 76 -8.23 -8.64 -24.07
C LYS B 76 -7.15 -9.43 -24.82
N ASN B 77 -7.56 -10.07 -25.90
CA ASN B 77 -6.70 -10.90 -26.75
C ASN B 77 -5.83 -11.82 -25.89
N THR B 78 -6.48 -12.41 -24.88
CA THR B 78 -5.73 -13.20 -23.91
C THR B 78 -6.36 -14.55 -23.61
N LEU B 79 -5.50 -15.55 -23.54
CA LEU B 79 -5.82 -16.91 -23.14
C LEU B 79 -5.31 -17.14 -21.71
N TYR B 80 -6.10 -17.86 -20.94
CA TYR B 80 -5.81 -18.18 -19.57
C TYR B 80 -5.70 -19.69 -19.35
N LEU B 81 -4.91 -20.03 -18.34
CA LEU B 81 -4.93 -21.37 -17.78
C LEU B 81 -4.97 -21.26 -16.26
N GLN B 82 -6.11 -21.64 -15.67
CA GLN B 82 -6.17 -21.63 -14.21
C GLN B 82 -5.78 -23.03 -13.73
N MET B 83 -4.73 -23.11 -12.91
CA MET B 83 -4.26 -24.39 -12.42
C MET B 83 -4.36 -24.49 -10.91
N ASN B 84 -5.22 -25.41 -10.46
CA ASN B 84 -5.52 -25.66 -9.07
C ASN B 84 -4.98 -27.01 -8.61
N SER B 85 -4.79 -27.12 -7.29
CA SER B 85 -4.42 -28.43 -6.77
C SER B 85 -3.15 -28.93 -7.44
N LEU B 86 -2.22 -28.01 -7.65
CA LEU B 86 -1.03 -28.27 -8.45
C LEU B 86 -0.17 -29.36 -7.80
N ARG B 87 0.42 -30.19 -8.64
CA ARG B 87 1.24 -31.32 -8.31
C ARG B 87 2.67 -31.19 -8.84
N ALA B 88 3.58 -31.87 -8.16
CA ALA B 88 4.99 -31.80 -8.54
C ALA B 88 5.18 -32.08 -10.02
N GLU B 89 4.40 -33.03 -10.52
CA GLU B 89 4.54 -33.46 -11.91
C GLU B 89 3.92 -32.46 -12.86
N ASP B 90 3.35 -31.34 -12.37
CA ASP B 90 2.87 -30.31 -13.29
C ASP B 90 4.00 -29.30 -13.55
N THR B 91 5.13 -29.48 -12.89
CA THR B 91 6.36 -28.74 -13.17
C THR B 91 6.68 -28.84 -14.65
N ALA B 92 6.78 -27.67 -15.30
CA ALA B 92 6.95 -27.70 -16.74
C ALA B 92 7.07 -26.29 -17.31
N VAL B 93 7.60 -26.25 -18.53
CA VAL B 93 7.52 -25.01 -19.30
C VAL B 93 6.15 -25.04 -20.00
N TYR B 94 5.35 -23.99 -19.81
CA TYR B 94 4.03 -23.94 -20.41
C TYR B 94 4.04 -23.02 -21.62
N TYR B 95 3.64 -23.56 -22.76
CA TYR B 95 3.52 -22.86 -24.01
C TYR B 95 2.06 -22.58 -24.34
N CYS B 96 1.70 -21.36 -24.70
CA CYS B 96 0.41 -21.19 -25.37
C CYS B 96 0.72 -21.29 -26.87
N ALA B 97 -0.26 -21.80 -27.61
CA ALA B 97 -0.07 -21.98 -29.05
C ALA B 97 -1.38 -21.78 -29.81
N ARG B 98 -1.35 -21.17 -30.98
CA ARG B 98 -2.59 -21.05 -31.76
C ARG B 98 -2.76 -22.36 -32.52
N PHE B 99 -3.96 -22.93 -32.44
CA PHE B 99 -4.25 -24.17 -33.15
C PHE B 99 -4.98 -23.91 -34.46
N ALA B 100 -4.36 -24.26 -35.58
CA ALA B 100 -5.04 -23.96 -36.84
C ALA B 100 -5.62 -25.21 -37.50
N GLY B 101 -5.43 -26.37 -36.88
CA GLY B 101 -5.97 -27.60 -37.46
C GLY B 101 -5.49 -27.81 -38.88
N GLY B 102 -6.38 -28.15 -39.82
CA GLY B 102 -5.97 -28.51 -41.17
C GLY B 102 -5.27 -27.38 -41.89
N TRP B 103 -5.35 -26.15 -41.39
CA TRP B 103 -4.64 -25.03 -41.98
C TRP B 103 -3.30 -24.79 -41.27
N GLY B 104 -2.86 -25.72 -40.44
CA GLY B 104 -1.61 -25.40 -39.78
C GLY B 104 -1.26 -25.99 -38.45
N ALA B 105 -2.07 -26.80 -37.82
CA ALA B 105 -1.75 -27.32 -36.51
C ALA B 105 -1.31 -26.22 -35.55
N TYR B 106 -0.18 -26.45 -34.86
CA TYR B 106 0.33 -25.42 -33.96
C TYR B 106 1.29 -24.57 -34.78
N ASP B 107 0.72 -23.57 -35.45
CA ASP B 107 1.57 -22.76 -36.32
C ASP B 107 2.11 -21.55 -35.57
N VAL B 108 1.62 -21.26 -34.37
CA VAL B 108 2.10 -20.14 -33.59
C VAL B 108 2.36 -20.56 -32.14
N TRP B 109 3.53 -20.22 -31.62
CA TRP B 109 3.97 -20.59 -30.29
C TRP B 109 4.45 -19.37 -29.51
N GLY B 110 4.12 -19.34 -28.22
CA GLY B 110 4.67 -18.34 -27.32
C GLY B 110 6.07 -18.75 -26.92
N GLN B 111 6.73 -18.02 -26.04
CA GLN B 111 8.10 -18.31 -25.62
C GLN B 111 8.15 -19.36 -24.51
N GLY B 112 7.01 -19.62 -23.87
CA GLY B 112 6.92 -20.55 -22.76
C GLY B 112 7.06 -19.82 -21.43
N THR B 113 6.36 -20.30 -20.41
CA THR B 113 6.54 -19.77 -19.05
C THR B 113 6.66 -20.95 -18.09
N LEU B 114 7.69 -20.91 -17.25
CA LEU B 114 7.98 -22.09 -16.43
C LEU B 114 7.19 -22.08 -15.13
N VAL B 115 6.51 -23.18 -14.89
CA VAL B 115 5.80 -23.39 -13.62
C VAL B 115 6.53 -24.46 -12.82
N THR B 116 6.99 -24.12 -11.62
CA THR B 116 7.70 -25.10 -10.79
C THR B 116 6.89 -25.38 -9.53
N VAL B 117 6.57 -26.66 -9.33
CA VAL B 117 5.74 -27.06 -8.18
C VAL B 117 6.57 -27.84 -7.18
N SER B 118 6.82 -27.23 -6.04
CA SER B 118 7.72 -27.84 -5.05
C SER B 118 7.49 -27.26 -3.65
N SER B 119 7.66 -28.14 -2.66
CA SER B 119 7.55 -27.79 -1.25
C SER B 119 8.88 -27.25 -0.73
N ALA B 120 9.90 -27.35 -1.57
CA ALA B 120 11.24 -26.91 -1.22
C ALA B 120 11.32 -25.40 -1.00
N SER B 121 12.03 -25.03 0.06
CA SER B 121 12.23 -23.60 0.31
C SER B 121 13.63 -23.16 -0.12
N THR B 122 13.74 -21.90 -0.47
CA THR B 122 14.95 -21.23 -0.89
C THR B 122 16.14 -21.67 -0.03
N LYS B 123 17.25 -21.99 -0.70
CA LYS B 123 18.46 -22.36 0.01
C LYS B 123 19.68 -22.12 -0.89
N GLY B 124 20.67 -21.39 -0.37
CA GLY B 124 21.93 -21.19 -1.07
C GLY B 124 22.76 -22.45 -1.05
N PRO B 125 23.58 -22.71 -2.08
CA PRO B 125 24.33 -23.95 -2.14
C PRO B 125 25.51 -24.02 -1.16
N SER B 126 25.97 -25.25 -0.96
CA SER B 126 27.27 -25.55 -0.42
C SER B 126 28.23 -25.77 -1.57
N VAL B 127 29.47 -25.30 -1.47
CA VAL B 127 30.39 -25.53 -2.60
C VAL B 127 31.64 -26.24 -2.12
N PHE B 128 31.92 -27.42 -2.66
CA PHE B 128 33.05 -28.23 -2.22
C PHE B 128 34.02 -28.40 -3.39
N PRO B 129 35.32 -28.39 -3.12
CA PRO B 129 36.30 -28.55 -4.20
C PRO B 129 36.27 -29.95 -4.79
N LEU B 130 36.56 -30.04 -6.08
CA LEU B 130 36.84 -31.30 -6.76
C LEU B 130 38.35 -31.36 -6.97
N ALA B 131 39.05 -32.05 -6.07
CA ALA B 131 40.50 -31.86 -5.95
C ALA B 131 41.33 -32.75 -6.86
N PRO B 132 42.19 -32.07 -7.62
CA PRO B 132 43.15 -32.77 -8.49
C PRO B 132 44.13 -33.59 -7.67
N SER B 133 44.68 -34.66 -8.24
CA SER B 133 45.67 -35.46 -7.53
C SER B 133 46.58 -36.22 -8.47
N SER B 134 47.71 -36.71 -7.93
CA SER B 134 48.53 -37.53 -8.83
C SER B 134 47.98 -38.95 -8.88
N GLY B 139 47.78 -37.87 -19.11
CA GLY B 139 49.24 -37.97 -19.17
C GLY B 139 49.91 -36.84 -18.42
N GLY B 140 49.87 -35.65 -18.99
CA GLY B 140 50.38 -34.43 -18.40
C GLY B 140 49.24 -33.49 -18.03
N THR B 141 48.03 -34.02 -17.92
CA THR B 141 46.83 -33.20 -17.75
C THR B 141 46.06 -33.57 -16.50
N ALA B 142 45.51 -32.56 -15.83
CA ALA B 142 44.76 -32.82 -14.60
C ALA B 142 43.35 -32.24 -14.71
N ALA B 143 42.41 -32.79 -13.94
CA ALA B 143 41.10 -32.16 -13.86
C ALA B 143 40.82 -31.70 -12.42
N LEU B 144 40.11 -30.58 -12.32
CA LEU B 144 39.64 -30.08 -11.03
C LEU B 144 38.28 -29.42 -11.19
N GLY B 145 37.68 -29.04 -10.05
CA GLY B 145 36.40 -28.36 -10.22
C GLY B 145 35.75 -28.06 -8.87
N CYS B 146 34.44 -27.80 -8.95
CA CYS B 146 33.67 -27.45 -7.78
C CYS B 146 32.30 -28.15 -7.84
N LEU B 147 31.97 -28.82 -6.76
CA LEU B 147 30.65 -29.37 -6.50
C LEU B 147 29.80 -28.32 -5.78
N VAL B 148 28.74 -27.92 -6.47
CA VAL B 148 27.80 -26.90 -5.99
C VAL B 148 26.50 -27.62 -5.69
N LYS B 149 26.31 -27.90 -4.42
CA LYS B 149 25.33 -28.87 -3.95
C LYS B 149 24.25 -28.28 -3.04
N ASP B 150 23.05 -28.81 -3.18
CA ASP B 150 21.93 -28.58 -2.31
C ASP B 150 21.36 -27.16 -2.35
N TYR B 151 20.95 -26.66 -3.50
CA TYR B 151 20.38 -25.31 -3.55
C TYR B 151 18.98 -25.31 -4.15
N PHE B 152 18.26 -24.25 -3.83
CA PHE B 152 16.93 -24.11 -4.42
C PHE B 152 16.49 -22.65 -4.38
N PRO B 153 15.80 -22.20 -5.42
CA PRO B 153 15.57 -22.96 -6.65
C PRO B 153 16.72 -22.74 -7.64
N GLU B 154 16.51 -23.14 -8.89
CA GLU B 154 17.54 -22.81 -9.89
C GLU B 154 17.49 -21.30 -10.12
N PRO B 155 18.50 -20.69 -10.71
CA PRO B 155 19.76 -21.32 -11.11
C PRO B 155 20.94 -20.83 -10.27
N VAL B 156 22.07 -21.46 -10.52
CA VAL B 156 23.36 -21.06 -10.00
C VAL B 156 24.26 -20.65 -11.16
N THR B 157 25.21 -19.74 -10.98
CA THR B 157 26.17 -19.50 -12.07
C THR B 157 27.57 -19.76 -11.50
N VAL B 158 28.44 -20.32 -12.32
CA VAL B 158 29.81 -20.55 -11.91
C VAL B 158 30.79 -20.01 -12.94
N SER B 159 31.81 -19.31 -12.48
CA SER B 159 32.92 -18.97 -13.35
C SER B 159 34.20 -19.54 -12.74
N TRP B 160 35.31 -19.43 -13.47
CA TRP B 160 36.59 -19.86 -12.95
C TRP B 160 37.58 -18.69 -13.03
N ASN B 161 38.24 -18.43 -11.90
CA ASN B 161 39.21 -17.34 -11.84
C ASN B 161 38.60 -16.04 -12.35
N SER B 162 37.33 -15.84 -12.01
CA SER B 162 36.60 -14.62 -12.33
C SER B 162 36.51 -14.36 -13.82
N GLY B 163 36.29 -15.44 -14.58
CA GLY B 163 36.14 -15.33 -16.02
C GLY B 163 37.38 -15.78 -16.79
N ALA B 164 38.56 -15.54 -16.25
CA ALA B 164 39.86 -15.66 -16.88
C ALA B 164 40.29 -17.09 -17.20
N LEU B 165 39.62 -18.09 -16.63
CA LEU B 165 39.98 -19.47 -17.00
C LEU B 165 38.81 -20.10 -17.75
N THR B 166 38.86 -20.28 -19.06
CA THR B 166 37.67 -20.75 -19.76
C THR B 166 37.90 -21.98 -20.62
N SER B 167 39.15 -22.22 -20.99
CA SER B 167 39.44 -23.40 -21.82
C SER B 167 39.29 -24.64 -20.94
N GLY B 168 38.64 -25.68 -21.48
CA GLY B 168 38.48 -26.92 -20.75
C GLY B 168 37.42 -26.88 -19.67
N VAL B 169 36.62 -25.80 -19.59
CA VAL B 169 35.62 -25.76 -18.52
C VAL B 169 34.31 -26.43 -18.92
N HIS B 170 33.81 -27.35 -18.11
CA HIS B 170 32.48 -27.91 -18.28
C HIS B 170 31.67 -27.72 -16.99
N THR B 171 30.64 -26.89 -17.12
CA THR B 171 29.66 -26.70 -16.07
C THR B 171 28.42 -27.49 -16.49
N PHE B 172 28.19 -28.62 -15.84
CA PHE B 172 27.09 -29.49 -16.22
C PHE B 172 25.74 -28.94 -15.81
N PRO B 173 24.71 -29.34 -16.52
CA PRO B 173 23.36 -28.93 -16.11
C PRO B 173 23.03 -29.48 -14.73
N ALA B 174 22.24 -28.70 -13.99
CA ALA B 174 21.78 -29.13 -12.68
C ALA B 174 20.94 -30.40 -12.78
N VAL B 175 21.03 -31.17 -11.71
CA VAL B 175 20.14 -32.31 -11.51
C VAL B 175 19.35 -32.13 -10.23
N LEU B 176 18.12 -32.60 -10.24
CA LEU B 176 17.26 -32.54 -9.05
C LEU B 176 17.55 -33.78 -8.21
N GLN B 177 18.07 -33.55 -6.99
CA GLN B 177 18.37 -34.70 -6.14
C GLN B 177 17.11 -35.26 -5.47
N SER B 178 17.22 -36.42 -4.84
CA SER B 178 16.12 -37.06 -4.13
C SER B 178 15.66 -36.29 -2.89
N SER B 179 16.38 -35.24 -2.56
CA SER B 179 16.09 -34.28 -1.53
C SER B 179 15.22 -33.15 -2.04
N GLY B 180 14.97 -33.10 -3.35
CA GLY B 180 14.25 -31.97 -3.91
C GLY B 180 15.14 -30.75 -4.03
N LEU B 181 16.41 -30.89 -3.65
CA LEU B 181 17.40 -29.83 -3.83
C LEU B 181 18.24 -30.11 -5.08
N TYR B 182 18.67 -29.03 -5.74
CA TYR B 182 19.43 -29.16 -6.97
C TYR B 182 20.93 -29.31 -6.66
N SER B 183 21.63 -29.91 -7.63
CA SER B 183 23.07 -30.06 -7.51
C SER B 183 23.75 -29.99 -8.87
N LEU B 184 24.94 -29.40 -8.88
CA LEU B 184 25.68 -29.29 -10.15
C LEU B 184 27.17 -29.34 -9.88
N SER B 185 27.92 -29.78 -10.87
CA SER B 185 29.38 -29.76 -10.78
C SER B 185 29.92 -28.92 -11.95
N SER B 186 31.00 -28.20 -11.67
CA SER B 186 31.79 -27.51 -12.69
C SER B 186 33.22 -28.02 -12.61
N VAL B 187 33.76 -28.42 -13.74
CA VAL B 187 35.08 -29.03 -13.87
C VAL B 187 35.92 -28.32 -14.94
N VAL B 188 37.23 -28.37 -14.79
CA VAL B 188 38.21 -27.81 -15.70
C VAL B 188 39.37 -28.79 -15.83
N THR B 189 39.81 -29.02 -17.07
CA THR B 189 41.03 -29.81 -17.23
C THR B 189 42.20 -28.83 -17.35
N VAL B 190 43.34 -29.18 -16.77
CA VAL B 190 44.49 -28.28 -16.75
C VAL B 190 45.77 -29.05 -17.05
N PRO B 191 46.87 -28.37 -17.33
CA PRO B 191 48.18 -29.02 -17.32
C PRO B 191 48.51 -29.46 -15.90
N SER B 192 48.98 -30.70 -15.73
CA SER B 192 49.28 -31.14 -14.36
C SER B 192 50.36 -30.26 -13.71
N SER B 193 51.21 -29.68 -14.57
CA SER B 193 52.39 -28.99 -14.06
C SER B 193 52.02 -27.70 -13.33
N SER B 194 50.88 -27.11 -13.66
CA SER B 194 50.47 -25.83 -13.09
C SER B 194 49.95 -25.96 -11.66
N LEU B 195 49.72 -27.20 -11.24
CA LEU B 195 49.25 -27.45 -9.89
C LEU B 195 50.25 -27.00 -8.85
N GLY B 196 49.76 -26.30 -7.84
CA GLY B 196 50.64 -25.77 -6.79
C GLY B 196 51.21 -24.42 -7.21
N THR B 197 51.32 -24.22 -8.51
CA THR B 197 51.79 -23.00 -9.15
C THR B 197 50.64 -22.06 -9.49
N GLN B 198 49.64 -22.59 -10.19
CA GLN B 198 48.47 -21.80 -10.51
C GLN B 198 47.39 -21.89 -9.44
N THR B 199 46.75 -20.74 -9.21
CA THR B 199 45.63 -20.70 -8.26
C THR B 199 44.31 -20.79 -9.01
N TYR B 200 43.45 -21.71 -8.57
CA TYR B 200 42.17 -21.91 -9.24
C TYR B 200 41.01 -21.65 -8.28
N ILE B 201 40.11 -20.80 -8.72
CA ILE B 201 38.97 -20.40 -7.90
C ILE B 201 37.68 -20.44 -8.70
N CYS B 202 36.69 -21.14 -8.13
CA CYS B 202 35.37 -21.10 -8.74
C CYS B 202 34.56 -20.08 -7.94
N ASN B 203 33.85 -19.28 -8.71
CA ASN B 203 32.98 -18.20 -8.29
C ASN B 203 31.53 -18.65 -8.54
N VAL B 204 30.81 -18.77 -7.44
CA VAL B 204 29.49 -19.40 -7.46
C VAL B 204 28.45 -18.40 -6.97
N ASN B 205 27.46 -18.16 -7.80
CA ASN B 205 26.39 -17.22 -7.48
C ASN B 205 25.01 -17.87 -7.55
N HIS B 206 24.28 -17.75 -6.46
CA HIS B 206 22.89 -18.17 -6.31
C HIS B 206 22.05 -16.95 -5.92
N LYS B 207 21.48 -16.35 -6.96
CA LYS B 207 20.75 -15.10 -6.77
C LYS B 207 19.54 -15.30 -5.87
N PRO B 208 18.64 -16.25 -6.10
CA PRO B 208 17.44 -16.42 -5.27
C PRO B 208 17.67 -16.46 -3.77
N SER B 209 18.90 -16.72 -3.32
CA SER B 209 19.17 -16.71 -1.89
C SER B 209 20.23 -15.66 -1.61
N ASN B 210 20.60 -14.94 -2.67
CA ASN B 210 21.70 -13.99 -2.56
C ASN B 210 22.92 -14.70 -1.98
N THR B 211 23.33 -15.77 -2.63
CA THR B 211 24.50 -16.53 -2.18
C THR B 211 25.68 -16.38 -3.13
N LYS B 212 26.82 -15.97 -2.61
CA LYS B 212 28.00 -15.76 -3.45
C LYS B 212 29.25 -16.32 -2.80
N VAL B 213 29.81 -17.35 -3.45
CA VAL B 213 31.01 -17.97 -2.94
C VAL B 213 32.09 -18.02 -4.03
N ASP B 214 33.31 -17.86 -3.56
CA ASP B 214 34.58 -18.00 -4.23
C ASP B 214 35.39 -19.06 -3.48
N LYS B 215 35.64 -20.19 -4.12
CA LYS B 215 36.27 -21.31 -3.42
C LYS B 215 37.52 -21.74 -4.15
N LYS B 216 38.68 -21.61 -3.49
CA LYS B 216 39.88 -22.08 -4.17
C LYS B 216 39.95 -23.61 -4.07
N VAL B 217 40.03 -24.25 -5.22
CA VAL B 217 40.18 -25.70 -5.31
C VAL B 217 41.66 -26.07 -5.20
N GLU B 218 42.08 -26.65 -4.09
CA GLU B 218 43.49 -26.97 -3.93
C GLU B 218 43.80 -28.42 -4.29
N PRO B 219 45.03 -28.64 -4.74
CA PRO B 219 45.46 -29.97 -5.17
C PRO B 219 45.26 -31.00 -4.05
N ASP C 1 -51.77 -20.50 15.46
CA ASP C 1 -50.44 -20.78 14.96
C ASP C 1 -49.84 -21.99 15.65
N ILE C 2 -49.48 -22.97 14.82
CA ILE C 2 -48.67 -24.09 15.30
C ILE C 2 -47.19 -23.72 15.22
N VAL C 3 -46.55 -23.66 16.38
CA VAL C 3 -45.11 -23.45 16.46
C VAL C 3 -44.34 -24.76 16.27
N LEU C 4 -43.37 -24.74 15.36
CA LEU C 4 -42.51 -25.91 15.17
C LEU C 4 -41.11 -25.62 15.67
N THR C 5 -40.60 -26.47 16.58
CA THR C 5 -39.28 -26.15 17.15
C THR C 5 -38.25 -27.22 16.81
N GLN C 6 -37.19 -26.83 16.11
CA GLN C 6 -36.21 -27.83 15.68
C GLN C 6 -35.07 -27.92 16.66
N SER C 7 -34.51 -29.11 16.80
CA SER C 7 -33.42 -29.43 17.69
C SER C 7 -32.49 -30.43 17.03
N PRO C 8 -31.18 -30.33 17.23
CA PRO C 8 -30.53 -29.16 17.80
C PRO C 8 -30.34 -28.07 16.75
N ALA C 9 -29.87 -26.90 17.16
CA ALA C 9 -29.65 -25.80 16.22
C ALA C 9 -28.64 -26.19 15.13
N THR C 10 -27.56 -26.84 15.59
CA THR C 10 -26.48 -27.29 14.74
C THR C 10 -26.08 -28.73 15.08
N LEU C 11 -25.83 -29.53 14.08
CA LEU C 11 -25.22 -30.85 14.24
C LEU C 11 -23.83 -30.86 13.58
N SER C 12 -22.83 -31.31 14.33
CA SER C 12 -21.47 -31.42 13.82
C SER C 12 -21.11 -32.89 13.72
N LEU C 13 -20.97 -33.39 12.50
CA LEU C 13 -20.73 -34.81 12.28
C LEU C 13 -19.80 -35.00 11.09
N SER C 14 -19.34 -36.22 10.89
CA SER C 14 -18.54 -36.65 9.77
C SER C 14 -19.36 -37.48 8.78
N PRO C 15 -18.90 -37.52 7.53
CA PRO C 15 -19.57 -38.37 6.53
C PRO C 15 -19.61 -39.80 7.06
N GLY C 16 -20.74 -40.47 6.86
CA GLY C 16 -20.92 -41.84 7.29
C GLY C 16 -21.50 -41.92 8.67
N GLU C 17 -21.54 -40.80 9.38
CA GLU C 17 -22.26 -40.83 10.66
C GLU C 17 -23.76 -40.60 10.42
N ARG C 18 -24.51 -41.04 11.42
CA ARG C 18 -25.96 -40.92 11.47
C ARG C 18 -26.33 -39.54 12.03
N ALA C 19 -27.31 -38.89 11.43
CA ALA C 19 -27.83 -37.63 11.95
C ALA C 19 -29.31 -37.80 12.34
N THR C 20 -29.68 -37.22 13.45
CA THR C 20 -31.06 -37.28 13.94
C THR C 20 -31.56 -35.87 14.18
N LEU C 21 -32.42 -35.37 13.31
CA LEU C 21 -32.97 -34.02 13.43
C LEU C 21 -34.40 -34.11 13.97
N SER C 22 -34.67 -33.33 15.00
CA SER C 22 -35.97 -33.36 15.67
C SER C 22 -36.80 -32.14 15.34
N CYS C 23 -38.13 -32.27 15.32
CA CYS C 23 -39.06 -31.17 15.04
C CYS C 23 -40.27 -31.33 15.97
N ARG C 24 -40.45 -30.41 16.93
CA ARG C 24 -41.57 -30.49 17.86
C ARG C 24 -42.62 -29.43 17.55
N ALA C 25 -43.89 -29.84 17.56
CA ALA C 25 -45.01 -28.94 17.25
C ALA C 25 -45.67 -28.43 18.52
N SER C 26 -46.17 -27.20 18.56
CA SER C 26 -46.81 -26.72 19.78
C SER C 26 -48.15 -27.42 20.01
N GLN C 27 -48.70 -28.05 18.97
CA GLN C 27 -49.95 -28.80 19.08
C GLN C 27 -50.00 -29.84 17.96
N SER C 28 -50.92 -30.78 18.07
CA SER C 28 -50.96 -31.94 17.19
C SER C 28 -51.04 -31.56 15.73
N VAL C 29 -50.26 -32.25 14.90
CA VAL C 29 -50.17 -31.92 13.48
C VAL C 29 -51.10 -32.82 12.69
N SER C 30 -52.23 -32.27 12.29
CA SER C 30 -53.33 -33.09 11.79
C SER C 30 -52.90 -33.93 10.59
N SER C 31 -53.26 -35.20 10.61
CA SER C 31 -52.92 -36.18 9.58
C SER C 31 -51.41 -36.37 9.41
N ASN C 32 -50.61 -35.90 10.37
CA ASN C 32 -49.16 -36.03 10.29
C ASN C 32 -48.66 -35.41 8.98
N TYR C 33 -49.29 -34.33 8.60
CA TYR C 33 -49.06 -33.44 7.50
C TYR C 33 -47.85 -32.55 7.79
N LEU C 34 -46.67 -33.17 7.71
CA LEU C 34 -45.39 -32.53 7.99
C LEU C 34 -44.36 -32.90 6.93
N ALA C 35 -43.59 -31.95 6.45
CA ALA C 35 -42.55 -32.15 5.47
C ALA C 35 -41.19 -31.73 6.01
N TRP C 36 -40.15 -32.21 5.32
CA TRP C 36 -38.77 -31.83 5.56
C TRP C 36 -38.13 -31.33 4.27
N TYR C 37 -37.38 -30.24 4.35
CA TYR C 37 -36.61 -29.70 3.26
C TYR C 37 -35.13 -29.57 3.60
N GLN C 38 -34.31 -29.64 2.58
CA GLN C 38 -32.87 -29.37 2.65
C GLN C 38 -32.58 -28.08 1.91
N GLN C 39 -31.76 -27.20 2.51
CA GLN C 39 -31.40 -25.99 1.79
C GLN C 39 -29.89 -25.73 1.82
N LYS C 40 -29.34 -25.50 0.64
CA LYS C 40 -27.92 -25.14 0.54
C LYS C 40 -27.76 -23.64 0.30
N PRO C 41 -26.66 -23.07 0.78
CA PRO C 41 -26.42 -21.63 0.64
C PRO C 41 -26.59 -21.16 -0.80
N GLY C 42 -27.37 -20.08 -0.92
CA GLY C 42 -27.71 -19.55 -2.22
C GLY C 42 -28.74 -20.36 -2.98
N GLN C 43 -29.23 -21.50 -2.47
CA GLN C 43 -30.17 -22.22 -3.34
C GLN C 43 -31.57 -22.32 -2.72
N ALA C 44 -32.50 -22.80 -3.53
CA ALA C 44 -33.89 -22.95 -3.06
C ALA C 44 -34.06 -24.26 -2.29
N PRO C 45 -35.06 -24.32 -1.43
CA PRO C 45 -35.26 -25.52 -0.62
C PRO C 45 -35.54 -26.68 -1.55
N ARG C 46 -35.34 -27.90 -1.10
CA ARG C 46 -35.61 -29.10 -1.87
C ARG C 46 -36.35 -30.12 -1.00
N LEU C 47 -37.50 -30.59 -1.49
CA LEU C 47 -38.27 -31.52 -0.69
C LEU C 47 -37.50 -32.81 -0.42
N LEU C 48 -37.48 -33.26 0.83
CA LEU C 48 -36.93 -34.59 1.10
C LEU C 48 -38.02 -35.57 1.49
N ILE C 49 -38.82 -35.15 2.48
CA ILE C 49 -39.80 -36.02 3.11
C ILE C 49 -41.14 -35.29 3.15
N TYR C 50 -42.24 -35.97 2.85
CA TYR C 50 -43.57 -35.36 3.03
C TYR C 50 -44.48 -36.35 3.73
N ASP C 51 -45.64 -35.86 4.21
CA ASP C 51 -46.55 -36.72 4.95
C ASP C 51 -45.84 -37.46 6.08
N SER C 52 -44.88 -36.78 6.70
CA SER C 52 -44.11 -37.28 7.83
C SER C 52 -43.04 -38.31 7.44
N SER C 53 -43.33 -39.14 6.45
CA SER C 53 -42.52 -40.32 6.20
C SER C 53 -42.43 -40.74 4.75
N SER C 54 -43.09 -40.06 3.80
CA SER C 54 -42.86 -40.52 2.43
C SER C 54 -41.66 -39.80 1.85
N ARG C 55 -40.85 -40.51 1.09
CA ARG C 55 -39.68 -39.92 0.44
C ARG C 55 -40.10 -39.21 -0.83
N ALA C 56 -39.64 -37.98 -1.06
CA ALA C 56 -39.86 -37.31 -2.33
C ALA C 56 -39.15 -38.05 -3.45
N THR C 57 -39.56 -37.79 -4.68
CA THR C 57 -38.99 -38.51 -5.80
C THR C 57 -37.48 -38.30 -5.87
N GLY C 58 -36.74 -39.39 -6.06
CA GLY C 58 -35.32 -39.28 -6.32
C GLY C 58 -34.52 -39.05 -5.05
N VAL C 59 -35.19 -39.05 -3.91
CA VAL C 59 -34.46 -38.83 -2.66
C VAL C 59 -33.85 -40.16 -2.19
N PRO C 60 -32.59 -40.12 -1.76
CA PRO C 60 -31.95 -41.35 -1.30
C PRO C 60 -32.66 -41.98 -0.11
N ALA C 61 -32.59 -43.31 -0.08
CA ALA C 61 -33.15 -44.07 1.03
C ALA C 61 -32.52 -43.69 2.36
N ARG C 62 -31.36 -43.02 2.37
CA ARG C 62 -30.74 -42.73 3.67
C ARG C 62 -31.49 -41.63 4.41
N PHE C 63 -32.34 -40.92 3.69
CA PHE C 63 -33.25 -39.97 4.32
C PHE C 63 -34.55 -40.65 4.75
N SER C 64 -34.88 -40.58 6.03
CA SER C 64 -36.20 -41.12 6.38
C SER C 64 -36.86 -40.22 7.43
N GLY C 65 -38.19 -40.22 7.40
CA GLY C 65 -38.93 -39.42 8.36
C GLY C 65 -39.80 -40.33 9.21
N SER C 66 -40.05 -39.93 10.45
CA SER C 66 -41.02 -40.64 11.27
C SER C 66 -41.61 -39.68 12.30
N GLY C 67 -42.53 -40.20 13.10
CA GLY C 67 -43.12 -39.43 14.19
C GLY C 67 -44.57 -39.12 13.88
N SER C 68 -45.27 -38.62 14.89
CA SER C 68 -46.67 -38.29 14.67
C SER C 68 -47.09 -37.27 15.73
N GLY C 69 -48.23 -36.64 15.56
CA GLY C 69 -48.72 -35.77 16.63
C GLY C 69 -47.88 -34.52 16.76
N THR C 70 -47.02 -34.43 17.77
CA THR C 70 -46.21 -33.23 17.95
C THR C 70 -44.71 -33.52 17.91
N ASP C 71 -44.32 -34.74 17.61
CA ASP C 71 -42.91 -35.14 17.75
C ASP C 71 -42.43 -35.86 16.50
N PHE C 72 -41.71 -35.18 15.62
CA PHE C 72 -41.28 -35.74 14.36
C PHE C 72 -39.77 -35.74 14.23
N THR C 73 -39.21 -36.68 13.46
CA THR C 73 -37.75 -36.60 13.37
C THR C 73 -37.36 -36.97 11.94
N LEU C 74 -36.34 -36.26 11.49
CA LEU C 74 -35.69 -36.63 10.23
C LEU C 74 -34.40 -37.37 10.59
N THR C 75 -34.22 -38.56 10.04
CA THR C 75 -32.96 -39.26 10.20
C THR C 75 -32.24 -39.35 8.86
N ILE C 76 -30.95 -39.04 8.87
CA ILE C 76 -30.03 -39.28 7.78
C ILE C 76 -29.12 -40.43 8.26
N SER C 77 -29.38 -41.63 7.78
CA SER C 77 -28.83 -42.81 8.44
C SER C 77 -27.31 -42.84 8.30
N SER C 78 -26.79 -42.34 7.19
CA SER C 78 -25.33 -42.25 7.04
C SER C 78 -24.98 -41.02 6.21
N LEU C 79 -24.31 -40.01 6.76
CA LEU C 79 -24.11 -38.79 5.98
C LEU C 79 -23.13 -38.90 4.82
N GLU C 80 -23.51 -38.33 3.70
CA GLU C 80 -22.65 -38.12 2.53
C GLU C 80 -22.21 -36.66 2.53
N PRO C 81 -21.12 -36.35 1.84
CA PRO C 81 -20.67 -34.98 1.69
C PRO C 81 -21.70 -34.04 1.09
N GLU C 82 -22.59 -34.49 0.20
CA GLU C 82 -23.62 -33.60 -0.34
C GLU C 82 -24.78 -33.30 0.62
N ASP C 83 -24.71 -33.86 1.82
CA ASP C 83 -25.78 -33.77 2.79
C ASP C 83 -25.58 -32.64 3.77
N PHE C 84 -24.42 -31.99 3.73
CA PHE C 84 -24.24 -30.98 4.75
C PHE C 84 -24.92 -29.70 4.32
N ALA C 85 -25.91 -29.29 5.10
CA ALA C 85 -26.82 -28.23 4.68
C ALA C 85 -27.71 -27.86 5.85
N VAL C 86 -28.67 -26.98 5.59
CA VAL C 86 -29.69 -26.64 6.58
C VAL C 86 -30.94 -27.45 6.28
N TYR C 87 -31.63 -27.90 7.33
CA TYR C 87 -32.82 -28.73 7.14
C TYR C 87 -33.99 -28.08 7.84
N TYR C 88 -35.11 -27.91 7.15
CA TYR C 88 -36.30 -27.31 7.73
C TYR C 88 -37.48 -28.30 7.76
N CYS C 89 -38.26 -28.22 8.83
CA CYS C 89 -39.52 -28.98 8.91
C CYS C 89 -40.66 -27.98 8.63
N HIS C 90 -41.83 -28.51 8.36
CA HIS C 90 -42.94 -27.75 7.79
C HIS C 90 -44.26 -28.47 8.06
N GLN C 91 -45.20 -27.79 8.71
CA GLN C 91 -46.54 -28.36 8.83
C GLN C 91 -47.45 -27.67 7.82
N TYR C 92 -48.30 -28.44 7.18
CA TYR C 92 -49.31 -27.86 6.28
C TYR C 92 -50.66 -28.49 6.63
N SER C 93 -50.86 -28.71 7.92
CA SER C 93 -51.99 -29.41 8.48
C SER C 93 -53.17 -28.49 8.76
N ASP C 94 -52.97 -27.18 8.64
CA ASP C 94 -54.06 -26.24 8.88
C ASP C 94 -54.01 -25.16 7.83
N ILE C 95 -54.70 -24.04 8.01
CA ILE C 95 -54.68 -23.10 6.87
C ILE C 95 -53.61 -22.03 7.06
N SER C 96 -52.71 -22.25 8.01
CA SER C 96 -51.62 -21.29 8.25
C SER C 96 -50.28 -22.04 8.34
N PRO C 97 -49.70 -22.42 7.22
CA PRO C 97 -48.46 -23.22 7.27
C PRO C 97 -47.38 -22.50 8.07
N THR C 98 -46.69 -23.29 8.88
CA THR C 98 -45.54 -22.79 9.61
C THR C 98 -44.32 -23.67 9.35
N PHE C 99 -43.17 -23.12 9.66
CA PHE C 99 -41.89 -23.78 9.45
C PHE C 99 -41.06 -23.76 10.74
N GLY C 100 -40.22 -24.77 10.90
CA GLY C 100 -39.26 -24.77 12.00
C GLY C 100 -38.15 -23.79 11.62
N GLN C 101 -37.24 -23.51 12.56
CA GLN C 101 -36.31 -22.43 12.22
C GLN C 101 -35.04 -23.01 11.60
N GLY C 102 -35.00 -24.32 11.42
CA GLY C 102 -33.93 -25.03 10.77
C GLY C 102 -32.89 -25.63 11.68
N THR C 103 -32.33 -26.75 11.20
CA THR C 103 -31.18 -27.39 11.82
C THR C 103 -30.03 -27.35 10.81
N LYS C 104 -28.91 -26.75 11.19
CA LYS C 104 -27.76 -26.78 10.27
C LYS C 104 -26.93 -28.02 10.60
N VAL C 105 -26.72 -28.86 9.62
CA VAL C 105 -25.86 -30.02 9.68
C VAL C 105 -24.53 -29.61 9.05
N GLU C 106 -23.48 -29.51 9.87
CA GLU C 106 -22.17 -29.08 9.37
C GLU C 106 -21.13 -30.19 9.49
N ILE C 107 -20.01 -30.08 8.80
CA ILE C 107 -19.01 -31.13 8.77
C ILE C 107 -18.00 -30.99 9.91
N LYS C 108 -17.96 -32.01 10.76
CA LYS C 108 -16.94 -32.01 11.80
C LYS C 108 -15.55 -32.28 11.22
N ARG C 109 -14.56 -31.79 11.94
CA ARG C 109 -13.16 -31.87 11.55
C ARG C 109 -12.34 -31.67 12.81
N THR C 110 -11.03 -31.93 12.74
CA THR C 110 -10.15 -31.65 13.86
C THR C 110 -10.19 -30.18 14.24
N VAL C 111 -9.99 -29.90 15.53
CA VAL C 111 -9.95 -28.53 16.00
C VAL C 111 -8.76 -27.82 15.33
N ALA C 112 -9.00 -26.58 14.92
CA ALA C 112 -7.99 -25.79 14.22
C ALA C 112 -8.05 -24.36 14.73
N ALA C 113 -6.96 -23.91 15.38
CA ALA C 113 -6.88 -22.55 15.87
C ALA C 113 -6.76 -21.59 14.70
N PRO C 114 -7.39 -20.42 14.79
CA PRO C 114 -7.25 -19.48 13.66
C PRO C 114 -5.90 -18.77 13.72
N SER C 115 -5.48 -18.25 12.59
CA SER C 115 -4.41 -17.26 12.59
C SER C 115 -5.09 -15.90 12.73
N VAL C 116 -4.64 -15.06 13.64
CA VAL C 116 -5.26 -13.78 13.90
C VAL C 116 -4.47 -12.62 13.30
N PHE C 117 -5.16 -11.67 12.68
CA PHE C 117 -4.55 -10.51 12.04
C PHE C 117 -5.37 -9.25 12.36
N ILE C 118 -4.69 -8.13 12.58
CA ILE C 118 -5.41 -6.89 12.89
C ILE C 118 -5.00 -5.83 11.87
N PHE C 119 -5.97 -5.05 11.42
CA PHE C 119 -5.80 -4.05 10.38
C PHE C 119 -6.31 -2.68 10.84
N PRO C 120 -5.43 -1.68 10.86
CA PRO C 120 -5.85 -0.33 11.25
C PRO C 120 -6.64 0.35 10.14
N PRO C 121 -7.30 1.45 10.46
CA PRO C 121 -7.99 2.16 9.37
C PRO C 121 -6.96 2.79 8.42
N SER C 122 -7.36 2.98 7.18
CA SER C 122 -6.55 3.73 6.23
C SER C 122 -6.70 5.22 6.48
N ASP C 123 -5.66 5.98 6.16
CA ASP C 123 -5.68 7.42 6.36
C ASP C 123 -6.81 8.05 5.56
N GLU C 124 -7.02 7.47 4.40
CA GLU C 124 -8.07 7.92 3.49
C GLU C 124 -9.44 7.84 4.15
N GLN C 125 -9.73 6.72 4.81
CA GLN C 125 -11.03 6.61 5.47
C GLN C 125 -11.18 7.66 6.57
N LEU C 126 -10.19 7.75 7.45
CA LEU C 126 -10.19 8.68 8.57
C LEU C 126 -10.62 10.09 8.15
N LYS C 127 -10.20 10.50 6.95
CA LYS C 127 -10.51 11.82 6.45
C LYS C 127 -12.02 12.04 6.32
N SER C 128 -12.73 10.93 6.19
CA SER C 128 -14.17 10.91 6.01
C SER C 128 -14.92 11.04 7.32
N GLY C 129 -14.27 10.89 8.47
CA GLY C 129 -14.98 11.00 9.75
C GLY C 129 -15.16 9.72 10.53
N THR C 130 -14.78 8.58 9.99
CA THR C 130 -15.00 7.25 10.56
C THR C 130 -13.73 6.40 10.51
N ALA C 131 -13.61 5.42 11.40
CA ALA C 131 -12.47 4.51 11.42
C ALA C 131 -12.96 3.06 11.45
N SER C 132 -12.62 2.27 10.44
CA SER C 132 -12.91 0.85 10.58
C SER C 132 -11.62 0.13 11.00
N VAL C 133 -11.68 -0.57 12.11
CA VAL C 133 -10.56 -1.42 12.54
C VAL C 133 -11.00 -2.87 12.39
N VAL C 134 -10.21 -3.65 11.64
CA VAL C 134 -10.65 -5.02 11.35
C VAL C 134 -9.74 -6.07 11.96
N CYS C 135 -10.40 -7.03 12.59
CA CYS C 135 -9.72 -8.20 13.13
C CYS C 135 -10.16 -9.43 12.34
N LEU C 136 -9.15 -10.15 11.83
CA LEU C 136 -9.43 -11.30 10.99
C LEU C 136 -9.07 -12.60 11.69
N LEU C 137 -10.01 -13.52 11.75
CA LEU C 137 -9.78 -14.87 12.30
C LEU C 137 -9.80 -15.85 11.14
N ASN C 138 -8.65 -16.45 10.85
CA ASN C 138 -8.52 -17.21 9.61
C ASN C 138 -8.41 -18.72 9.80
N ASN C 139 -9.20 -19.44 9.00
CA ASN C 139 -9.18 -20.89 8.88
C ASN C 139 -9.20 -21.58 10.23
N PHE C 140 -10.35 -21.53 10.92
CA PHE C 140 -10.38 -22.12 12.26
C PHE C 140 -11.52 -23.14 12.35
N TYR C 141 -11.47 -23.99 13.36
CA TYR C 141 -12.53 -24.95 13.63
C TYR C 141 -12.46 -25.34 15.10
N PRO C 142 -13.58 -25.43 15.83
CA PRO C 142 -14.95 -25.22 15.37
C PRO C 142 -15.35 -23.76 15.22
N ARG C 143 -16.57 -23.49 14.75
CA ARG C 143 -16.96 -22.10 14.47
C ARG C 143 -17.07 -21.21 15.69
N GLU C 144 -17.31 -21.73 16.89
CA GLU C 144 -17.50 -20.86 18.04
C GLU C 144 -16.19 -20.20 18.46
N ALA C 145 -16.14 -18.88 18.51
CA ALA C 145 -14.95 -18.10 18.81
C ALA C 145 -15.34 -16.79 19.48
N LYS C 146 -14.55 -16.33 20.45
CA LYS C 146 -14.87 -15.03 21.04
C LYS C 146 -13.89 -13.97 20.54
N VAL C 147 -14.43 -12.85 20.03
CA VAL C 147 -13.52 -11.75 19.66
C VAL C 147 -13.87 -10.49 20.43
N GLN C 148 -12.92 -9.98 21.23
CA GLN C 148 -13.21 -8.75 21.97
C GLN C 148 -12.29 -7.63 21.51
N TRP C 149 -12.76 -6.39 21.57
CA TRP C 149 -11.94 -5.25 21.23
C TRP C 149 -11.60 -4.42 22.47
N LYS C 150 -10.36 -3.95 22.56
CA LYS C 150 -9.93 -3.04 23.62
C LYS C 150 -9.24 -1.83 23.02
N VAL C 151 -9.59 -0.63 23.45
CA VAL C 151 -9.02 0.60 22.94
C VAL C 151 -8.37 1.36 24.09
N ASP C 152 -7.06 1.57 24.02
CA ASP C 152 -6.32 2.08 25.18
C ASP C 152 -6.65 1.22 26.41
N ASN C 153 -6.70 -0.07 26.13
CA ASN C 153 -7.00 -1.17 27.03
C ASN C 153 -8.39 -1.04 27.66
N ALA C 154 -9.28 -0.35 26.95
CA ALA C 154 -10.66 -0.27 27.43
C ALA C 154 -11.51 -1.19 26.57
N LEU C 155 -12.20 -2.11 27.23
CA LEU C 155 -13.09 -3.02 26.53
C LEU C 155 -14.16 -2.23 25.78
N GLN C 156 -14.35 -2.55 24.51
CA GLN C 156 -15.39 -1.97 23.67
C GLN C 156 -16.69 -2.77 23.75
N SER C 157 -17.81 -2.09 23.57
CA SER C 157 -19.13 -2.71 23.64
C SER C 157 -20.08 -2.12 22.62
N GLY C 158 -20.77 -2.98 21.86
CA GLY C 158 -21.76 -2.59 20.89
C GLY C 158 -21.31 -1.83 19.67
N ASN C 159 -20.02 -1.69 19.40
CA ASN C 159 -19.61 -0.97 18.20
C ASN C 159 -18.77 -1.84 17.25
N SER C 160 -19.06 -3.14 17.26
CA SER C 160 -18.42 -4.07 16.35
C SER C 160 -19.43 -5.02 15.71
N GLN C 161 -19.14 -5.44 14.48
CA GLN C 161 -19.96 -6.45 13.81
C GLN C 161 -19.06 -7.57 13.32
N GLU C 162 -19.54 -8.81 13.42
CA GLU C 162 -18.79 -9.94 12.88
C GLU C 162 -19.42 -10.44 11.59
N SER C 163 -18.63 -11.15 10.78
CA SER C 163 -19.16 -11.86 9.61
C SER C 163 -18.35 -13.15 9.48
N VAL C 164 -19.03 -14.23 9.14
CA VAL C 164 -18.36 -15.53 9.07
C VAL C 164 -18.48 -16.10 7.67
N THR C 165 -17.46 -16.81 7.17
CA THR C 165 -17.67 -17.46 5.88
C THR C 165 -18.47 -18.76 6.09
N GLU C 166 -18.98 -19.33 5.01
CA GLU C 166 -19.49 -20.69 5.02
C GLU C 166 -18.30 -21.63 5.18
N GLN C 167 -18.51 -22.84 5.65
CA GLN C 167 -17.44 -23.82 5.82
C GLN C 167 -16.67 -24.05 4.53
N ASP C 168 -15.34 -23.94 4.59
CA ASP C 168 -14.54 -24.04 3.37
C ASP C 168 -14.66 -25.44 2.76
N SER C 169 -14.97 -25.46 1.48
CA SER C 169 -15.14 -26.70 0.72
C SER C 169 -13.87 -27.53 0.70
N LYS C 170 -12.69 -26.94 0.87
CA LYS C 170 -11.48 -27.76 0.89
C LYS C 170 -11.12 -28.30 2.26
N ASP C 171 -11.09 -27.43 3.27
CA ASP C 171 -10.53 -27.88 4.55
C ASP C 171 -11.53 -27.82 5.69
N SER C 172 -12.76 -27.43 5.41
CA SER C 172 -13.81 -27.49 6.42
C SER C 172 -13.64 -26.49 7.54
N THR C 173 -12.84 -25.45 7.30
CA THR C 173 -12.75 -24.44 8.37
C THR C 173 -13.66 -23.26 8.05
N TYR C 174 -13.83 -22.40 9.05
CA TYR C 174 -14.45 -21.10 8.88
C TYR C 174 -13.40 -19.99 8.98
N SER C 175 -13.78 -18.81 8.50
CA SER C 175 -13.03 -17.59 8.72
C SER C 175 -14.01 -16.50 9.15
N LEU C 176 -13.50 -15.59 9.98
CA LEU C 176 -14.41 -14.59 10.55
C LEU C 176 -13.74 -13.23 10.59
N SER C 177 -14.51 -12.20 10.29
CA SER C 177 -14.02 -10.83 10.49
C SER C 177 -14.81 -10.16 11.60
N SER C 178 -14.11 -9.39 12.42
CA SER C 178 -14.74 -8.48 13.37
C SER C 178 -14.35 -7.06 12.99
N THR C 179 -15.33 -6.20 12.76
CA THR C 179 -15.04 -4.82 12.41
C THR C 179 -15.52 -3.85 13.47
N LEU C 180 -14.55 -3.17 14.10
CA LEU C 180 -14.81 -2.11 15.05
C LEU C 180 -15.01 -0.80 14.30
N THR C 181 -16.13 -0.12 14.56
CA THR C 181 -16.41 1.16 13.90
C THR C 181 -16.26 2.28 14.93
N LEU C 182 -15.34 3.20 14.63
CA LEU C 182 -15.07 4.29 15.55
C LEU C 182 -15.19 5.63 14.84
N SER C 183 -15.62 6.65 15.57
CA SER C 183 -15.55 8.00 15.04
C SER C 183 -14.08 8.38 14.83
N LYS C 184 -13.85 9.28 13.88
CA LYS C 184 -12.48 9.75 13.65
C LYS C 184 -11.93 10.28 14.96
N ALA C 185 -12.75 10.99 15.71
CA ALA C 185 -12.33 11.63 16.95
C ALA C 185 -11.83 10.63 17.97
N ASP C 186 -12.66 9.62 18.22
CA ASP C 186 -12.28 8.60 19.19
C ASP C 186 -11.02 7.87 18.75
N TYR C 187 -11.01 7.46 17.48
CA TYR C 187 -9.86 6.71 16.96
C TYR C 187 -8.56 7.46 17.24
N GLU C 188 -8.59 8.74 16.88
CA GLU C 188 -7.37 9.56 16.91
C GLU C 188 -6.98 10.00 18.31
N LYS C 189 -7.89 9.80 19.25
CA LYS C 189 -7.60 10.19 20.64
C LYS C 189 -7.03 9.02 21.41
N HIS C 190 -6.88 7.85 20.78
CA HIS C 190 -6.30 6.72 21.49
C HIS C 190 -5.19 6.11 20.65
N LYS C 191 -4.30 5.33 21.26
CA LYS C 191 -3.09 4.85 20.61
C LYS C 191 -3.12 3.35 20.35
N VAL C 192 -3.56 2.60 21.37
CA VAL C 192 -3.43 1.16 21.30
C VAL C 192 -4.77 0.48 21.00
N TYR C 193 -4.70 -0.36 19.98
CA TYR C 193 -5.85 -1.10 19.48
C TYR C 193 -5.55 -2.57 19.59
N ALA C 194 -6.39 -3.25 20.37
CA ALA C 194 -6.15 -4.68 20.54
C ALA C 194 -7.39 -5.52 20.24
N CYS C 195 -7.15 -6.63 19.57
CA CYS C 195 -8.20 -7.61 19.31
C CYS C 195 -7.91 -8.86 20.12
N GLU C 196 -8.80 -9.21 21.03
CA GLU C 196 -8.71 -10.35 21.91
C GLU C 196 -9.51 -11.54 21.41
N VAL C 197 -8.84 -12.66 21.14
CA VAL C 197 -9.47 -13.83 20.55
C VAL C 197 -9.36 -15.05 21.44
N THR C 198 -10.51 -15.67 21.73
CA THR C 198 -10.55 -16.92 22.47
C THR C 198 -11.18 -18.01 21.61
N HIS C 199 -10.54 -19.18 21.57
CA HIS C 199 -10.99 -20.27 20.73
C HIS C 199 -10.40 -21.57 21.26
N GLN C 200 -11.15 -22.65 21.12
CA GLN C 200 -10.81 -23.98 21.62
C GLN C 200 -9.38 -24.38 21.25
N GLY C 201 -8.95 -24.00 20.05
CA GLY C 201 -7.66 -24.38 19.52
C GLY C 201 -6.49 -23.57 20.03
N LEU C 202 -6.71 -22.78 21.08
CA LEU C 202 -5.72 -21.94 21.72
C LEU C 202 -5.72 -22.19 23.23
N SER C 203 -4.57 -22.59 23.78
CA SER C 203 -4.49 -22.75 25.24
C SER C 203 -4.80 -21.42 25.94
N SER C 204 -4.41 -20.36 25.24
CA SER C 204 -4.50 -19.01 25.75
C SER C 204 -5.12 -18.08 24.71
N PRO C 205 -5.98 -17.18 25.18
CA PRO C 205 -6.52 -16.11 24.33
C PRO C 205 -5.41 -15.41 23.58
N VAL C 206 -5.65 -15.01 22.34
CA VAL C 206 -4.57 -14.41 21.56
C VAL C 206 -4.76 -12.92 21.36
N THR C 207 -3.76 -12.11 21.73
CA THR C 207 -3.92 -10.68 21.52
C THR C 207 -3.14 -10.25 20.28
N LYS C 208 -3.85 -9.62 19.34
CA LYS C 208 -3.18 -8.94 18.26
C LYS C 208 -3.53 -7.45 18.37
N SER C 209 -2.51 -6.62 18.34
CA SER C 209 -2.68 -5.20 18.55
C SER C 209 -1.74 -4.44 17.63
N PHE C 210 -2.07 -3.17 17.45
CA PHE C 210 -1.19 -2.16 16.87
C PHE C 210 -1.23 -0.90 17.71
N ASN C 211 -0.20 -0.06 17.66
CA ASN C 211 -0.29 1.28 18.23
C ASN C 211 -0.44 2.29 17.10
N ARG C 212 -1.46 3.14 17.17
CA ARG C 212 -1.77 4.06 16.09
C ARG C 212 -0.57 4.97 15.82
N GLN D 1 -39.67 -32.31 -16.61
CA GLN D 1 -39.44 -30.88 -16.81
C GLN D 1 -40.32 -30.03 -15.91
N VAL D 2 -40.55 -30.40 -14.64
CA VAL D 2 -41.29 -29.41 -13.84
C VAL D 2 -40.38 -28.20 -13.70
N GLN D 3 -40.94 -27.02 -13.55
CA GLN D 3 -40.07 -25.85 -13.35
C GLN D 3 -40.94 -24.65 -12.98
N LEU D 4 -40.39 -23.81 -12.11
CA LEU D 4 -41.02 -22.56 -11.70
C LEU D 4 -39.99 -21.44 -11.80
N VAL D 5 -40.38 -20.34 -12.42
CA VAL D 5 -39.47 -19.22 -12.62
C VAL D 5 -40.05 -17.90 -12.15
N GLU D 6 -39.54 -17.35 -11.06
CA GLU D 6 -39.97 -16.03 -10.64
C GLU D 6 -39.25 -14.91 -11.39
N SER D 7 -39.95 -13.80 -11.43
CA SER D 7 -39.50 -12.49 -11.90
C SER D 7 -40.22 -11.39 -11.11
N GLY D 8 -39.68 -10.18 -11.17
CA GLY D 8 -40.30 -9.02 -10.56
C GLY D 8 -39.47 -8.36 -9.50
N GLY D 9 -38.71 -9.12 -8.72
CA GLY D 9 -38.05 -8.64 -7.52
C GLY D 9 -37.30 -7.35 -7.68
N GLY D 10 -36.80 -6.74 -6.60
CA GLY D 10 -36.00 -5.53 -6.83
C GLY D 10 -36.08 -4.57 -5.66
N LEU D 11 -35.51 -3.38 -5.85
CA LEU D 11 -35.41 -2.33 -4.85
C LEU D 11 -36.66 -1.44 -4.86
N VAL D 12 -37.31 -1.27 -3.73
CA VAL D 12 -38.48 -0.42 -3.56
C VAL D 12 -38.46 0.33 -2.24
N GLN D 13 -38.89 1.59 -2.27
CA GLN D 13 -38.98 2.31 -1.01
C GLN D 13 -40.14 1.84 -0.14
N PRO D 14 -39.95 1.99 1.16
CA PRO D 14 -41.03 1.75 2.13
C PRO D 14 -42.33 2.40 1.69
N GLY D 15 -43.42 1.65 1.86
CA GLY D 15 -44.75 2.09 1.45
C GLY D 15 -44.97 1.91 -0.03
N GLY D 16 -44.01 1.19 -0.64
CA GLY D 16 -44.10 1.02 -2.08
C GLY D 16 -44.87 -0.27 -2.39
N SER D 17 -44.95 -0.51 -3.69
CA SER D 17 -45.71 -1.63 -4.22
C SER D 17 -44.90 -2.38 -5.28
N LEU D 18 -45.16 -3.65 -5.47
CA LEU D 18 -44.38 -4.47 -6.38
C LEU D 18 -45.17 -5.67 -6.89
N ARG D 19 -44.92 -6.10 -8.12
CA ARG D 19 -45.64 -7.26 -8.65
C ARG D 19 -44.69 -8.38 -9.01
N LEU D 20 -44.80 -9.49 -8.26
CA LEU D 20 -43.97 -10.66 -8.58
C LEU D 20 -44.69 -11.60 -9.51
N SER D 21 -43.98 -12.24 -10.43
CA SER D 21 -44.63 -13.26 -11.26
C SER D 21 -43.83 -14.57 -11.19
N CYS D 22 -44.51 -15.66 -11.48
CA CYS D 22 -43.96 -17.00 -11.41
C CYS D 22 -44.50 -17.88 -12.53
N ALA D 23 -43.67 -18.14 -13.51
CA ALA D 23 -43.94 -18.90 -14.71
C ALA D 23 -43.68 -20.40 -14.52
N ALA D 24 -44.72 -21.20 -14.74
CA ALA D 24 -44.73 -22.62 -14.47
C ALA D 24 -44.58 -23.46 -15.72
N SER D 25 -43.92 -24.61 -15.58
CA SER D 25 -43.81 -25.52 -16.71
C SER D 25 -43.58 -26.94 -16.22
N GLY D 26 -43.84 -27.93 -17.08
CA GLY D 26 -43.57 -29.30 -16.74
C GLY D 26 -44.59 -29.99 -15.86
N PHE D 27 -45.59 -29.26 -15.38
CA PHE D 27 -46.69 -29.86 -14.63
C PHE D 27 -48.02 -29.24 -15.04
N THR D 28 -49.11 -29.82 -14.55
CA THR D 28 -50.45 -29.37 -14.86
C THR D 28 -50.83 -28.21 -13.96
N PHE D 29 -50.68 -26.99 -14.48
CA PHE D 29 -50.75 -25.84 -13.60
C PHE D 29 -52.14 -25.63 -13.02
N ARG D 30 -53.17 -25.74 -13.87
CA ARG D 30 -54.50 -25.37 -13.37
C ARG D 30 -55.01 -26.45 -12.42
N ASN D 31 -54.32 -27.56 -12.30
CA ASN D 31 -54.73 -28.54 -11.29
C ASN D 31 -53.93 -28.41 -10.00
N SER D 32 -53.03 -27.43 -9.91
CA SER D 32 -52.24 -27.34 -8.68
C SER D 32 -52.49 -26.04 -7.91
N ALA D 33 -52.57 -26.19 -6.60
CA ALA D 33 -52.57 -25.06 -5.68
C ALA D 33 -51.16 -24.48 -5.69
N MET D 34 -51.02 -23.18 -5.52
CA MET D 34 -49.68 -22.57 -5.62
C MET D 34 -49.47 -21.67 -4.42
N HIS D 35 -48.25 -21.68 -3.86
CA HIS D 35 -47.99 -20.82 -2.70
C HIS D 35 -46.78 -19.94 -2.97
N TRP D 36 -46.71 -18.90 -2.16
CA TRP D 36 -45.53 -18.06 -2.05
C TRP D 36 -44.93 -18.25 -0.66
N VAL D 37 -43.62 -18.45 -0.63
CA VAL D 37 -42.84 -18.62 0.60
C VAL D 37 -41.72 -17.60 0.56
N ARG D 38 -41.35 -16.94 1.65
CA ARG D 38 -40.23 -16.00 1.55
C ARG D 38 -39.17 -16.28 2.61
N GLN D 39 -37.99 -15.70 2.41
CA GLN D 39 -36.83 -15.92 3.27
C GLN D 39 -36.12 -14.62 3.55
N ALA D 40 -36.25 -14.06 4.74
CA ALA D 40 -35.52 -12.80 4.98
C ALA D 40 -34.03 -13.14 4.99
N PRO D 41 -33.16 -12.17 4.72
CA PRO D 41 -31.72 -12.45 4.73
C PRO D 41 -31.26 -13.13 6.00
N GLY D 42 -30.52 -14.21 5.84
CA GLY D 42 -29.95 -14.92 6.97
C GLY D 42 -30.96 -15.60 7.84
N LYS D 43 -32.20 -15.68 7.40
CA LYS D 43 -33.25 -16.23 8.24
C LYS D 43 -33.87 -17.47 7.59
N GLY D 44 -34.92 -18.04 8.18
CA GLY D 44 -35.55 -19.24 7.64
C GLY D 44 -36.70 -18.91 6.69
N LEU D 45 -37.44 -19.95 6.33
CA LEU D 45 -38.61 -19.93 5.46
C LEU D 45 -39.84 -19.42 6.22
N GLU D 46 -40.63 -18.57 5.58
CA GLU D 46 -41.89 -18.04 6.09
C GLU D 46 -42.99 -18.14 5.03
N TRP D 47 -44.08 -18.82 5.34
CA TRP D 47 -45.21 -18.90 4.40
C TRP D 47 -45.84 -17.54 4.19
N VAL D 48 -46.21 -17.24 2.94
CA VAL D 48 -46.74 -15.92 2.65
C VAL D 48 -48.18 -15.94 2.16
N SER D 49 -48.45 -16.75 1.15
CA SER D 49 -49.82 -16.79 0.61
C SER D 49 -50.09 -18.06 -0.19
N SER D 50 -51.37 -18.39 -0.37
CA SER D 50 -51.84 -19.57 -1.04
C SER D 50 -53.12 -19.32 -1.85
N ILE D 51 -53.13 -19.89 -3.04
CA ILE D 51 -54.34 -19.87 -3.88
C ILE D 51 -54.64 -21.29 -4.37
N TRP D 52 -55.90 -21.69 -4.25
CA TRP D 52 -56.31 -23.00 -4.72
C TRP D 52 -56.35 -22.99 -6.25
N TYR D 53 -56.46 -24.17 -6.83
CA TYR D 53 -56.47 -24.35 -8.27
C TYR D 53 -57.46 -23.46 -9.02
N SER D 54 -58.63 -23.20 -8.42
CA SER D 54 -59.71 -22.51 -9.12
C SER D 54 -59.60 -20.99 -9.03
N GLY D 55 -58.49 -20.47 -8.52
CA GLY D 55 -58.28 -19.04 -8.41
C GLY D 55 -58.98 -18.43 -7.20
N SER D 56 -59.97 -19.15 -6.70
CA SER D 56 -60.69 -18.83 -5.49
C SER D 56 -59.88 -19.30 -4.28
N ASN D 57 -60.37 -18.99 -3.10
CA ASN D 57 -59.86 -19.38 -1.79
C ASN D 57 -58.40 -19.00 -1.59
N THR D 58 -58.14 -17.71 -1.40
CA THR D 58 -56.76 -17.29 -1.16
C THR D 58 -56.50 -17.13 0.33
N TYR D 59 -55.34 -17.57 0.83
CA TYR D 59 -55.01 -17.31 2.22
C TYR D 59 -53.71 -16.48 2.28
N TYR D 60 -53.50 -15.78 3.38
CA TYR D 60 -52.39 -14.89 3.64
C TYR D 60 -51.85 -15.05 5.05
N ALA D 61 -50.55 -14.74 5.20
CA ALA D 61 -49.97 -14.64 6.53
C ALA D 61 -50.52 -13.36 7.17
N ASP D 62 -50.74 -13.37 8.48
CA ASP D 62 -51.26 -12.16 9.12
C ASP D 62 -50.34 -10.98 8.83
N SER D 63 -49.04 -11.24 8.82
CA SER D 63 -48.07 -10.18 8.57
C SER D 63 -48.29 -9.49 7.23
N VAL D 64 -48.90 -10.13 6.24
CA VAL D 64 -49.06 -9.43 4.96
C VAL D 64 -50.53 -9.22 4.60
N LYS D 65 -51.43 -9.83 5.36
CA LYS D 65 -52.86 -9.78 5.05
C LYS D 65 -53.33 -8.34 4.92
N GLY D 66 -54.15 -8.08 3.90
CA GLY D 66 -54.60 -6.72 3.61
C GLY D 66 -53.66 -5.96 2.70
N ARG D 67 -52.41 -6.43 2.59
CA ARG D 67 -51.41 -5.70 1.82
C ARG D 67 -51.00 -6.40 0.53
N PHE D 68 -50.98 -7.72 0.57
CA PHE D 68 -50.60 -8.53 -0.58
C PHE D 68 -51.84 -9.13 -1.25
N THR D 69 -51.79 -9.35 -2.54
CA THR D 69 -52.73 -10.17 -3.24
C THR D 69 -52.05 -11.24 -4.08
N ILE D 70 -52.44 -12.50 -3.88
CA ILE D 70 -51.94 -13.59 -4.71
C ILE D 70 -53.00 -13.93 -5.75
N SER D 71 -52.61 -14.15 -7.00
CA SER D 71 -53.62 -14.65 -7.95
C SER D 71 -52.94 -15.50 -9.01
N ARG D 72 -53.69 -15.99 -10.00
CA ARG D 72 -53.04 -16.80 -11.04
C ARG D 72 -53.71 -16.59 -12.38
N ASP D 73 -53.01 -16.87 -13.47
CA ASP D 73 -53.65 -16.93 -14.77
C ASP D 73 -53.40 -18.31 -15.37
N ASN D 74 -54.34 -19.22 -15.17
CA ASN D 74 -54.24 -20.59 -15.67
C ASN D 74 -54.02 -20.70 -17.16
N SER D 75 -54.25 -19.63 -17.89
CA SER D 75 -54.07 -19.52 -19.32
C SER D 75 -52.65 -19.19 -19.68
N LYS D 76 -51.88 -18.52 -18.84
CA LYS D 76 -50.48 -18.21 -19.12
C LYS D 76 -49.56 -19.14 -18.30
N ASN D 77 -50.18 -19.97 -17.50
CA ASN D 77 -49.59 -20.86 -16.52
C ASN D 77 -48.71 -20.10 -15.54
N THR D 78 -49.32 -19.04 -14.99
CA THR D 78 -48.60 -18.06 -14.21
C THR D 78 -49.31 -17.71 -12.90
N LEU D 79 -48.55 -17.62 -11.84
CA LEU D 79 -48.89 -17.16 -10.51
C LEU D 79 -48.39 -15.74 -10.28
N TYR D 80 -49.12 -14.94 -9.53
CA TYR D 80 -48.73 -13.57 -9.24
C TYR D 80 -48.79 -13.27 -7.75
N LEU D 81 -48.03 -12.25 -7.36
CA LEU D 81 -48.13 -11.70 -6.03
C LEU D 81 -48.07 -10.17 -6.14
N GLN D 82 -49.21 -9.57 -5.79
CA GLN D 82 -49.25 -8.13 -5.72
C GLN D 82 -48.90 -7.67 -4.30
N MET D 83 -47.90 -6.81 -4.20
CA MET D 83 -47.39 -6.34 -2.92
C MET D 83 -47.47 -4.82 -2.82
N ASN D 84 -48.26 -4.29 -1.90
CA ASN D 84 -48.43 -2.85 -1.74
C ASN D 84 -48.11 -2.42 -0.32
N SER D 85 -47.87 -1.13 -0.11
CA SER D 85 -47.60 -0.66 1.25
C SER D 85 -46.43 -1.42 1.87
N LEU D 86 -45.43 -1.68 1.04
CA LEU D 86 -44.35 -2.59 1.48
C LEU D 86 -43.63 -2.00 2.68
N ARG D 87 -43.09 -2.87 3.52
CA ARG D 87 -42.34 -2.53 4.71
C ARG D 87 -40.93 -3.12 4.67
N ALA D 88 -40.03 -2.50 5.41
CA ALA D 88 -38.63 -2.94 5.36
C ALA D 88 -38.56 -4.43 5.68
N GLU D 89 -39.38 -4.87 6.62
CA GLU D 89 -39.44 -6.27 6.99
C GLU D 89 -39.99 -7.17 5.87
N ASP D 90 -40.39 -6.62 4.72
CA ASP D 90 -40.84 -7.50 3.65
C ASP D 90 -39.66 -7.89 2.75
N THR D 91 -38.50 -7.32 3.08
CA THR D 91 -37.25 -7.67 2.43
C THR D 91 -36.99 -9.17 2.59
N ALA D 92 -36.95 -9.84 1.44
CA ALA D 92 -36.75 -11.27 1.45
C ALA D 92 -36.59 -11.79 0.02
N VAL D 93 -36.09 -13.04 0.00
CA VAL D 93 -36.15 -13.77 -1.26
C VAL D 93 -37.50 -14.47 -1.32
N TYR D 94 -38.30 -14.16 -2.34
CA TYR D 94 -39.63 -14.75 -2.47
C TYR D 94 -39.57 -15.94 -3.41
N TYR D 95 -40.02 -17.08 -2.93
CA TYR D 95 -40.13 -18.28 -3.73
C TYR D 95 -41.58 -18.60 -4.06
N CYS D 96 -41.83 -18.96 -5.32
CA CYS D 96 -43.13 -19.59 -5.56
C CYS D 96 -42.90 -21.11 -5.50
N ALA D 97 -43.92 -21.84 -5.08
CA ALA D 97 -43.84 -23.29 -4.95
C ALA D 97 -45.19 -23.94 -5.20
N ARG D 98 -45.11 -25.14 -5.81
CA ARG D 98 -46.33 -25.91 -6.01
C ARG D 98 -46.71 -26.57 -4.69
N PHE D 99 -47.98 -26.38 -4.31
CA PHE D 99 -48.48 -27.05 -3.11
C PHE D 99 -49.33 -28.26 -3.48
N ALA D 100 -48.87 -29.45 -3.10
CA ALA D 100 -49.51 -30.71 -3.47
C ALA D 100 -50.17 -31.36 -2.27
N GLY D 101 -50.07 -30.70 -1.11
CA GLY D 101 -50.74 -31.24 0.07
C GLY D 101 -50.32 -32.64 0.40
N GLY D 102 -51.27 -33.51 0.76
CA GLY D 102 -51.07 -34.93 0.93
C GLY D 102 -50.27 -35.60 -0.17
N TRP D 103 -50.12 -35.03 -1.36
CA TRP D 103 -49.40 -35.70 -2.44
C TRP D 103 -47.98 -35.17 -2.62
N GLY D 104 -47.53 -34.31 -1.71
CA GLY D 104 -46.16 -33.84 -1.85
C GLY D 104 -45.75 -32.58 -1.14
N ALA D 105 -46.60 -31.90 -0.39
CA ALA D 105 -46.23 -30.61 0.22
C ALA D 105 -45.69 -29.65 -0.83
N TYR D 106 -44.60 -28.94 -0.52
CA TYR D 106 -43.98 -28.06 -1.52
C TYR D 106 -43.03 -28.90 -2.36
N ASP D 107 -43.54 -29.51 -3.44
CA ASP D 107 -42.63 -30.44 -4.13
C ASP D 107 -41.92 -29.78 -5.28
N VAL D 108 -42.38 -28.61 -5.71
CA VAL D 108 -41.68 -27.89 -6.78
C VAL D 108 -41.44 -26.45 -6.33
N TRP D 109 -40.19 -26.03 -6.40
CA TRP D 109 -39.79 -24.71 -5.96
C TRP D 109 -39.17 -23.90 -7.11
N GLY D 110 -39.50 -22.61 -7.15
CA GLY D 110 -38.85 -21.71 -8.10
C GLY D 110 -37.44 -21.37 -7.63
N GLN D 111 -36.73 -20.51 -8.33
CA GLN D 111 -35.35 -20.21 -7.96
C GLN D 111 -35.30 -19.04 -6.99
N GLY D 112 -36.43 -18.34 -6.86
CA GLY D 112 -36.50 -17.24 -5.90
C GLY D 112 -36.33 -15.90 -6.59
N THR D 113 -36.99 -14.85 -6.09
CA THR D 113 -36.66 -13.50 -6.60
C THR D 113 -36.50 -12.57 -5.42
N LEU D 114 -35.55 -11.65 -5.50
CA LEU D 114 -35.22 -10.82 -4.34
C LEU D 114 -36.06 -9.53 -4.30
N VAL D 115 -36.58 -9.27 -3.12
CA VAL D 115 -37.31 -8.04 -2.88
C VAL D 115 -36.57 -7.25 -1.82
N THR D 116 -36.17 -6.02 -2.15
CA THR D 116 -35.58 -5.21 -1.08
C THR D 116 -36.43 -3.96 -0.86
N VAL D 117 -36.83 -3.76 0.38
CA VAL D 117 -37.59 -2.59 0.79
C VAL D 117 -36.76 -1.74 1.72
N SER D 118 -36.35 -0.56 1.27
CA SER D 118 -35.47 0.30 2.05
C SER D 118 -35.45 1.73 1.52
N SER D 119 -35.31 2.70 2.39
CA SER D 119 -35.25 4.10 2.00
C SER D 119 -33.88 4.46 1.47
N ALA D 120 -32.94 3.52 1.58
CA ALA D 120 -31.57 3.88 1.17
C ALA D 120 -31.45 3.98 -0.35
N SER D 121 -30.67 4.95 -0.82
CA SER D 121 -30.44 5.11 -2.24
C SER D 121 -29.28 4.22 -2.71
N THR D 122 -29.37 3.74 -3.94
CA THR D 122 -28.29 3.02 -4.60
C THR D 122 -27.03 3.85 -4.52
N LYS D 123 -25.92 3.24 -4.10
CA LYS D 123 -24.68 3.97 -3.90
C LYS D 123 -23.50 3.03 -4.09
N GLY D 124 -22.49 3.46 -4.83
CA GLY D 124 -21.26 2.69 -5.00
C GLY D 124 -20.44 2.69 -3.72
N PRO D 125 -19.58 1.69 -3.55
CA PRO D 125 -18.84 1.60 -2.29
C PRO D 125 -17.57 2.44 -2.30
N SER D 126 -17.05 2.66 -1.11
CA SER D 126 -15.71 3.22 -0.96
C SER D 126 -14.77 2.05 -0.68
N VAL D 127 -13.59 2.03 -1.27
CA VAL D 127 -12.72 0.87 -1.09
C VAL D 127 -11.45 1.28 -0.36
N PHE D 128 -11.19 0.67 0.78
CA PHE D 128 -10.02 1.02 1.58
C PHE D 128 -9.09 -0.19 1.70
N PRO D 129 -7.79 0.03 1.75
CA PRO D 129 -6.86 -1.10 1.87
C PRO D 129 -6.91 -1.73 3.25
N LEU D 130 -6.62 -3.01 3.35
CA LEU D 130 -6.41 -3.69 4.63
C LEU D 130 -4.94 -4.11 4.54
N ALA D 131 -4.08 -3.20 4.99
CA ALA D 131 -2.66 -3.26 4.67
C ALA D 131 -1.93 -4.29 5.53
N PRO D 132 -1.03 -5.02 4.89
CA PRO D 132 -0.28 -6.08 5.58
C PRO D 132 0.64 -5.53 6.67
N GLY D 139 8.34 -15.89 9.36
CA GLY D 139 6.91 -16.08 9.57
C GLY D 139 6.31 -17.01 8.53
N GLY D 140 6.25 -16.50 7.31
CA GLY D 140 5.84 -17.26 6.15
C GLY D 140 4.70 -16.57 5.43
N THR D 141 3.72 -16.12 6.22
CA THR D 141 2.42 -15.70 5.74
C THR D 141 1.95 -14.36 6.28
N ALA D 142 1.54 -13.49 5.36
CA ALA D 142 0.95 -12.22 5.75
C ALA D 142 -0.48 -12.12 5.24
N ALA D 143 -1.35 -11.42 5.97
CA ALA D 143 -2.70 -11.20 5.47
C ALA D 143 -2.88 -9.76 5.02
N LEU D 144 -3.62 -9.59 3.93
CA LEU D 144 -3.98 -8.26 3.46
C LEU D 144 -5.39 -8.28 2.90
N GLY D 145 -5.97 -7.11 2.59
CA GLY D 145 -7.29 -7.19 2.02
C GLY D 145 -7.81 -5.85 1.55
N CYS D 146 -9.11 -5.83 1.31
CA CYS D 146 -9.82 -4.62 0.94
C CYS D 146 -11.12 -4.56 1.72
N LEU D 147 -11.38 -3.39 2.27
CA LEU D 147 -12.63 -3.07 2.94
C LEU D 147 -13.53 -2.38 1.93
N VAL D 148 -14.65 -3.04 1.63
CA VAL D 148 -15.62 -2.44 0.72
C VAL D 148 -16.78 -1.93 1.57
N LYS D 149 -16.82 -0.61 1.71
CA LYS D 149 -17.72 0.01 2.65
C LYS D 149 -18.79 0.91 2.05
N ASP D 150 -20.00 0.76 2.60
CA ASP D 150 -21.11 1.63 2.33
C ASP D 150 -21.54 1.63 0.87
N TYR D 151 -21.88 0.47 0.36
CA TYR D 151 -22.58 0.34 -0.91
C TYR D 151 -24.04 -0.09 -0.68
N PHE D 152 -24.83 -0.02 -1.75
CA PHE D 152 -26.24 -0.41 -1.66
C PHE D 152 -26.86 -0.45 -3.05
N PRO D 153 -27.64 -1.46 -3.36
CA PRO D 153 -27.86 -2.63 -2.51
C PRO D 153 -26.80 -3.69 -2.79
N GLU D 154 -27.02 -4.92 -2.36
CA GLU D 154 -26.14 -6.03 -2.74
C GLU D 154 -26.34 -6.27 -4.24
N PRO D 155 -25.45 -6.94 -4.93
CA PRO D 155 -24.21 -7.48 -4.37
C PRO D 155 -23.01 -6.69 -4.87
N VAL D 156 -21.84 -7.04 -4.37
CA VAL D 156 -20.59 -6.55 -4.93
C VAL D 156 -19.75 -7.75 -5.34
N THR D 157 -18.92 -7.60 -6.37
CA THR D 157 -17.96 -8.66 -6.69
C THR D 157 -16.56 -8.18 -6.35
N VAL D 158 -15.74 -9.05 -5.76
CA VAL D 158 -14.35 -8.65 -5.53
C VAL D 158 -13.39 -9.70 -6.08
N SER D 159 -12.49 -9.28 -6.99
CA SER D 159 -11.44 -10.22 -7.38
C SER D 159 -10.09 -9.64 -6.96
N TRP D 160 -9.02 -10.42 -7.12
CA TRP D 160 -7.69 -9.94 -6.77
C TRP D 160 -6.76 -10.11 -7.97
N ASN D 161 -6.05 -9.05 -8.32
CA ASN D 161 -5.12 -9.12 -9.47
C ASN D 161 -5.86 -9.65 -10.70
N SER D 162 -7.04 -9.09 -10.90
CA SER D 162 -7.88 -9.34 -12.06
C SER D 162 -8.19 -10.82 -12.25
N GLY D 163 -8.17 -11.58 -11.17
CA GLY D 163 -8.55 -12.97 -11.21
C GLY D 163 -7.38 -13.92 -11.08
N ALA D 164 -6.15 -13.43 -11.21
CA ALA D 164 -4.98 -14.32 -11.12
C ALA D 164 -4.75 -14.76 -9.68
N LEU D 165 -5.23 -14.02 -8.68
CA LEU D 165 -5.06 -14.49 -7.30
C LEU D 165 -6.35 -15.09 -6.77
N THR D 166 -6.42 -16.38 -6.51
CA THR D 166 -7.64 -16.96 -5.96
C THR D 166 -7.38 -17.81 -4.73
N SER D 167 -6.20 -18.45 -4.68
CA SER D 167 -5.89 -19.29 -3.53
C SER D 167 -5.78 -18.44 -2.27
N GLY D 168 -6.34 -18.91 -1.16
CA GLY D 168 -6.26 -18.26 0.13
C GLY D 168 -7.15 -17.05 0.30
N VAL D 169 -7.97 -16.72 -0.70
CA VAL D 169 -8.84 -15.55 -0.64
C VAL D 169 -10.09 -15.80 0.19
N HIS D 170 -10.45 -14.88 1.07
CA HIS D 170 -11.76 -14.99 1.71
C HIS D 170 -12.55 -13.69 1.54
N THR D 171 -13.62 -13.72 0.77
CA THR D 171 -14.47 -12.53 0.66
C THR D 171 -15.69 -12.79 1.55
N PHE D 172 -15.78 -11.99 2.61
CA PHE D 172 -16.81 -12.21 3.59
C PHE D 172 -18.19 -11.81 3.09
N PRO D 173 -19.22 -12.48 3.61
CA PRO D 173 -20.60 -12.05 3.34
C PRO D 173 -20.82 -10.63 3.83
N ALA D 174 -21.53 -9.82 3.04
CA ALA D 174 -21.77 -8.45 3.43
C ALA D 174 -22.57 -8.37 4.73
N VAL D 175 -22.32 -7.30 5.48
CA VAL D 175 -23.14 -7.00 6.67
C VAL D 175 -23.93 -5.73 6.43
N LEU D 176 -25.21 -5.72 6.80
CA LEU D 176 -25.97 -4.47 6.70
C LEU D 176 -25.62 -3.60 7.90
N GLN D 177 -24.98 -2.44 7.68
CA GLN D 177 -24.61 -1.60 8.81
C GLN D 177 -25.80 -0.85 9.38
N SER D 178 -25.64 -0.19 10.51
CA SER D 178 -26.72 0.55 11.19
C SER D 178 -27.11 1.80 10.43
N SER D 179 -26.37 2.10 9.36
CA SER D 179 -26.68 3.16 8.41
C SER D 179 -27.63 2.68 7.33
N GLY D 180 -27.85 1.38 7.24
CA GLY D 180 -28.69 0.87 6.15
C GLY D 180 -27.84 0.63 4.92
N LEU D 181 -26.53 0.84 5.05
CA LEU D 181 -25.60 0.57 3.96
C LEU D 181 -24.86 -0.72 4.22
N TYR D 182 -24.47 -1.45 3.18
CA TYR D 182 -23.70 -2.68 3.37
C TYR D 182 -22.19 -2.40 3.50
N SER D 183 -21.49 -3.37 4.06
CA SER D 183 -20.05 -3.38 4.13
C SER D 183 -19.52 -4.82 4.05
N LEU D 184 -18.39 -4.93 3.36
CA LEU D 184 -17.75 -6.25 3.24
C LEU D 184 -16.23 -6.08 3.30
N SER D 185 -15.56 -7.14 3.74
CA SER D 185 -14.11 -7.21 3.66
C SER D 185 -13.76 -8.43 2.81
N SER D 186 -12.72 -8.29 2.01
CA SER D 186 -12.08 -9.34 1.25
C SER D 186 -10.60 -9.39 1.66
N VAL D 187 -10.17 -10.56 2.08
CA VAL D 187 -8.82 -10.75 2.63
C VAL D 187 -8.10 -11.91 1.94
N VAL D 188 -6.78 -11.89 1.99
CA VAL D 188 -5.97 -12.88 1.30
C VAL D 188 -4.72 -13.15 2.14
N THR D 189 -4.38 -14.44 2.23
CA THR D 189 -3.10 -14.71 2.93
C THR D 189 -2.06 -15.03 1.85
N VAL D 190 -0.88 -14.48 2.00
CA VAL D 190 0.20 -14.59 1.04
C VAL D 190 1.54 -14.65 1.75
N PRO D 191 2.58 -15.18 1.12
CA PRO D 191 3.88 -15.29 1.80
C PRO D 191 4.41 -13.91 2.17
N SER D 192 5.01 -13.75 3.34
CA SER D 192 5.56 -12.42 3.63
C SER D 192 6.63 -12.06 2.60
N SER D 193 7.26 -13.06 2.01
CA SER D 193 8.21 -12.87 0.92
C SER D 193 7.57 -12.25 -0.32
N SER D 194 6.25 -12.31 -0.45
CA SER D 194 5.59 -11.70 -1.61
C SER D 194 5.50 -10.18 -1.44
N LEU D 195 5.62 -9.70 -0.21
CA LEU D 195 5.41 -8.28 -0.01
C LEU D 195 6.32 -7.37 -0.79
N GLY D 196 7.62 -7.53 -1.03
CA GLY D 196 8.33 -6.57 -1.85
C GLY D 196 8.50 -6.99 -3.30
N THR D 197 7.73 -7.98 -3.74
CA THR D 197 7.81 -8.47 -5.11
C THR D 197 6.46 -8.36 -5.80
N GLN D 198 5.45 -9.00 -5.21
CA GLN D 198 4.18 -9.08 -5.92
C GLN D 198 3.28 -7.88 -5.64
N THR D 199 2.67 -7.36 -6.69
CA THR D 199 1.70 -6.28 -6.58
C THR D 199 0.31 -6.82 -6.24
N TYR D 200 -0.34 -6.19 -5.26
CA TYR D 200 -1.66 -6.69 -4.87
C TYR D 200 -2.75 -5.63 -5.05
N ILE D 201 -3.73 -5.99 -5.86
CA ILE D 201 -4.81 -5.08 -6.20
C ILE D 201 -6.15 -5.81 -6.13
N CYS D 202 -7.07 -5.28 -5.34
CA CYS D 202 -8.41 -5.87 -5.36
C CYS D 202 -9.25 -5.11 -6.38
N ASN D 203 -10.04 -5.83 -7.15
CA ASN D 203 -10.95 -5.29 -8.14
C ASN D 203 -12.38 -5.46 -7.63
N VAL D 204 -13.05 -4.35 -7.45
CA VAL D 204 -14.37 -4.26 -6.86
C VAL D 204 -15.34 -3.73 -7.92
N ASN D 205 -16.44 -4.44 -8.09
CA ASN D 205 -17.47 -4.06 -9.05
C ASN D 205 -18.86 -4.01 -8.40
N HIS D 206 -19.53 -2.87 -8.51
CA HIS D 206 -20.89 -2.70 -8.03
C HIS D 206 -21.79 -2.32 -9.21
N LYS D 207 -22.31 -3.33 -9.89
CA LYS D 207 -23.15 -3.04 -11.05
C LYS D 207 -24.39 -2.24 -10.74
N PRO D 208 -25.12 -2.47 -9.66
CA PRO D 208 -26.22 -1.56 -9.29
C PRO D 208 -25.88 -0.08 -9.37
N SER D 209 -24.62 0.33 -9.21
CA SER D 209 -24.34 1.75 -9.33
C SER D 209 -23.35 1.96 -10.48
N ASN D 210 -23.18 0.87 -11.23
CA ASN D 210 -22.24 0.86 -12.34
C ASN D 210 -20.85 1.26 -11.87
N THR D 211 -20.45 0.77 -10.70
CA THR D 211 -19.22 1.20 -10.06
C THR D 211 -18.08 0.19 -10.16
N LYS D 212 -16.94 0.65 -10.64
CA LYS D 212 -15.74 -0.19 -10.76
C LYS D 212 -14.59 0.46 -10.02
N VAL D 213 -14.01 -0.26 -9.06
CA VAL D 213 -12.86 0.30 -8.35
C VAL D 213 -11.78 -0.77 -8.26
N ASP D 214 -10.57 -0.32 -8.43
CA ASP D 214 -9.34 -1.09 -8.28
C ASP D 214 -8.51 -0.44 -7.18
N LYS D 215 -8.22 -1.17 -6.10
CA LYS D 215 -7.44 -0.59 -5.01
C LYS D 215 -6.15 -1.34 -4.72
N LYS D 216 -5.03 -0.66 -4.86
CA LYS D 216 -3.74 -1.28 -4.61
C LYS D 216 -3.48 -1.35 -3.11
N VAL D 217 -3.16 -2.54 -2.63
CA VAL D 217 -2.94 -2.72 -1.20
C VAL D 217 -1.46 -2.92 -0.93
N GLU D 218 -0.80 -1.94 -0.34
CA GLU D 218 0.62 -2.09 -0.04
C GLU D 218 0.87 -1.97 1.46
N PRO D 219 1.92 -2.65 1.94
CA PRO D 219 2.39 -2.49 3.31
C PRO D 219 2.75 -1.05 3.64
N ASP E 1 48.22 4.35 -9.87
CA ASP E 1 48.62 4.27 -8.46
C ASP E 1 47.88 3.13 -7.78
N ILE E 2 47.30 3.31 -6.59
CA ILE E 2 46.47 2.22 -6.07
C ILE E 2 45.00 2.60 -6.25
N VAL E 3 44.34 1.90 -7.16
CA VAL E 3 42.92 2.07 -7.46
C VAL E 3 42.02 1.40 -6.43
N LEU E 4 41.12 2.20 -5.83
CA LEU E 4 40.21 1.61 -4.86
C LEU E 4 38.79 1.58 -5.44
N THR E 5 38.21 0.38 -5.49
CA THR E 5 36.85 0.33 -6.03
C THR E 5 35.87 -0.13 -4.96
N GLN E 6 34.89 0.71 -4.65
CA GLN E 6 33.91 0.38 -3.63
C GLN E 6 32.64 -0.23 -4.21
N SER E 7 32.09 -1.18 -3.47
CA SER E 7 30.86 -1.88 -3.76
C SER E 7 30.00 -2.07 -2.51
N PRO E 8 28.68 -1.99 -2.68
CA PRO E 8 28.11 -1.56 -3.96
C PRO E 8 28.07 -0.04 -3.98
N ALA E 9 27.68 0.52 -5.13
CA ALA E 9 27.60 1.98 -5.22
C ALA E 9 26.56 2.48 -4.22
N THR E 10 25.49 1.70 -4.13
CA THR E 10 24.37 2.02 -3.26
C THR E 10 23.93 0.82 -2.44
N LEU E 11 23.67 1.08 -1.18
CA LEU E 11 23.13 0.12 -0.22
C LEU E 11 21.80 0.69 0.27
N SER E 12 20.72 -0.02 0.04
CA SER E 12 19.38 0.43 0.42
C SER E 12 18.89 -0.35 1.62
N LEU E 13 18.77 0.28 2.79
CA LEU E 13 18.56 -0.50 4.00
C LEU E 13 17.65 0.20 5.00
N SER E 14 17.19 -0.53 6.01
CA SER E 14 16.38 0.00 7.08
C SER E 14 17.18 0.10 8.37
N PRO E 15 16.87 1.07 9.22
CA PRO E 15 17.56 1.16 10.52
C PRO E 15 17.43 -0.19 11.24
N GLY E 16 18.48 -0.59 11.92
CA GLY E 16 18.44 -1.86 12.64
C GLY E 16 19.05 -2.97 11.82
N GLU E 17 19.08 -2.73 10.52
CA GLU E 17 19.68 -3.70 9.62
C GLU E 17 21.20 -3.56 9.59
N ARG E 18 21.86 -4.61 9.12
CA ARG E 18 23.30 -4.61 8.99
C ARG E 18 23.73 -3.99 7.66
N ALA E 19 24.89 -3.33 7.62
CA ALA E 19 25.41 -2.90 6.32
C ALA E 19 26.82 -3.43 6.11
N THR E 20 27.09 -3.93 4.91
CA THR E 20 28.41 -4.39 4.52
C THR E 20 28.86 -3.63 3.28
N LEU E 21 29.95 -2.88 3.45
CA LEU E 21 30.52 -2.04 2.40
C LEU E 21 31.84 -2.65 1.95
N SER E 22 32.05 -2.74 0.63
CA SER E 22 33.31 -3.36 0.19
C SER E 22 34.25 -2.33 -0.45
N CYS E 23 35.53 -2.47 -0.12
CA CYS E 23 36.57 -1.66 -0.75
C CYS E 23 37.65 -2.59 -1.29
N ARG E 24 37.78 -2.66 -2.61
CA ARG E 24 38.78 -3.58 -3.19
C ARG E 24 39.88 -2.81 -3.86
N ALA E 25 41.14 -3.21 -3.67
CA ALA E 25 42.28 -2.39 -4.11
C ALA E 25 42.97 -3.03 -5.30
N SER E 26 43.48 -2.18 -6.20
CA SER E 26 44.09 -2.76 -7.41
C SER E 26 45.39 -3.50 -7.10
N GLN E 27 46.06 -3.17 -6.00
CA GLN E 27 47.20 -3.95 -5.53
C GLN E 27 47.21 -3.94 -4.00
N SER E 28 47.86 -4.92 -3.39
CA SER E 28 47.93 -5.06 -1.94
C SER E 28 48.25 -3.74 -1.25
N VAL E 29 47.55 -3.46 -0.15
CA VAL E 29 47.74 -2.20 0.56
C VAL E 29 48.71 -2.40 1.72
N SER E 30 49.94 -1.91 1.56
CA SER E 30 51.02 -2.15 2.50
C SER E 30 50.60 -1.84 3.92
N SER E 31 50.90 -2.73 4.85
CA SER E 31 50.68 -2.53 6.28
C SER E 31 49.22 -2.23 6.62
N ASN E 32 48.34 -2.54 5.70
CA ASN E 32 46.90 -2.33 5.77
C ASN E 32 46.58 -0.91 6.19
N TYR E 33 47.31 -0.02 5.54
CA TYR E 33 47.17 1.43 5.63
C TYR E 33 45.94 1.87 4.83
N LEU E 34 44.79 1.50 5.37
CA LEU E 34 43.48 1.75 4.81
C LEU E 34 42.51 2.30 5.85
N ALA E 35 41.81 3.37 5.49
CA ALA E 35 40.85 4.04 6.36
C ALA E 35 39.49 4.17 5.67
N TRP E 36 38.49 4.47 6.47
CA TRP E 36 37.09 4.67 6.11
C TRP E 36 36.55 5.98 6.68
N TYR E 37 35.86 6.75 5.85
CA TYR E 37 35.20 7.98 6.25
C TYR E 37 33.70 7.94 5.89
N GLN E 38 32.96 8.73 6.64
CA GLN E 38 31.53 8.97 6.49
C GLN E 38 31.34 10.44 6.13
N GLN E 39 30.44 10.77 5.18
CA GLN E 39 30.25 12.16 4.85
C GLN E 39 28.78 12.45 4.50
N LYS E 40 28.29 13.51 5.14
CA LYS E 40 26.92 13.91 4.89
C LYS E 40 26.90 15.18 4.04
N PRO E 41 25.79 15.40 3.34
CA PRO E 41 25.71 16.52 2.40
C PRO E 41 26.10 17.83 3.08
N GLY E 42 27.00 18.56 2.39
CA GLY E 42 27.43 19.84 2.90
C GLY E 42 28.34 19.73 4.10
N GLN E 43 28.69 18.51 4.53
CA GLN E 43 29.67 18.41 5.60
C GLN E 43 31.00 17.79 5.11
N ALA E 44 32.00 18.04 5.94
CA ALA E 44 33.34 17.50 5.84
C ALA E 44 33.35 16.00 6.07
N PRO E 45 34.28 15.28 5.46
CA PRO E 45 34.40 13.85 5.76
C PRO E 45 34.74 13.73 7.26
N ARG E 46 34.46 12.59 7.84
CA ARG E 46 34.70 12.28 9.24
C ARG E 46 35.23 10.86 9.41
N LEU E 47 36.35 10.74 10.12
CA LEU E 47 37.05 9.46 10.26
C LEU E 47 36.26 8.44 11.05
N LEU E 48 36.11 7.22 10.52
CA LEU E 48 35.49 6.20 11.36
C LEU E 48 36.49 5.13 11.76
N ILE E 49 37.27 4.69 10.78
CA ILE E 49 38.14 3.53 10.94
C ILE E 49 39.48 3.82 10.29
N TYR E 50 40.58 3.43 10.91
CA TYR E 50 41.90 3.53 10.26
C TYR E 50 42.70 2.26 10.50
N ASP E 51 43.82 2.14 9.79
CA ASP E 51 44.67 0.95 9.87
C ASP E 51 43.84 -0.29 9.64
N SER E 52 42.88 -0.15 8.73
CA SER E 52 41.95 -1.20 8.38
C SER E 52 40.88 -1.53 9.42
N SER E 53 41.22 -1.46 10.70
CA SER E 53 40.33 -2.03 11.71
C SER E 53 40.32 -1.27 13.03
N SER E 54 41.01 -0.15 13.12
CA SER E 54 41.04 0.57 14.39
C SER E 54 39.93 1.63 14.39
N ARG E 55 39.12 1.62 15.43
CA ARG E 55 38.00 2.59 15.45
C ARG E 55 38.51 3.95 15.87
N ALA E 56 38.17 5.02 15.18
CA ALA E 56 38.65 6.33 15.65
C ALA E 56 37.94 6.68 16.96
N THR E 57 38.51 7.63 17.69
CA THR E 57 37.95 8.07 18.95
C THR E 57 36.49 8.45 18.80
N GLY E 58 35.67 8.03 19.76
CA GLY E 58 34.27 8.41 19.79
C GLY E 58 33.39 7.75 18.76
N VAL E 59 33.91 6.81 17.97
CA VAL E 59 33.07 6.16 16.96
C VAL E 59 32.30 5.01 17.58
N PRO E 60 31.00 4.90 17.35
CA PRO E 60 30.23 3.75 17.86
C PRO E 60 30.75 2.37 17.53
N ALA E 61 30.52 1.45 18.48
CA ALA E 61 31.14 0.14 18.28
C ALA E 61 30.48 -0.61 17.14
N ARG E 62 29.36 -0.11 16.64
CA ARG E 62 28.65 -0.79 15.55
C ARG E 62 29.41 -0.72 14.24
N PHE E 63 30.36 0.21 14.16
CA PHE E 63 31.23 0.34 13.00
C PHE E 63 32.49 -0.50 13.22
N SER E 64 32.75 -1.41 12.30
CA SER E 64 34.01 -2.16 12.45
C SER E 64 34.62 -2.36 11.08
N GLY E 65 35.96 -2.34 11.04
CA GLY E 65 36.63 -2.54 9.76
C GLY E 65 37.46 -3.82 9.81
N SER E 66 37.54 -4.47 8.66
CA SER E 66 38.39 -5.64 8.55
C SER E 66 39.02 -5.74 7.16
N GLY E 67 39.85 -6.77 6.98
CA GLY E 67 40.40 -6.99 5.65
C GLY E 67 41.89 -6.70 5.66
N SER E 68 42.53 -7.13 4.59
CA SER E 68 43.97 -6.97 4.47
C SER E 68 44.30 -7.19 3.01
N GLY E 69 45.50 -6.80 2.60
CA GLY E 69 45.85 -7.03 1.20
C GLY E 69 45.14 -6.10 0.25
N THR E 70 44.13 -6.62 -0.43
CA THR E 70 43.34 -5.90 -1.40
C THR E 70 41.84 -5.99 -1.12
N ASP E 71 41.40 -6.80 -0.16
CA ASP E 71 39.98 -6.90 0.14
C ASP E 71 39.66 -6.37 1.53
N PHE E 72 38.94 -5.25 1.56
CA PHE E 72 38.64 -4.59 2.83
C PHE E 72 37.14 -4.48 3.04
N THR E 73 36.67 -4.44 4.31
CA THR E 73 35.22 -4.25 4.45
C THR E 73 34.94 -3.36 5.65
N LEU E 74 33.93 -2.51 5.51
CA LEU E 74 33.41 -1.76 6.64
C LEU E 74 32.06 -2.37 7.01
N THR E 75 31.86 -2.70 8.30
CA THR E 75 30.59 -3.26 8.72
C THR E 75 29.92 -2.38 9.76
N ILE E 76 28.64 -2.08 9.48
CA ILE E 76 27.77 -1.43 10.46
C ILE E 76 26.81 -2.51 10.93
N SER E 77 27.00 -3.01 12.14
CA SER E 77 26.24 -4.21 12.53
C SER E 77 24.74 -3.95 12.63
N SER E 78 24.35 -2.71 12.92
CA SER E 78 22.92 -2.40 13.04
C SER E 78 22.69 -0.93 12.76
N LEU E 79 22.09 -0.58 11.62
CA LEU E 79 22.05 0.83 11.22
C LEU E 79 21.18 1.71 12.12
N GLU E 80 21.72 2.86 12.48
CA GLU E 80 21.02 3.95 13.15
C GLU E 80 20.65 5.00 12.10
N PRO E 81 19.61 5.80 12.35
CA PRO E 81 19.19 6.80 11.37
C PRO E 81 20.34 7.72 10.96
N GLU E 82 21.17 8.08 11.92
CA GLU E 82 22.28 8.98 11.60
C GLU E 82 23.35 8.33 10.72
N ASP E 83 23.23 7.05 10.40
CA ASP E 83 24.26 6.37 9.63
C ASP E 83 24.01 6.36 8.13
N PHE E 84 22.86 6.87 7.69
CA PHE E 84 22.63 6.95 6.26
C PHE E 84 23.45 8.10 5.70
N ALA E 85 24.42 7.77 4.86
CA ALA E 85 25.43 8.74 4.46
C ALA E 85 26.16 8.21 3.24
N VAL E 86 27.22 8.88 2.83
CA VAL E 86 28.15 8.30 1.86
C VAL E 86 29.41 7.84 2.62
N TYR E 87 30.01 6.74 2.23
CA TYR E 87 31.16 6.19 2.95
C TYR E 87 32.31 6.05 1.95
N TYR E 88 33.49 6.52 2.30
CA TYR E 88 34.61 6.45 1.38
C TYR E 88 35.73 5.62 2.01
N CYS E 89 36.44 4.85 1.18
CA CYS E 89 37.66 4.20 1.68
C CYS E 89 38.88 4.95 1.15
N HIS E 90 40.04 4.73 1.77
CA HIS E 90 41.20 5.59 1.53
C HIS E 90 42.49 4.84 1.79
N GLN E 91 43.40 4.72 0.83
CA GLN E 91 44.68 4.07 1.16
C GLN E 91 45.75 5.14 1.37
N TYR E 92 46.61 4.98 2.38
CA TYR E 92 47.72 5.91 2.58
C TYR E 92 49.02 5.15 2.76
N SER E 93 49.14 4.00 2.12
CA SER E 93 50.24 3.06 2.14
C SER E 93 51.41 3.42 1.22
N ASP E 94 51.34 4.54 0.51
CA ASP E 94 52.39 4.95 -0.41
C ASP E 94 52.41 6.46 -0.53
N ILE E 95 52.97 7.01 -1.62
CA ILE E 95 53.13 8.47 -1.58
C ILE E 95 52.11 9.16 -2.47
N SER E 96 51.17 8.39 -2.99
CA SER E 96 50.13 8.93 -3.86
C SER E 96 48.75 8.55 -3.33
N PRO E 97 48.27 9.31 -2.36
CA PRO E 97 47.03 8.94 -1.67
C PRO E 97 45.89 8.77 -2.67
N THR E 98 45.07 7.74 -2.54
CA THR E 98 43.90 7.60 -3.39
C THR E 98 42.68 7.35 -2.51
N PHE E 99 41.51 7.41 -3.13
CA PHE E 99 40.23 7.18 -2.48
C PHE E 99 39.35 6.30 -3.36
N GLY E 100 38.41 5.61 -2.75
CA GLY E 100 37.36 4.92 -3.52
C GLY E 100 36.27 5.91 -3.86
N GLN E 101 35.34 5.50 -4.72
CA GLN E 101 34.39 6.43 -5.29
C GLN E 101 33.15 6.59 -4.43
N GLY E 102 33.17 5.94 -3.28
CA GLY E 102 32.15 6.04 -2.27
C GLY E 102 31.00 5.08 -2.47
N THR E 103 30.39 4.68 -1.37
CA THR E 103 29.17 3.94 -1.22
C THR E 103 28.18 4.79 -0.40
N LYS E 104 27.04 5.01 -1.03
CA LYS E 104 25.92 5.66 -0.38
C LYS E 104 25.07 4.64 0.34
N VAL E 105 24.87 4.87 1.63
CA VAL E 105 23.90 4.06 2.37
C VAL E 105 22.62 4.91 2.50
N GLU E 106 21.56 4.45 1.87
CA GLU E 106 20.26 5.09 1.76
C GLU E 106 19.18 4.29 2.51
N ILE E 107 18.15 4.99 2.94
CA ILE E 107 17.00 4.43 3.62
C ILE E 107 16.07 3.69 2.67
N LYS E 108 15.87 2.40 2.95
CA LYS E 108 15.00 1.61 2.08
C LYS E 108 13.52 1.83 2.45
N ARG E 109 12.68 1.86 1.44
CA ARG E 109 11.25 2.09 1.60
C ARG E 109 10.51 1.31 0.54
N THR E 110 9.18 1.25 0.61
CA THR E 110 8.36 0.58 -0.38
C THR E 110 8.57 1.21 -1.76
N VAL E 111 8.40 0.41 -2.81
CA VAL E 111 8.36 0.92 -4.17
C VAL E 111 7.31 2.04 -4.27
N ALA E 112 7.69 3.10 -4.95
CA ALA E 112 6.84 4.23 -5.23
C ALA E 112 7.11 4.77 -6.63
N ALA E 113 6.29 4.44 -7.62
CA ALA E 113 6.43 5.03 -8.94
C ALA E 113 6.22 6.54 -8.86
N PRO E 114 6.88 7.31 -9.72
CA PRO E 114 6.69 8.76 -9.64
C PRO E 114 5.39 9.21 -10.29
N SER E 115 4.93 10.37 -9.84
CA SER E 115 3.96 11.14 -10.59
C SER E 115 4.73 11.88 -11.68
N VAL E 116 4.27 11.83 -12.92
CA VAL E 116 4.94 12.47 -14.03
C VAL E 116 4.18 13.67 -14.56
N PHE E 117 4.89 14.77 -14.74
CA PHE E 117 4.35 16.04 -15.22
C PHE E 117 5.21 16.60 -16.35
N ILE E 118 4.60 17.16 -17.40
CA ILE E 118 5.42 17.85 -18.40
C ILE E 118 4.99 19.30 -18.52
N PHE E 119 5.94 20.23 -18.65
CA PHE E 119 5.61 21.65 -18.83
C PHE E 119 6.20 22.19 -20.12
N PRO E 120 5.40 22.71 -21.03
CA PRO E 120 5.98 23.33 -22.24
C PRO E 120 6.72 24.60 -21.88
N PRO E 121 7.47 25.17 -22.82
CA PRO E 121 8.13 26.44 -22.49
C PRO E 121 7.07 27.51 -22.29
N SER E 122 7.39 28.53 -21.51
CA SER E 122 6.51 29.69 -21.48
C SER E 122 6.67 30.49 -22.77
N ASP E 123 5.63 31.24 -23.12
CA ASP E 123 5.69 32.24 -24.16
C ASP E 123 6.68 33.33 -23.76
N GLU E 124 6.77 33.58 -22.46
CA GLU E 124 7.77 34.54 -21.97
C GLU E 124 9.19 34.19 -22.40
N GLN E 125 9.55 32.92 -22.28
CA GLN E 125 10.91 32.50 -22.61
C GLN E 125 11.13 32.45 -24.12
N LEU E 126 10.12 31.95 -24.82
CA LEU E 126 9.99 31.86 -26.25
C LEU E 126 10.23 33.18 -26.96
N LYS E 127 10.19 34.31 -26.27
CA LYS E 127 10.62 35.55 -26.90
C LYS E 127 12.15 35.60 -26.87
N SER E 128 12.78 34.94 -25.92
CA SER E 128 14.21 35.04 -25.66
C SER E 128 15.06 34.25 -26.64
N GLY E 129 14.48 33.39 -27.47
CA GLY E 129 15.21 32.60 -28.43
C GLY E 129 15.44 31.14 -28.10
N THR E 130 15.19 30.80 -26.82
CA THR E 130 15.32 29.41 -26.39
C THR E 130 14.00 28.84 -25.92
N ALA E 131 13.91 27.51 -25.89
CA ALA E 131 12.81 26.80 -25.28
C ALA E 131 13.35 25.72 -24.34
N SER E 132 12.90 25.80 -23.09
CA SER E 132 13.13 24.74 -22.12
C SER E 132 11.86 23.89 -21.97
N VAL E 133 12.02 22.58 -22.07
CA VAL E 133 10.93 21.63 -21.83
C VAL E 133 11.24 20.86 -20.56
N VAL E 134 10.34 20.97 -19.57
CA VAL E 134 10.68 20.32 -18.30
C VAL E 134 9.72 19.17 -18.02
N CYS E 135 10.33 18.04 -17.73
CA CYS E 135 9.67 16.83 -17.28
C CYS E 135 9.98 16.63 -15.79
N LEU E 136 8.94 16.46 -14.99
CA LEU E 136 9.08 16.19 -13.58
C LEU E 136 8.68 14.75 -13.26
N LEU E 137 9.52 14.09 -12.48
CA LEU E 137 9.14 12.84 -11.84
C LEU E 137 8.99 13.01 -10.34
N ASN E 138 7.77 12.81 -9.84
CA ASN E 138 7.54 13.15 -8.44
C ASN E 138 7.49 11.96 -7.48
N ASN E 139 8.24 12.13 -6.40
CA ASN E 139 8.33 11.27 -5.25
C ASN E 139 8.29 9.79 -5.61
N PHE E 140 9.39 9.31 -6.14
CA PHE E 140 9.48 7.89 -6.45
C PHE E 140 10.55 7.25 -5.56
N TYR E 141 10.53 5.95 -5.51
CA TYR E 141 11.54 5.08 -4.91
C TYR E 141 11.42 3.73 -5.61
N PRO E 142 12.51 3.06 -5.98
CA PRO E 142 13.89 3.51 -5.71
C PRO E 142 14.40 4.54 -6.73
N ARG E 143 15.63 5.04 -6.56
CA ARG E 143 16.08 6.22 -7.31
C ARG E 143 16.25 5.97 -8.79
N GLU E 144 16.48 4.72 -9.14
CA GLU E 144 16.77 4.33 -10.51
C GLU E 144 15.57 4.66 -11.41
N ALA E 145 15.80 5.54 -12.38
CA ALA E 145 14.69 6.05 -13.18
C ALA E 145 15.16 6.30 -14.61
N LYS E 146 14.32 5.90 -15.56
CA LYS E 146 14.70 6.05 -16.96
C LYS E 146 13.77 7.06 -17.63
N VAL E 147 14.34 8.16 -18.12
CA VAL E 147 13.54 9.22 -18.71
C VAL E 147 14.08 9.54 -20.10
N GLN E 148 13.30 9.30 -21.14
CA GLN E 148 13.71 9.64 -22.49
C GLN E 148 12.84 10.79 -23.00
N TRP E 149 13.41 11.63 -23.84
CA TRP E 149 12.62 12.65 -24.51
C TRP E 149 12.33 12.20 -25.92
N LYS E 150 11.07 12.35 -26.33
CA LYS E 150 10.76 12.08 -27.74
C LYS E 150 10.07 13.30 -28.33
N VAL E 151 10.54 13.73 -29.49
CA VAL E 151 9.98 14.90 -30.14
C VAL E 151 9.49 14.52 -31.54
N ASP E 152 8.18 14.57 -31.75
CA ASP E 152 7.63 14.06 -33.02
C ASP E 152 8.03 12.59 -33.15
N ASN E 153 8.10 11.93 -32.01
CA ASN E 153 8.34 10.51 -31.81
C ASN E 153 9.76 10.09 -32.13
N ALA E 154 10.69 11.03 -32.20
CA ALA E 154 12.08 10.73 -32.47
C ALA E 154 12.89 10.84 -31.19
N LEU E 155 13.60 9.79 -30.79
CA LEU E 155 14.23 9.85 -29.47
C LEU E 155 15.31 10.92 -29.43
N GLN E 156 15.39 11.68 -28.35
CA GLN E 156 16.37 12.78 -28.27
C GLN E 156 17.68 12.36 -27.59
N SER E 157 18.80 12.88 -28.08
CA SER E 157 20.07 12.53 -27.47
C SER E 157 21.01 13.71 -27.31
N GLY E 158 21.60 13.84 -26.13
CA GLY E 158 22.55 14.89 -25.84
C GLY E 158 21.97 16.25 -25.58
N ASN E 159 20.64 16.42 -25.56
CA ASN E 159 20.14 17.78 -25.38
C ASN E 159 19.27 17.96 -24.15
N SER E 160 19.46 17.15 -23.12
CA SER E 160 18.73 17.38 -21.87
C SER E 160 19.62 17.19 -20.66
N GLN E 161 19.26 17.81 -19.53
CA GLN E 161 19.98 17.56 -18.28
C GLN E 161 19.02 17.16 -17.17
N GLU E 162 19.43 16.21 -16.34
CA GLU E 162 18.67 15.78 -15.18
C GLU E 162 19.23 16.41 -13.89
N SER E 163 18.33 16.57 -12.92
CA SER E 163 18.66 17.09 -11.60
C SER E 163 17.87 16.24 -10.60
N VAL E 164 18.44 15.92 -9.44
CA VAL E 164 17.75 15.02 -8.53
C VAL E 164 17.77 15.58 -7.12
N THR E 165 16.70 15.30 -6.36
CA THR E 165 16.75 15.75 -4.97
C THR E 165 17.44 14.68 -4.14
N GLU E 166 17.81 15.08 -2.92
CA GLU E 166 18.23 14.15 -1.88
C GLU E 166 16.99 13.43 -1.37
N GLN E 167 17.10 12.25 -0.80
CA GLN E 167 15.92 11.57 -0.27
C GLN E 167 15.13 12.47 0.68
N ASP E 168 13.81 12.54 0.52
CA ASP E 168 13.02 13.34 1.44
C ASP E 168 12.99 12.77 2.85
N SER E 169 13.24 13.70 3.77
CA SER E 169 13.29 13.41 5.19
C SER E 169 12.01 12.72 5.67
N LYS E 170 10.89 13.04 5.03
CA LYS E 170 9.58 12.61 5.48
C LYS E 170 9.15 11.28 4.87
N ASP E 171 9.32 11.12 3.57
CA ASP E 171 8.82 9.89 2.94
C ASP E 171 9.90 9.15 2.18
N SER E 172 11.13 9.65 2.27
CA SER E 172 12.24 8.82 1.81
C SER E 172 12.23 8.62 0.31
N THR E 173 11.50 9.49 -0.42
CA THR E 173 11.39 9.35 -1.85
C THR E 173 12.37 10.28 -2.57
N TYR E 174 12.53 10.07 -3.87
CA TYR E 174 13.26 11.01 -4.68
C TYR E 174 12.31 11.70 -5.66
N SER E 175 12.79 12.84 -6.12
CA SER E 175 12.17 13.58 -7.21
C SER E 175 13.28 13.94 -8.18
N LEU E 176 12.89 14.16 -9.44
CA LEU E 176 13.88 14.34 -10.49
C LEU E 176 13.37 15.26 -11.58
N SER E 177 14.12 16.29 -11.97
CA SER E 177 13.71 17.03 -13.16
C SER E 177 14.55 16.61 -14.36
N SER E 178 13.91 16.51 -15.52
CA SER E 178 14.60 16.40 -16.79
C SER E 178 14.17 17.56 -17.68
N THR E 179 15.18 18.34 -18.10
CA THR E 179 14.96 19.50 -18.93
C THR E 179 15.58 19.32 -20.31
N LEU E 180 14.73 19.41 -21.33
CA LEU E 180 15.12 19.41 -22.73
C LEU E 180 15.31 20.84 -23.22
N THR E 181 16.48 21.20 -23.70
CA THR E 181 16.77 22.54 -24.22
C THR E 181 16.89 22.47 -25.74
N LEU E 182 16.20 23.36 -26.42
CA LEU E 182 16.20 23.55 -27.84
C LEU E 182 16.09 25.03 -28.17
N SER E 183 16.56 25.42 -29.36
CA SER E 183 16.32 26.76 -29.87
C SER E 183 14.84 26.90 -30.22
N LYS E 184 14.35 28.13 -30.16
CA LYS E 184 12.95 28.38 -30.54
C LYS E 184 12.75 27.89 -31.96
N ALA E 185 13.71 28.16 -32.85
CA ALA E 185 13.66 27.61 -34.20
C ALA E 185 13.47 26.10 -34.15
N ASP E 186 14.33 25.40 -33.40
CA ASP E 186 14.19 23.94 -33.41
C ASP E 186 12.91 23.47 -32.75
N TYR E 187 12.55 24.16 -31.68
CA TYR E 187 11.28 23.92 -31.01
C TYR E 187 10.08 24.03 -31.93
N GLU E 188 10.01 25.09 -32.74
CA GLU E 188 8.83 25.37 -33.55
C GLU E 188 8.81 24.53 -34.82
N LYS E 189 9.84 23.71 -34.99
CA LYS E 189 9.86 22.79 -36.12
C LYS E 189 9.16 21.48 -35.80
N HIS E 190 8.72 21.30 -34.54
CA HIS E 190 8.14 19.99 -34.22
C HIS E 190 6.80 20.18 -33.53
N LYS E 191 5.98 19.14 -33.39
CA LYS E 191 4.68 19.40 -32.76
C LYS E 191 4.55 18.70 -31.42
N VAL E 192 4.85 17.39 -31.42
CA VAL E 192 4.65 16.58 -30.25
C VAL E 192 5.91 16.45 -29.38
N TYR E 193 5.76 16.86 -28.12
CA TYR E 193 6.81 16.69 -27.12
C TYR E 193 6.37 15.71 -26.05
N ALA E 194 7.16 14.64 -25.92
CA ALA E 194 6.85 13.60 -24.96
C ALA E 194 8.05 13.26 -24.08
N CYS E 195 7.76 12.95 -22.84
CA CYS E 195 8.71 12.46 -21.86
C CYS E 195 8.28 11.06 -21.47
N GLU E 196 9.04 10.06 -21.89
CA GLU E 196 8.80 8.66 -21.60
C GLU E 196 9.62 8.16 -20.41
N VAL E 197 8.93 7.69 -19.40
CA VAL E 197 9.50 7.33 -18.11
C VAL E 197 9.33 5.85 -17.77
N THR E 198 10.48 5.25 -17.44
CA THR E 198 10.59 3.90 -16.92
C THR E 198 11.00 3.93 -15.45
N HIS E 199 10.56 2.92 -14.70
CA HIS E 199 10.84 2.83 -13.29
C HIS E 199 10.35 1.47 -12.80
N GLN E 200 10.88 0.98 -11.70
CA GLN E 200 10.36 -0.18 -11.00
C GLN E 200 8.88 -0.05 -10.68
N GLY E 201 8.43 1.14 -10.31
CA GLY E 201 7.05 1.34 -9.92
C GLY E 201 6.03 1.19 -11.04
N LEU E 202 6.51 1.11 -12.29
CA LEU E 202 5.62 1.12 -13.44
C LEU E 202 5.69 -0.15 -14.27
N SER E 203 4.53 -0.81 -14.39
CA SER E 203 4.43 -1.99 -15.23
C SER E 203 4.83 -1.69 -16.67
N SER E 204 4.55 -0.47 -17.08
CA SER E 204 4.62 0.03 -18.44
C SER E 204 5.09 1.48 -18.44
N PRO E 205 5.79 1.91 -19.48
CA PRO E 205 6.26 3.31 -19.52
C PRO E 205 5.08 4.25 -19.38
N VAL E 206 5.31 5.34 -18.66
CA VAL E 206 4.39 6.45 -18.61
C VAL E 206 4.87 7.56 -19.55
N THR E 207 3.95 8.02 -20.38
CA THR E 207 4.25 9.13 -21.25
C THR E 207 3.37 10.33 -20.91
N LYS E 208 3.98 11.47 -20.56
CA LYS E 208 3.24 12.73 -20.57
C LYS E 208 3.73 13.52 -21.78
N SER E 209 2.80 13.97 -22.58
CA SER E 209 3.12 14.72 -23.78
C SER E 209 2.25 15.96 -23.86
N PHE E 210 2.65 16.85 -24.75
CA PHE E 210 1.85 18.03 -25.11
C PHE E 210 2.06 18.30 -26.59
N ASN E 211 1.13 19.04 -27.19
CA ASN E 211 1.17 19.26 -28.63
C ASN E 211 1.38 20.74 -28.88
N ARG E 212 2.56 21.12 -29.37
CA ARG E 212 2.94 22.52 -29.48
C ARG E 212 1.88 23.31 -30.25
N GLY E 213 1.42 24.38 -29.66
CA GLY E 213 0.35 25.21 -30.19
C GLY E 213 -0.88 25.12 -29.29
N VAL F 2 40.41 19.70 18.65
CA VAL F 2 41.17 19.93 17.44
C VAL F 2 40.33 20.66 16.40
N GLN F 3 41.01 21.55 15.69
CA GLN F 3 40.23 22.36 14.74
C GLN F 3 41.12 22.89 13.62
N LEU F 4 40.57 22.93 12.42
CA LEU F 4 41.17 23.47 11.22
C LEU F 4 40.17 24.38 10.52
N VAL F 5 40.53 25.63 10.30
CA VAL F 5 39.60 26.56 9.64
C VAL F 5 40.13 27.09 8.33
N GLU F 6 39.56 26.65 7.19
CA GLU F 6 40.13 27.10 5.91
C GLU F 6 39.59 28.46 5.48
N SER F 7 40.41 29.13 4.69
CA SER F 7 40.26 30.46 4.17
C SER F 7 40.76 30.66 2.75
N GLY F 8 40.30 31.69 2.05
CA GLY F 8 40.87 32.12 0.79
C GLY F 8 40.25 31.67 -0.49
N GLY F 9 39.24 30.80 -0.43
CA GLY F 9 38.51 30.31 -1.58
C GLY F 9 37.73 31.42 -2.26
N GLY F 10 37.22 31.18 -3.48
CA GLY F 10 36.53 32.29 -4.13
C GLY F 10 36.23 32.06 -5.58
N LEU F 11 35.73 33.13 -6.22
CA LEU F 11 35.42 33.05 -7.65
C LEU F 11 36.62 33.54 -8.48
N VAL F 12 37.07 32.70 -9.40
CA VAL F 12 38.20 32.98 -10.26
C VAL F 12 37.88 32.81 -11.74
N GLN F 13 38.48 33.63 -12.61
CA GLN F 13 38.46 33.27 -14.03
C GLN F 13 39.64 32.34 -14.30
N PRO F 14 39.55 31.57 -15.36
CA PRO F 14 40.67 30.66 -15.72
C PRO F 14 41.96 31.46 -15.86
N GLY F 15 43.07 30.85 -15.47
CA GLY F 15 44.38 31.47 -15.36
C GLY F 15 44.51 32.31 -14.11
N GLY F 16 43.37 32.57 -13.45
CA GLY F 16 43.39 33.32 -12.22
C GLY F 16 44.12 32.61 -11.09
N SER F 17 44.38 33.30 -9.99
CA SER F 17 45.10 32.68 -8.89
C SER F 17 44.39 32.91 -7.56
N LEU F 18 44.59 31.98 -6.63
CA LEU F 18 43.97 32.08 -5.31
C LEU F 18 44.94 31.61 -4.25
N ARG F 19 44.91 32.15 -3.03
CA ARG F 19 45.77 31.57 -2.01
C ARG F 19 44.94 31.01 -0.85
N LEU F 20 44.95 29.67 -0.71
CA LEU F 20 44.20 29.11 0.40
C LEU F 20 44.97 29.08 1.71
N SER F 21 44.28 29.24 2.82
CA SER F 21 44.90 29.19 4.13
C SER F 21 44.11 28.25 5.04
N CYS F 22 44.86 27.58 5.92
CA CYS F 22 44.28 26.61 6.84
C CYS F 22 44.80 26.78 8.27
N ALA F 23 44.05 27.47 9.12
CA ALA F 23 44.43 27.72 10.51
C ALA F 23 44.10 26.56 11.44
N ALA F 24 45.14 26.04 12.08
CA ALA F 24 45.04 24.91 12.97
C ALA F 24 45.03 25.34 14.43
N SER F 25 44.29 24.62 15.27
CA SER F 25 44.36 24.82 16.72
C SER F 25 43.95 23.54 17.44
N GLY F 26 44.42 23.36 18.67
CA GLY F 26 44.02 22.17 19.41
C GLY F 26 44.93 20.97 19.30
N PHE F 27 46.08 21.09 18.64
CA PHE F 27 47.05 20.02 18.54
C PHE F 27 48.42 20.59 18.17
N THR F 28 49.43 19.71 18.17
CA THR F 28 50.77 20.08 17.78
C THR F 28 50.89 20.26 16.27
N PHE F 29 50.57 21.42 15.74
CA PHE F 29 50.64 21.58 14.29
C PHE F 29 52.04 21.29 13.76
N ARG F 30 53.06 21.81 14.45
CA ARG F 30 54.43 21.66 14.00
C ARG F 30 54.87 20.20 13.97
N ASN F 31 54.16 19.34 14.66
CA ASN F 31 54.50 17.92 14.69
C ASN F 31 53.58 17.10 13.78
N SER F 32 52.70 17.74 13.00
CA SER F 32 51.85 16.96 12.12
C SER F 32 52.05 17.29 10.64
N ALA F 33 52.05 16.25 9.82
CA ALA F 33 52.02 16.37 8.36
C ALA F 33 50.63 16.87 7.94
N MET F 34 50.56 17.73 6.94
CA MET F 34 49.30 18.38 6.59
C MET F 34 49.02 18.21 5.10
N HIS F 35 47.75 17.94 4.76
CA HIS F 35 47.42 17.67 3.37
C HIS F 35 46.22 18.52 2.91
N TRP F 36 46.12 18.64 1.59
CA TRP F 36 44.93 19.25 1.00
C TRP F 36 44.16 18.18 0.19
N VAL F 37 42.85 18.11 0.40
CA VAL F 37 41.99 17.10 -0.24
C VAL F 37 40.79 17.84 -0.84
N ARG F 38 40.40 17.53 -2.08
CA ARG F 38 39.31 18.36 -2.65
C ARG F 38 38.15 17.49 -3.12
N GLN F 39 37.03 18.17 -3.36
CA GLN F 39 35.79 17.53 -3.74
C GLN F 39 35.07 18.36 -4.79
N ALA F 40 35.12 17.88 -6.03
CA ALA F 40 34.34 18.58 -7.06
C ALA F 40 32.87 18.35 -6.82
N PRO F 41 32.01 19.28 -7.20
CA PRO F 41 30.57 19.16 -6.93
C PRO F 41 30.01 17.84 -7.43
N GLY F 42 29.34 17.11 -6.53
CA GLY F 42 28.75 15.84 -6.88
C GLY F 42 29.74 14.76 -7.24
N LYS F 43 31.01 14.91 -6.85
CA LYS F 43 31.98 13.83 -6.94
C LYS F 43 32.52 13.44 -5.56
N GLY F 44 33.44 12.47 -5.54
CA GLY F 44 34.07 12.04 -4.32
C GLY F 44 35.31 12.85 -3.94
N LEU F 45 36.03 12.34 -2.96
CA LEU F 45 37.26 12.90 -2.42
C LEU F 45 38.39 12.79 -3.42
N GLU F 46 39.21 13.84 -3.51
CA GLU F 46 40.40 13.78 -4.36
C GLU F 46 41.59 14.41 -3.64
N TRP F 47 42.60 13.59 -3.35
CA TRP F 47 43.79 14.13 -2.72
C TRP F 47 44.51 15.06 -3.69
N VAL F 48 44.93 16.22 -3.20
CA VAL F 48 45.61 17.20 -4.02
C VAL F 48 47.10 17.32 -3.70
N SER F 49 47.45 17.42 -2.42
CA SER F 49 48.85 17.66 -2.05
C SER F 49 49.10 17.41 -0.57
N SER F 50 50.33 17.13 -0.19
CA SER F 50 50.82 16.84 1.14
C SER F 50 52.12 17.60 1.47
N ILE F 51 52.35 17.88 2.74
CA ILE F 51 53.61 18.43 3.23
C ILE F 51 53.96 17.83 4.58
N TRP F 52 55.22 17.41 4.76
CA TRP F 52 55.67 16.85 6.03
C TRP F 52 55.77 17.92 7.11
N TYR F 53 56.05 17.52 8.35
CA TYR F 53 56.07 18.47 9.45
C TYR F 53 57.03 19.63 9.27
N SER F 54 58.11 19.39 8.54
CA SER F 54 59.25 20.28 8.44
C SER F 54 59.17 21.21 7.25
N GLY F 55 58.23 20.99 6.33
CA GLY F 55 58.15 21.83 5.15
C GLY F 55 58.73 21.13 3.93
N SER F 56 59.67 20.23 4.19
CA SER F 56 60.26 19.33 3.23
C SER F 56 59.22 18.41 2.60
N ASN F 57 59.63 17.55 1.71
CA ASN F 57 58.89 16.54 1.00
C ASN F 57 57.49 16.95 0.57
N THR F 58 57.37 17.92 -0.32
CA THR F 58 56.04 18.27 -0.83
C THR F 58 55.66 17.36 -1.99
N TYR F 59 54.44 16.86 -1.96
CA TYR F 59 53.92 15.97 -3.02
C TYR F 59 52.66 16.61 -3.58
N TYR F 60 52.34 16.29 -4.82
CA TYR F 60 51.19 16.85 -5.53
C TYR F 60 50.45 15.83 -6.39
N ALA F 61 49.16 16.05 -6.62
CA ALA F 61 48.45 15.24 -7.62
C ALA F 61 48.93 15.65 -9.02
N ASP F 62 49.03 14.69 -9.92
CA ASP F 62 49.47 14.95 -11.29
C ASP F 62 48.73 16.16 -11.86
N SER F 63 47.42 16.16 -11.62
CA SER F 63 46.57 17.23 -12.14
C SER F 63 47.01 18.60 -11.67
N VAL F 64 47.73 18.75 -10.55
CA VAL F 64 48.00 20.14 -10.15
C VAL F 64 49.48 20.48 -10.10
N LYS F 65 50.33 19.47 -10.22
CA LYS F 65 51.76 19.78 -10.17
C LYS F 65 52.12 20.79 -11.25
N GLY F 66 52.97 21.75 -10.88
CA GLY F 66 53.35 22.77 -11.84
C GLY F 66 52.50 24.01 -11.59
N ARG F 67 51.32 23.82 -11.00
CA ARG F 67 50.41 24.96 -10.83
C ARG F 67 50.15 25.31 -9.39
N PHE F 68 50.00 24.29 -8.56
CA PHE F 68 49.76 24.48 -7.14
C PHE F 68 51.05 24.29 -6.34
N THR F 69 51.25 25.08 -5.30
CA THR F 69 52.32 24.79 -4.35
C THR F 69 51.79 24.76 -2.92
N ILE F 70 52.09 23.69 -2.19
CA ILE F 70 51.71 23.61 -0.77
C ILE F 70 52.82 24.22 0.10
N SER F 71 52.48 24.98 1.13
CA SER F 71 53.54 25.40 2.06
C SER F 71 52.94 25.49 3.47
N ARG F 72 53.74 25.84 4.45
CA ARG F 72 53.22 25.96 5.81
C ARG F 72 53.99 27.06 6.53
N ASP F 73 53.32 27.66 7.51
CA ASP F 73 54.00 28.58 8.42
C ASP F 73 53.81 28.08 9.85
N ASN F 74 54.75 27.28 10.36
CA ASN F 74 54.49 26.78 11.72
C ASN F 74 54.34 27.89 12.74
N SER F 75 55.01 29.02 12.53
CA SER F 75 54.93 30.11 13.51
C SER F 75 53.51 30.68 13.57
N LYS F 76 52.74 30.43 12.50
CA LYS F 76 51.38 30.95 12.50
C LYS F 76 50.37 29.81 12.53
N ASN F 77 50.84 28.59 12.80
CA ASN F 77 49.98 27.41 12.84
C ASN F 77 49.16 27.27 11.57
N THR F 78 49.77 27.63 10.44
CA THR F 78 49.00 27.78 9.21
C THR F 78 49.60 26.98 8.05
N LEU F 79 48.68 26.34 7.34
CA LEU F 79 48.88 25.62 6.10
C LEU F 79 48.33 26.47 4.96
N TYR F 80 49.07 26.49 3.87
CA TYR F 80 48.69 27.23 2.68
C TYR F 80 48.68 26.35 1.43
N LEU F 81 47.88 26.83 0.48
CA LEU F 81 47.87 26.27 -0.87
C LEU F 81 47.90 27.44 -1.83
N GLN F 82 49.04 27.58 -2.53
CA GLN F 82 49.12 28.64 -3.52
C GLN F 82 48.57 28.09 -4.84
N MET F 83 47.50 28.74 -5.34
CA MET F 83 46.86 28.16 -6.52
C MET F 83 47.01 29.04 -7.74
N ASN F 84 47.85 28.63 -8.70
CA ASN F 84 48.09 29.47 -9.88
C ASN F 84 47.68 28.75 -11.16
N SER F 85 47.38 29.52 -12.21
CA SER F 85 47.04 28.90 -13.50
C SER F 85 45.79 28.03 -13.37
N LEU F 86 44.79 28.62 -12.72
CA LEU F 86 43.59 27.87 -12.32
C LEU F 86 42.74 27.51 -13.53
N ARG F 87 42.11 26.34 -13.47
CA ARG F 87 41.31 25.73 -14.50
C ARG F 87 39.92 25.38 -13.95
N ALA F 88 38.97 25.40 -14.87
CA ALA F 88 37.56 25.18 -14.55
C ALA F 88 37.41 23.96 -13.66
N GLU F 89 38.16 22.93 -14.02
CA GLU F 89 38.06 21.63 -13.36
C GLU F 89 38.73 21.63 -11.99
N ASP F 90 39.20 22.79 -11.55
CA ASP F 90 39.78 22.93 -10.23
C ASP F 90 38.70 23.40 -9.25
N THR F 91 37.52 23.66 -9.81
CA THR F 91 36.32 24.02 -9.05
C THR F 91 35.96 22.90 -8.10
N ALA F 92 36.06 23.19 -6.82
CA ALA F 92 35.86 22.17 -5.80
C ALA F 92 35.89 22.78 -4.40
N VAL F 93 35.41 22.00 -3.44
CA VAL F 93 35.55 22.35 -2.05
C VAL F 93 36.93 21.84 -1.61
N TYR F 94 37.75 22.75 -1.08
CA TYR F 94 39.07 22.31 -0.68
C TYR F 94 39.10 22.19 0.83
N TYR F 95 39.41 20.99 1.29
CA TYR F 95 39.55 20.65 2.68
C TYR F 95 41.02 20.56 3.09
N CYS F 96 41.43 21.15 4.20
CA CYS F 96 42.76 20.75 4.68
C CYS F 96 42.52 19.68 5.74
N ALA F 97 43.48 18.77 5.89
CA ALA F 97 43.33 17.74 6.90
C ALA F 97 44.68 17.31 7.47
N ARG F 98 44.68 17.05 8.77
CA ARG F 98 45.90 16.55 9.43
C ARG F 98 46.08 15.08 9.05
N PHE F 99 47.28 14.77 8.56
CA PHE F 99 47.53 13.38 8.18
C PHE F 99 48.33 12.69 9.27
N ALA F 100 47.78 11.66 9.89
CA ALA F 100 48.43 11.02 11.04
C ALA F 100 48.96 9.63 10.73
N GLY F 101 48.82 9.19 9.48
CA GLY F 101 49.34 7.91 9.06
C GLY F 101 48.86 6.76 9.90
N GLY F 102 49.75 5.84 10.30
CA GLY F 102 49.35 4.72 11.10
C GLY F 102 48.67 5.10 12.41
N TRP F 103 48.81 6.34 12.85
CA TRP F 103 48.16 6.78 14.07
C TRP F 103 46.82 7.47 13.81
N GLY F 104 46.35 7.50 12.56
CA GLY F 104 44.96 7.89 12.40
C GLY F 104 44.49 8.39 11.06
N ALA F 105 45.24 8.19 9.98
CA ALA F 105 44.86 8.68 8.67
C ALA F 105 44.43 10.14 8.71
N TYR F 106 43.36 10.50 8.00
CA TYR F 106 42.94 11.93 8.06
C TYR F 106 42.03 12.08 9.26
N ASP F 107 42.61 12.31 10.44
CA ASP F 107 41.72 12.25 11.62
C ASP F 107 41.18 13.64 11.95
N VAL F 108 41.75 14.69 11.36
CA VAL F 108 41.20 16.02 11.61
C VAL F 108 40.84 16.69 10.30
N TRP F 109 39.61 17.20 10.14
CA TRP F 109 39.24 17.79 8.87
C TRP F 109 38.81 19.25 8.99
N GLY F 110 39.13 20.06 7.99
CA GLY F 110 38.64 21.42 7.91
C GLY F 110 37.17 21.43 7.50
N GLN F 111 36.56 22.60 7.44
CA GLN F 111 35.15 22.69 7.04
C GLN F 111 35.04 22.78 5.54
N GLY F 112 36.18 23.05 4.90
CA GLY F 112 36.25 23.23 3.47
C GLY F 112 36.13 24.71 3.13
N THR F 113 36.64 25.09 1.97
CA THR F 113 36.45 26.41 1.38
C THR F 113 36.27 26.22 -0.12
N LEU F 114 35.25 26.84 -0.70
CA LEU F 114 34.95 26.48 -2.09
C LEU F 114 35.68 27.39 -3.09
N VAL F 115 36.26 26.75 -4.12
CA VAL F 115 36.90 27.68 -5.09
C VAL F 115 36.23 27.48 -6.44
N THR F 116 35.78 28.55 -7.09
CA THR F 116 35.06 28.37 -8.34
C THR F 116 35.83 29.09 -9.47
N VAL F 117 36.16 28.28 -10.47
CA VAL F 117 36.93 28.77 -11.60
C VAL F 117 36.03 28.88 -12.83
N SER F 118 35.76 30.11 -13.27
CA SER F 118 34.83 30.18 -14.41
C SER F 118 35.09 31.38 -15.32
N SER F 119 34.90 31.20 -16.62
CA SER F 119 35.05 32.31 -17.55
C SER F 119 33.86 33.25 -17.45
N ALA F 120 32.75 32.75 -16.95
CA ALA F 120 31.49 33.46 -16.82
C ALA F 120 31.55 34.71 -15.97
N SER F 121 30.72 35.70 -16.32
CA SER F 121 30.56 36.89 -15.50
C SER F 121 29.20 36.84 -14.80
N THR F 122 29.05 37.62 -13.75
CA THR F 122 27.84 37.85 -12.98
C THR F 122 26.63 37.97 -13.91
N LYS F 123 25.59 37.18 -13.63
CA LYS F 123 24.30 37.32 -14.30
C LYS F 123 23.18 36.85 -13.36
N GLY F 124 22.12 37.64 -13.25
CA GLY F 124 20.92 37.20 -12.54
C GLY F 124 20.10 36.29 -13.44
N PRO F 125 19.18 35.50 -12.89
CA PRO F 125 18.46 34.54 -13.72
C PRO F 125 17.32 35.21 -14.48
N SER F 126 16.77 34.50 -15.45
CA SER F 126 15.45 34.81 -15.98
C SER F 126 14.48 33.89 -15.24
N VAL F 127 13.29 34.35 -14.90
CA VAL F 127 12.33 33.50 -14.21
C VAL F 127 11.17 33.14 -15.13
N PHE F 128 10.94 31.84 -15.33
CA PHE F 128 9.88 31.40 -16.23
C PHE F 128 8.88 30.51 -15.50
N PRO F 129 7.59 30.72 -15.73
CA PRO F 129 6.57 29.87 -15.11
C PRO F 129 6.54 28.46 -15.71
N LEU F 130 6.29 27.51 -14.84
CA LEU F 130 6.03 26.11 -15.15
C LEU F 130 4.56 25.90 -14.81
N ALA F 131 3.69 26.01 -15.81
CA ALA F 131 2.28 26.31 -15.52
C ALA F 131 1.45 25.06 -15.25
N PRO F 132 0.72 25.11 -14.14
CA PRO F 132 -0.17 24.02 -13.73
C PRO F 132 -1.33 23.85 -14.71
N GLY F 139 -4.28 14.19 -10.92
CA GLY F 139 -5.71 13.88 -10.89
C GLY F 139 -6.45 14.83 -9.96
N GLY F 140 -6.20 14.68 -8.66
CA GLY F 140 -6.65 15.60 -7.63
C GLY F 140 -5.51 16.52 -7.20
N THR F 141 -4.35 16.25 -7.78
CA THR F 141 -3.10 16.96 -7.50
C THR F 141 -2.52 17.57 -8.77
N ALA F 142 -2.06 18.82 -8.65
CA ALA F 142 -1.45 19.48 -9.79
C ALA F 142 0.00 19.87 -9.45
N ALA F 143 0.78 20.08 -10.49
CA ALA F 143 2.15 20.54 -10.40
C ALA F 143 2.27 21.87 -11.13
N LEU F 144 3.10 22.72 -10.57
CA LEU F 144 3.49 23.99 -11.14
C LEU F 144 4.91 24.31 -10.70
N GLY F 145 5.52 25.37 -11.19
CA GLY F 145 6.85 25.70 -10.70
C GLY F 145 7.41 26.90 -11.44
N CYS F 146 8.66 27.23 -11.13
CA CYS F 146 9.32 28.29 -11.89
C CYS F 146 10.63 27.74 -12.44
N LEU F 147 10.98 28.12 -13.66
CA LEU F 147 12.28 27.82 -14.22
C LEU F 147 13.25 28.96 -13.89
N VAL F 148 14.27 28.64 -13.12
CA VAL F 148 15.25 29.67 -12.73
C VAL F 148 16.49 29.43 -13.59
N LYS F 149 16.59 30.18 -14.68
CA LYS F 149 17.56 29.83 -15.70
C LYS F 149 18.62 30.89 -15.97
N ASP F 150 19.81 30.44 -16.38
CA ASP F 150 20.85 31.33 -16.86
C ASP F 150 21.26 32.40 -15.87
N TYR F 151 21.74 32.01 -14.69
CA TYR F 151 22.27 33.00 -13.77
C TYR F 151 23.72 32.68 -13.44
N PHE F 152 24.43 33.55 -12.74
CA PHE F 152 25.82 33.27 -12.35
C PHE F 152 26.32 34.34 -11.38
N PRO F 153 27.03 33.99 -10.32
CA PRO F 153 27.27 32.61 -9.90
C PRO F 153 26.18 32.06 -9.00
N GLU F 154 26.37 30.82 -8.54
CA GLU F 154 25.58 30.31 -7.44
C GLU F 154 25.72 31.26 -6.25
N PRO F 155 24.74 31.29 -5.36
CA PRO F 155 23.50 30.53 -5.47
C PRO F 155 22.31 31.44 -5.70
N VAL F 156 21.16 30.80 -5.92
CA VAL F 156 19.89 31.54 -5.94
C VAL F 156 19.01 30.98 -4.86
N THR F 157 18.00 31.70 -4.38
CA THR F 157 17.10 31.01 -3.45
C THR F 157 15.69 31.08 -4.00
N VAL F 158 14.86 30.06 -3.73
CA VAL F 158 13.48 30.20 -4.19
C VAL F 158 12.51 29.88 -3.07
N SER F 159 11.55 30.78 -2.88
CA SER F 159 10.48 30.45 -1.93
C SER F 159 9.15 30.39 -2.67
N TRP F 160 8.16 29.79 -2.00
CA TRP F 160 6.81 29.85 -2.53
C TRP F 160 5.94 30.66 -1.56
N ASN F 161 5.17 31.57 -2.15
CA ASN F 161 4.24 32.41 -1.40
C ASN F 161 4.95 33.00 -0.18
N SER F 162 6.14 33.52 -0.50
CA SER F 162 7.01 34.21 0.43
C SER F 162 7.40 33.31 1.61
N GLY F 163 7.23 32.01 1.48
CA GLY F 163 7.66 31.08 2.51
C GLY F 163 6.50 30.33 3.12
N ALA F 164 5.28 30.85 2.96
CA ALA F 164 4.06 30.21 3.42
C ALA F 164 3.83 28.85 2.80
N LEU F 165 4.30 28.67 1.57
CA LEU F 165 4.13 27.36 0.93
C LEU F 165 5.43 26.57 0.96
N THR F 166 5.52 25.55 1.82
CA THR F 166 6.81 24.85 1.91
C THR F 166 6.64 23.35 1.70
N SER F 167 5.49 22.83 2.10
CA SER F 167 5.26 21.40 1.96
C SER F 167 4.90 21.07 0.52
N GLY F 168 5.42 19.98 -0.04
CA GLY F 168 5.20 19.57 -1.41
C GLY F 168 6.12 20.25 -2.40
N VAL F 169 6.99 21.11 -1.87
CA VAL F 169 7.94 21.87 -2.65
C VAL F 169 9.19 21.07 -2.91
N HIS F 170 9.65 21.02 -4.16
CA HIS F 170 11.02 20.56 -4.36
C HIS F 170 11.76 21.65 -5.15
N THR F 171 12.86 22.14 -4.57
CA THR F 171 13.72 23.02 -5.38
C THR F 171 14.93 22.19 -5.79
N PHE F 172 15.10 21.97 -7.10
CA PHE F 172 16.18 21.08 -7.51
C PHE F 172 17.57 21.71 -7.33
N PRO F 173 18.59 20.89 -7.24
CA PRO F 173 19.96 21.38 -7.28
C PRO F 173 20.24 22.01 -8.64
N ALA F 174 20.97 23.12 -8.66
CA ALA F 174 21.33 23.76 -9.91
C ALA F 174 22.02 22.80 -10.87
N VAL F 175 21.79 23.11 -12.15
CA VAL F 175 22.50 22.48 -13.24
C VAL F 175 23.47 23.49 -13.85
N LEU F 176 24.71 23.08 -14.09
CA LEU F 176 25.64 23.94 -14.82
C LEU F 176 25.47 23.69 -16.30
N GLN F 177 25.06 24.68 -17.09
CA GLN F 177 24.85 24.39 -18.51
C GLN F 177 26.13 24.61 -19.28
N SER F 178 26.22 24.11 -20.51
CA SER F 178 27.47 24.14 -21.28
C SER F 178 27.92 25.56 -21.61
N SER F 179 27.00 26.50 -21.43
CA SER F 179 27.20 27.93 -21.53
C SER F 179 27.93 28.50 -20.31
N GLY F 180 28.06 27.70 -19.27
CA GLY F 180 28.72 28.18 -18.05
C GLY F 180 27.75 28.88 -17.12
N LEU F 181 26.47 28.98 -17.52
CA LEU F 181 25.47 29.56 -16.63
C LEU F 181 24.67 28.44 -15.96
N TYR F 182 24.14 28.78 -14.79
CA TYR F 182 23.37 27.84 -13.99
C TYR F 182 21.88 27.94 -14.29
N SER F 183 21.21 26.84 -14.02
CA SER F 183 19.80 26.58 -14.29
C SER F 183 19.23 25.62 -13.24
N LEU F 184 18.06 25.99 -12.75
CA LEU F 184 17.36 25.19 -11.73
C LEU F 184 15.86 25.30 -11.95
N SER F 185 15.15 24.27 -11.51
CA SER F 185 13.68 24.39 -11.43
C SER F 185 13.26 24.28 -9.98
N SER F 186 12.19 24.97 -9.67
CA SER F 186 11.48 24.83 -8.41
C SER F 186 10.03 24.44 -8.72
N VAL F 187 9.56 23.37 -8.07
CA VAL F 187 8.19 22.90 -8.27
C VAL F 187 7.49 22.64 -6.95
N VAL F 188 6.18 22.67 -6.98
CA VAL F 188 5.24 22.42 -5.92
C VAL F 188 4.06 21.64 -6.49
N THR F 189 3.67 20.56 -5.81
CA THR F 189 2.40 19.94 -6.11
C THR F 189 1.30 20.64 -5.31
N VAL F 190 0.11 20.78 -5.89
CA VAL F 190 -0.98 21.41 -5.17
C VAL F 190 -2.31 20.79 -5.53
N PRO F 191 -3.35 21.03 -4.74
CA PRO F 191 -4.67 20.53 -5.17
C PRO F 191 -5.10 21.20 -6.47
N SER F 192 -5.58 20.45 -7.45
CA SER F 192 -6.16 21.10 -8.62
C SER F 192 -7.24 22.10 -8.24
N SER F 193 -7.95 21.85 -7.14
CA SER F 193 -9.03 22.76 -6.75
C SER F 193 -8.50 24.12 -6.30
N SER F 194 -7.20 24.20 -6.06
CA SER F 194 -6.57 25.49 -5.71
C SER F 194 -6.34 26.32 -6.97
N LEU F 195 -6.27 25.64 -8.12
CA LEU F 195 -6.08 26.41 -9.35
C LEU F 195 -7.33 27.24 -9.64
N GLY F 196 -7.12 28.55 -9.73
CA GLY F 196 -8.26 29.46 -9.89
C GLY F 196 -8.53 30.14 -8.55
N THR F 197 -8.28 29.42 -7.47
CA THR F 197 -8.47 29.93 -6.12
C THR F 197 -7.17 30.43 -5.49
N GLN F 198 -6.15 29.57 -5.41
CA GLN F 198 -4.96 30.01 -4.69
C GLN F 198 -3.95 30.69 -5.62
N THR F 199 -3.35 31.74 -5.09
CA THR F 199 -2.28 32.46 -5.79
C THR F 199 -0.94 31.78 -5.54
N TYR F 200 -0.24 31.39 -6.61
CA TYR F 200 1.08 30.78 -6.43
C TYR F 200 2.16 31.67 -7.02
N ILE F 201 3.11 32.03 -6.17
CA ILE F 201 4.19 32.92 -6.58
C ILE F 201 5.54 32.37 -6.16
N CYS F 202 6.48 32.32 -7.09
CA CYS F 202 7.82 31.89 -6.68
C CYS F 202 8.63 33.15 -6.40
N ASN F 203 9.35 33.16 -5.27
CA ASN F 203 10.22 34.30 -5.00
C ASN F 203 11.67 33.84 -5.18
N VAL F 204 12.31 34.41 -6.18
CA VAL F 204 13.66 34.03 -6.57
C VAL F 204 14.61 35.17 -6.21
N ASN F 205 15.67 34.79 -5.50
CA ASN F 205 16.65 35.77 -5.07
C ASN F 205 18.06 35.30 -5.42
N HIS F 206 18.79 36.17 -6.10
CA HIS F 206 20.19 36.02 -6.45
C HIS F 206 20.95 37.21 -5.86
N LYS F 207 21.42 37.01 -4.63
CA LYS F 207 22.20 38.04 -3.97
C LYS F 207 23.37 38.52 -4.83
N PRO F 208 24.23 37.66 -5.36
CA PRO F 208 25.36 38.12 -6.19
C PRO F 208 25.04 39.13 -7.28
N SER F 209 23.79 39.27 -7.71
CA SER F 209 23.55 40.20 -8.81
C SER F 209 22.55 41.26 -8.39
N ASN F 210 22.19 41.22 -7.11
CA ASN F 210 21.11 42.05 -6.60
C ASN F 210 19.81 41.72 -7.34
N THR F 211 19.51 40.43 -7.43
CA THR F 211 18.34 39.95 -8.14
C THR F 211 17.20 39.57 -7.19
N LYS F 212 16.04 40.19 -7.40
CA LYS F 212 14.84 39.70 -6.72
C LYS F 212 13.67 39.68 -7.71
N VAL F 213 13.20 38.48 -8.05
CA VAL F 213 12.07 38.44 -8.97
C VAL F 213 10.93 37.66 -8.32
N ASP F 214 9.73 38.17 -8.51
CA ASP F 214 8.51 37.56 -7.98
C ASP F 214 7.63 37.14 -9.14
N LYS F 215 7.43 35.83 -9.30
CA LYS F 215 6.78 35.36 -10.52
C LYS F 215 5.46 34.66 -10.21
N LYS F 216 4.40 35.25 -10.77
CA LYS F 216 3.07 34.67 -10.59
C LYS F 216 2.86 33.57 -11.63
N VAL F 217 2.60 32.37 -11.14
CA VAL F 217 2.32 31.22 -12.00
C VAL F 217 0.82 31.01 -12.15
N GLU F 218 0.28 31.28 -13.34
CA GLU F 218 -1.15 31.14 -13.51
C GLU F 218 -1.58 29.81 -14.14
N PRO F 219 -2.72 29.31 -13.68
CA PRO F 219 -3.28 28.08 -14.24
C PRO F 219 -3.67 28.29 -15.71
N ASP G 1 6.59 27.79 33.09
CA ASP G 1 5.89 26.85 33.95
C ASP G 1 5.42 27.49 35.25
N ILE G 2 4.93 28.72 35.15
CA ILE G 2 4.21 29.31 36.27
C ILE G 2 2.70 29.14 36.01
N VAL G 3 2.10 28.23 36.77
CA VAL G 3 0.66 28.00 36.71
C VAL G 3 -0.10 29.10 37.42
N LEU G 4 -1.02 29.67 36.64
CA LEU G 4 -1.92 30.71 37.10
C LEU G 4 -3.31 30.11 37.30
N THR G 5 -3.86 30.28 38.49
CA THR G 5 -5.21 29.71 38.67
C THR G 5 -6.22 30.80 39.01
N GLN G 6 -7.23 30.91 38.16
CA GLN G 6 -8.24 31.94 38.30
C GLN G 6 -9.50 31.41 39.00
N SER G 7 -10.04 32.22 39.88
CA SER G 7 -11.22 31.94 40.67
C SER G 7 -12.14 33.16 40.79
N PRO G 8 -13.45 32.93 40.81
CA PRO G 8 -14.02 31.63 40.48
C PRO G 8 -14.12 31.52 38.96
N ALA G 9 -14.70 30.45 38.45
CA ALA G 9 -14.87 30.22 37.03
C ALA G 9 -15.85 31.20 36.42
N THR G 10 -16.93 31.43 37.16
CA THR G 10 -17.96 32.38 36.79
C THR G 10 -18.34 33.23 38.00
N LEU G 11 -18.60 34.49 37.74
CA LEU G 11 -19.20 35.44 38.66
C LEU G 11 -20.52 35.92 38.06
N SER G 12 -21.64 35.68 38.72
CA SER G 12 -22.94 36.16 38.24
C SER G 12 -23.36 37.35 39.09
N LEU G 13 -23.41 38.52 38.48
CA LEU G 13 -23.53 39.78 39.18
C LEU G 13 -24.38 40.76 38.38
N SER G 14 -24.90 41.79 39.06
CA SER G 14 -25.67 42.84 38.44
C SER G 14 -24.83 44.11 38.28
N PRO G 15 -25.20 44.95 37.32
CA PRO G 15 -24.52 46.25 37.21
C PRO G 15 -24.64 46.93 38.57
N GLY G 16 -23.67 47.77 38.91
CA GLY G 16 -23.66 48.43 40.19
C GLY G 16 -22.99 47.59 41.27
N GLU G 17 -22.77 46.32 40.97
CA GLU G 17 -22.20 45.43 41.96
C GLU G 17 -20.68 45.38 41.88
N ARG G 18 -20.05 45.02 42.99
CA ARG G 18 -18.61 44.81 43.05
C ARG G 18 -18.22 43.42 42.57
N ALA G 19 -17.18 43.38 41.73
CA ALA G 19 -16.67 42.08 41.28
C ALA G 19 -15.22 41.93 41.73
N THR G 20 -14.88 40.78 42.26
CA THR G 20 -13.53 40.53 42.75
C THR G 20 -12.99 39.26 42.11
N LEU G 21 -11.96 39.40 41.29
CA LEU G 21 -11.45 38.24 40.55
C LEU G 21 -10.08 37.82 41.10
N SER G 22 -9.92 36.52 41.32
CA SER G 22 -8.66 35.98 41.81
C SER G 22 -7.80 35.34 40.73
N CYS G 23 -6.50 35.59 40.85
CA CYS G 23 -5.48 34.87 40.10
C CYS G 23 -4.39 34.39 41.06
N ARG G 24 -4.20 33.07 41.17
CA ARG G 24 -3.15 32.60 42.07
C ARG G 24 -2.03 31.90 41.30
N ALA G 25 -0.79 32.31 41.61
CA ALA G 25 0.39 31.81 40.91
C ALA G 25 1.07 30.69 41.68
N SER G 26 1.71 29.75 41.00
CA SER G 26 2.29 28.63 41.76
C SER G 26 3.65 28.97 42.36
N GLN G 27 4.27 30.03 41.89
CA GLN G 27 5.56 30.49 42.40
C GLN G 27 5.59 32.02 42.32
N SER G 28 6.40 32.68 43.13
CA SER G 28 6.41 34.14 43.19
C SER G 28 6.51 34.75 41.79
N VAL G 29 5.77 35.82 41.55
CA VAL G 29 5.80 36.43 40.21
C VAL G 29 6.79 37.58 40.20
N SER G 30 7.96 37.33 39.63
CA SER G 30 9.08 38.28 39.75
C SER G 30 8.69 39.67 39.27
N SER G 31 8.93 40.67 40.11
CA SER G 31 8.64 42.08 39.89
C SER G 31 7.17 42.39 39.70
N ASN G 32 6.24 41.56 40.15
CA ASN G 32 4.81 41.85 40.00
C ASN G 32 4.44 41.94 38.52
N TYR G 33 5.15 41.15 37.70
CA TYR G 33 4.97 41.19 36.26
C TYR G 33 3.73 40.40 35.89
N LEU G 34 2.58 40.98 36.26
CA LEU G 34 1.30 40.29 36.03
C LEU G 34 0.33 41.24 35.34
N ALA G 35 -0.40 40.70 34.35
CA ALA G 35 -1.39 41.56 33.70
C ALA G 35 -2.78 40.94 33.76
N TRP G 36 -3.79 41.79 33.54
CA TRP G 36 -5.18 41.37 33.36
C TRP G 36 -5.72 41.87 32.04
N TYR G 37 -6.48 41.01 31.37
CA TYR G 37 -7.14 41.36 30.12
C TYR G 37 -8.64 41.10 30.19
N GLN G 38 -9.37 41.86 29.39
CA GLN G 38 -10.78 41.63 29.14
C GLN G 38 -10.96 41.09 27.74
N GLN G 39 -11.82 40.11 27.50
CA GLN G 39 -12.11 39.66 26.15
C GLN G 39 -13.60 39.38 25.97
N LYS G 40 -14.18 39.95 24.93
CA LYS G 40 -15.58 39.74 24.58
C LYS G 40 -15.66 38.78 23.41
N PRO G 41 -16.80 38.12 23.25
CA PRO G 41 -16.93 37.11 22.19
C PRO G 41 -16.60 37.68 20.82
N GLY G 42 -15.76 36.96 20.09
CA GLY G 42 -15.37 37.34 18.75
C GLY G 42 -14.28 38.38 18.68
N GLN G 43 -13.87 39.01 19.78
CA GLN G 43 -12.87 40.06 19.67
C GLN G 43 -11.58 39.70 20.41
N ALA G 44 -10.56 40.53 20.19
CA ALA G 44 -9.24 40.33 20.79
C ALA G 44 -9.20 40.76 22.25
N PRO G 45 -8.25 40.24 23.01
CA PRO G 45 -8.08 40.69 24.40
C PRO G 45 -7.77 42.18 24.40
N ARG G 46 -8.07 42.84 25.50
CA ARG G 46 -7.77 44.23 25.75
C ARG G 46 -7.15 44.42 27.12
N LEU G 47 -5.99 45.07 27.17
CA LEU G 47 -5.32 45.29 28.45
C LEU G 47 -6.12 46.12 29.44
N LEU G 48 -6.16 45.67 30.69
CA LEU G 48 -6.74 46.48 31.74
C LEU G 48 -5.69 46.99 32.73
N ILE G 49 -4.89 46.05 33.24
CA ILE G 49 -3.95 46.28 34.32
C ILE G 49 -2.60 45.64 33.99
N TYR G 50 -1.47 46.24 34.35
CA TYR G 50 -0.17 45.57 34.20
C TYR G 50 0.65 45.81 35.47
N ASP G 51 1.73 45.05 35.66
CA ASP G 51 2.57 45.18 36.86
C ASP G 51 1.69 45.14 38.11
N SER G 52 0.75 44.22 38.06
CA SER G 52 -0.21 43.93 39.11
C SER G 52 -1.22 45.03 39.35
N SER G 53 -0.79 46.28 39.31
CA SER G 53 -1.60 47.36 39.86
C SER G 53 -1.61 48.64 39.05
N SER G 54 -0.94 48.68 37.89
CA SER G 54 -1.05 49.91 37.13
C SER G 54 -2.20 49.77 36.12
N ARG G 55 -3.07 50.77 36.04
CA ARG G 55 -4.18 50.78 35.09
C ARG G 55 -3.71 51.17 33.70
N ALA G 56 -4.19 50.50 32.65
CA ALA G 56 -3.77 50.87 31.30
C ALA G 56 -4.43 52.19 30.90
N THR G 57 -3.84 52.91 29.96
CA THR G 57 -4.45 54.14 29.50
C THR G 57 -5.90 53.96 29.10
N GLY G 58 -6.73 54.94 29.42
CA GLY G 58 -8.12 54.91 29.00
C GLY G 58 -8.97 53.93 29.76
N VAL G 59 -8.36 53.09 30.61
CA VAL G 59 -9.18 52.15 31.38
C VAL G 59 -9.84 52.88 32.53
N PRO G 60 -11.16 52.75 32.67
CA PRO G 60 -11.88 53.35 33.79
C PRO G 60 -11.27 53.08 35.18
N ALA G 61 -11.53 54.01 36.09
CA ALA G 61 -11.06 53.91 37.46
C ALA G 61 -11.66 52.76 38.24
N ARG G 62 -12.74 52.15 37.74
CA ARG G 62 -13.41 51.10 38.51
C ARG G 62 -12.64 49.79 38.45
N PHE G 63 -11.78 49.62 37.45
CA PHE G 63 -10.88 48.46 37.39
C PHE G 63 -9.63 48.70 38.22
N SER G 64 -9.34 47.87 39.21
CA SER G 64 -8.05 48.06 39.88
C SER G 64 -7.45 46.70 40.22
N GLY G 65 -6.11 46.67 40.24
CA GLY G 65 -5.40 45.42 40.39
C GLY G 65 -4.60 45.49 41.69
N SER G 66 -4.46 44.35 42.35
CA SER G 66 -3.62 44.36 43.56
C SER G 66 -2.95 43.01 43.77
N GLY G 67 -2.11 42.94 44.79
CA GLY G 67 -1.45 41.68 45.09
C GLY G 67 -0.01 41.63 44.64
N SER G 68 0.77 40.75 45.26
CA SER G 68 2.14 40.52 44.83
C SER G 68 2.61 39.19 45.39
N GLY G 69 3.63 38.59 44.78
CA GLY G 69 4.00 37.24 45.16
C GLY G 69 3.24 36.21 44.35
N THR G 70 2.25 35.54 44.94
CA THR G 70 1.51 34.49 44.25
C THR G 70 0.00 34.74 44.27
N ASP G 71 -0.47 35.76 44.95
CA ASP G 71 -1.89 36.03 45.14
C ASP G 71 -2.30 37.38 44.58
N PHE G 72 -3.06 37.38 43.50
CA PHE G 72 -3.40 38.64 42.84
C PHE G 72 -4.90 38.81 42.68
N THR G 73 -5.38 40.06 42.64
CA THR G 73 -6.82 40.19 42.48
C THR G 73 -7.12 41.29 41.49
N LEU G 74 -8.16 41.04 40.69
CA LEU G 74 -8.73 42.09 39.85
C LEU G 74 -10.10 42.45 40.46
N THR G 75 -10.26 43.71 40.81
CA THR G 75 -11.51 44.20 41.38
C THR G 75 -12.20 45.11 40.37
N ILE G 76 -13.48 44.86 40.14
CA ILE G 76 -14.30 45.80 39.37
C ILE G 76 -15.23 46.38 40.43
N SER G 77 -14.94 47.63 40.79
CA SER G 77 -15.51 48.15 42.03
C SER G 77 -17.03 48.26 41.93
N SER G 78 -17.52 48.49 40.73
CA SER G 78 -18.97 48.56 40.45
C SER G 78 -19.15 48.24 38.97
N LEU G 79 -19.79 47.11 38.64
CA LEU G 79 -19.93 46.72 37.24
C LEU G 79 -20.76 47.67 36.39
N GLU G 80 -20.32 47.96 35.17
CA GLU G 80 -21.14 48.62 34.15
C GLU G 80 -21.59 47.55 33.14
N PRO G 81 -22.63 47.80 32.35
CA PRO G 81 -23.07 46.78 31.37
C PRO G 81 -21.97 46.39 30.40
N GLU G 82 -21.05 47.33 30.11
CA GLU G 82 -19.98 47.02 29.18
C GLU G 82 -18.91 46.13 29.80
N ASP G 83 -19.04 45.75 31.07
CA ASP G 83 -17.98 44.99 31.71
C ASP G 83 -18.22 43.49 31.73
N PHE G 84 -19.40 43.06 31.29
CA PHE G 84 -19.64 41.61 31.34
C PHE G 84 -18.84 41.00 30.20
N ALA G 85 -17.90 40.14 30.60
CA ALA G 85 -16.91 39.63 29.64
C ALA G 85 -16.09 38.56 30.34
N VAL G 86 -15.16 37.95 29.64
CA VAL G 86 -14.21 37.02 30.30
C VAL G 86 -12.95 37.80 30.64
N TYR G 87 -12.28 37.45 31.73
CA TYR G 87 -11.13 38.21 32.21
C TYR G 87 -9.94 37.27 32.36
N TYR G 88 -8.79 37.57 31.77
CA TYR G 88 -7.63 36.68 31.83
C TYR G 88 -6.48 37.33 32.60
N CYS G 89 -5.82 36.55 33.44
CA CYS G 89 -4.58 37.02 34.06
C CYS G 89 -3.40 36.44 33.29
N HIS G 90 -2.25 37.08 33.46
CA HIS G 90 -1.09 36.82 32.60
C HIS G 90 0.18 37.19 33.34
N GLN G 91 1.06 36.21 33.56
CA GLN G 91 2.38 36.51 34.13
C GLN G 91 3.39 36.63 32.99
N TYR G 92 4.26 37.63 33.02
CA TYR G 92 5.30 37.79 31.99
C TYR G 92 6.64 38.01 32.69
N SER G 93 6.79 37.33 33.83
CA SER G 93 7.90 37.49 34.75
C SER G 93 9.07 36.54 34.50
N ASP G 94 8.94 35.60 33.57
CA ASP G 94 10.04 34.73 33.19
C ASP G 94 10.03 34.46 31.70
N ILE G 95 10.69 33.41 31.26
CA ILE G 95 10.93 33.25 29.84
C ILE G 95 9.84 32.50 29.08
N SER G 96 8.87 31.95 29.79
CA SER G 96 7.70 31.33 29.25
C SER G 96 6.44 31.94 29.88
N PRO G 97 5.94 32.98 29.22
CA PRO G 97 4.72 33.63 29.70
C PRO G 97 3.57 32.63 29.79
N THR G 98 2.73 32.76 30.81
CA THR G 98 1.56 31.91 30.94
C THR G 98 0.33 32.78 31.23
N PHE G 99 -0.85 32.17 31.20
CA PHE G 99 -2.13 32.79 31.40
C PHE G 99 -3.00 32.00 32.37
N GLY G 100 -3.92 32.64 33.07
CA GLY G 100 -4.98 31.91 33.78
C GLY G 100 -5.96 31.28 32.81
N GLN G 101 -6.96 30.48 33.23
CA GLN G 101 -7.88 29.95 32.22
C GLN G 101 -9.12 30.84 32.06
N GLY G 102 -9.20 31.92 32.80
CA GLY G 102 -10.25 32.90 32.59
C GLY G 102 -11.41 32.78 33.56
N THR G 103 -11.99 33.92 33.87
CA THR G 103 -13.16 34.07 34.73
C THR G 103 -14.25 34.77 33.91
N LYS G 104 -15.43 34.15 33.81
CA LYS G 104 -16.45 34.84 33.01
C LYS G 104 -17.32 35.67 33.93
N VAL G 105 -17.43 36.96 33.65
CA VAL G 105 -18.37 37.76 34.45
C VAL G 105 -19.66 37.87 33.64
N GLU G 106 -20.72 37.31 34.22
CA GLU G 106 -22.01 37.18 33.60
C GLU G 106 -23.07 37.99 34.32
N ILE G 107 -24.03 38.46 33.54
CA ILE G 107 -25.11 39.31 34.05
C ILE G 107 -26.14 38.49 34.80
N LYS G 108 -26.32 38.82 36.08
CA LYS G 108 -27.35 38.13 36.88
C LYS G 108 -28.70 38.81 36.63
N ARG G 109 -29.71 37.96 36.57
CA ARG G 109 -31.03 38.32 36.02
C ARG G 109 -32.08 37.49 36.72
N THR G 110 -33.36 37.81 36.53
CA THR G 110 -34.38 37.00 37.19
C THR G 110 -34.33 35.58 36.63
N VAL G 111 -34.48 34.61 37.51
CA VAL G 111 -34.61 33.23 37.05
C VAL G 111 -35.75 33.19 36.03
N ALA G 112 -35.53 32.47 34.95
CA ALA G 112 -36.52 32.27 33.91
C ALA G 112 -36.41 30.82 33.42
N ALA G 113 -37.42 30.01 33.71
CA ALA G 113 -37.43 28.63 33.24
C ALA G 113 -37.40 28.60 31.72
N PRO G 114 -36.75 27.61 31.12
CA PRO G 114 -36.78 27.52 29.66
C PRO G 114 -38.12 27.02 29.14
N SER G 115 -38.47 27.48 27.95
CA SER G 115 -39.47 26.83 27.11
C SER G 115 -38.80 25.64 26.44
N VAL G 116 -39.38 24.44 26.50
CA VAL G 116 -38.71 23.30 25.87
C VAL G 116 -39.46 22.77 24.65
N PHE G 117 -38.69 22.47 23.59
CA PHE G 117 -39.21 21.86 22.38
C PHE G 117 -38.38 20.66 21.93
N ILE G 118 -39.03 19.63 21.43
CA ILE G 118 -38.31 18.48 20.86
C ILE G 118 -38.62 18.35 19.38
N PHE G 119 -37.57 18.02 18.61
CA PHE G 119 -37.67 17.80 17.18
C PHE G 119 -37.17 16.42 16.75
N PRO G 120 -38.00 15.62 16.10
CA PRO G 120 -37.56 14.38 15.49
C PRO G 120 -36.60 14.59 14.33
N PRO G 121 -35.91 13.56 13.87
CA PRO G 121 -35.16 13.71 12.62
C PRO G 121 -36.09 13.84 11.43
N SER G 122 -35.70 14.55 10.39
CA SER G 122 -36.43 14.56 9.14
C SER G 122 -36.28 13.23 8.42
N ASP G 123 -37.30 12.84 7.66
CA ASP G 123 -37.30 11.58 6.94
C ASP G 123 -36.11 11.52 5.98
N GLU G 124 -35.84 12.70 5.44
CA GLU G 124 -34.80 13.03 4.49
C GLU G 124 -33.44 12.63 5.02
N GLN G 125 -33.14 13.07 6.25
CA GLN G 125 -31.88 12.73 6.88
C GLN G 125 -31.79 11.22 7.15
N LEU G 126 -32.86 10.62 7.64
CA LEU G 126 -32.84 9.21 7.97
C LEU G 126 -32.34 8.33 6.83
N LYS G 127 -32.72 8.64 5.59
CA LYS G 127 -32.41 7.75 4.48
C LYS G 127 -30.89 7.72 4.24
N SER G 128 -30.22 8.74 4.75
CA SER G 128 -28.78 8.91 4.63
C SER G 128 -28.02 8.09 5.67
N GLY G 129 -28.69 7.49 6.66
CA GLY G 129 -28.04 6.61 7.60
C GLY G 129 -27.93 7.09 9.02
N THR G 130 -28.29 8.34 9.31
CA THR G 130 -28.26 8.91 10.66
C THR G 130 -29.58 9.59 11.02
N ALA G 131 -29.80 9.77 12.31
CA ALA G 131 -30.94 10.45 12.88
C ALA G 131 -30.44 11.46 13.92
N SER G 132 -30.81 12.71 13.72
CA SER G 132 -30.55 13.75 14.69
C SER G 132 -31.84 14.13 15.41
N VAL G 133 -31.85 13.96 16.71
CA VAL G 133 -32.99 14.38 17.53
C VAL G 133 -32.58 15.63 18.31
N VAL G 134 -33.37 16.68 18.12
CA VAL G 134 -32.96 17.96 18.72
C VAL G 134 -33.90 18.40 19.82
N CYS G 135 -33.30 18.73 20.97
CA CYS G 135 -34.02 19.31 22.08
C CYS G 135 -33.57 20.76 22.25
N LEU G 136 -34.53 21.67 22.36
CA LEU G 136 -34.26 23.08 22.46
C LEU G 136 -34.72 23.64 23.80
N LEU G 137 -33.85 24.39 24.44
CA LEU G 137 -34.20 25.14 25.66
C LEU G 137 -34.23 26.62 25.31
N ASN G 138 -35.39 27.27 25.33
CA ASN G 138 -35.39 28.67 24.88
C ASN G 138 -35.49 29.67 26.03
N ASN G 139 -34.57 30.64 25.97
CA ASN G 139 -34.43 31.81 26.80
C ASN G 139 -34.67 31.61 28.29
N PHE G 140 -33.68 31.03 28.96
CA PHE G 140 -33.72 30.75 30.38
C PHE G 140 -32.60 31.47 31.11
N TYR G 141 -32.68 31.46 32.44
CA TYR G 141 -31.63 31.94 33.34
C TYR G 141 -31.90 31.28 34.70
N PRO G 142 -30.92 30.75 35.41
CA PRO G 142 -29.50 30.81 35.05
C PRO G 142 -29.10 29.82 33.95
N ARG G 143 -27.82 29.84 33.61
CA ARG G 143 -27.29 29.05 32.51
C ARG G 143 -27.20 27.57 32.84
N GLU G 144 -26.99 27.25 34.11
CA GLU G 144 -26.93 25.86 34.56
C GLU G 144 -28.25 25.14 34.31
N ALA G 145 -28.19 24.06 33.54
CA ALA G 145 -29.33 23.24 33.18
C ALA G 145 -28.86 21.84 32.79
N LYS G 146 -29.60 20.84 33.25
CA LYS G 146 -29.28 19.46 32.89
C LYS G 146 -30.32 18.95 31.90
N VAL G 147 -29.88 18.50 30.74
CA VAL G 147 -30.74 17.91 29.71
C VAL G 147 -30.34 16.45 29.50
N GLN G 148 -31.25 15.50 29.68
CA GLN G 148 -30.87 14.10 29.47
C GLN G 148 -31.74 13.50 28.38
N TRP G 149 -31.21 12.52 27.63
CA TRP G 149 -32.00 11.93 26.54
C TRP G 149 -32.50 10.55 26.92
N LYS G 150 -33.74 10.21 26.56
CA LYS G 150 -34.23 8.86 26.80
C LYS G 150 -34.84 8.31 25.53
N VAL G 151 -34.46 7.09 25.17
CA VAL G 151 -34.94 6.44 23.96
C VAL G 151 -35.58 5.11 24.32
N ASP G 152 -36.89 4.98 24.14
CA ASP G 152 -37.58 3.82 24.73
C ASP G 152 -37.27 3.74 26.22
N ASN G 153 -37.19 4.92 26.81
CA ASN G 153 -36.99 5.20 28.20
C ASN G 153 -35.61 4.77 28.69
N ALA G 154 -34.69 4.43 27.81
CA ALA G 154 -33.32 4.13 28.21
C ALA G 154 -32.45 5.38 28.14
N LEU G 155 -31.83 5.76 29.27
CA LEU G 155 -31.00 6.97 29.25
C LEU G 155 -29.80 6.82 28.32
N GLN G 156 -29.57 7.87 27.54
CA GLN G 156 -28.51 7.93 26.56
C GLN G 156 -27.27 8.59 27.16
N SER G 157 -26.11 8.09 26.71
CA SER G 157 -24.82 8.55 27.18
C SER G 157 -23.79 8.52 26.07
N GLY G 158 -22.95 9.55 25.98
CA GLY G 158 -21.96 9.67 24.95
C GLY G 158 -22.45 10.04 23.58
N ASN G 159 -23.75 10.22 23.34
CA ASN G 159 -24.16 10.42 21.96
C ASN G 159 -24.96 11.71 21.78
N SER G 160 -24.84 12.65 22.70
CA SER G 160 -25.40 13.98 22.52
C SER G 160 -24.34 15.08 22.65
N GLN G 161 -24.57 16.21 21.96
CA GLN G 161 -23.72 17.38 22.10
C GLN G 161 -24.57 18.59 22.42
N GLU G 162 -24.10 19.50 23.28
CA GLU G 162 -24.88 20.71 23.55
C GLU G 162 -24.23 21.93 22.94
N SER G 163 -25.03 22.94 22.65
CA SER G 163 -24.55 24.25 22.24
C SER G 163 -25.43 25.29 22.94
N VAL G 164 -24.82 26.38 23.35
CA VAL G 164 -25.46 27.44 24.10
C VAL G 164 -25.19 28.73 23.35
N THR G 165 -26.10 29.67 23.38
CA THR G 165 -25.86 30.99 22.84
C THR G 165 -25.09 31.84 23.85
N GLU G 166 -24.60 33.00 23.42
CA GLU G 166 -24.09 34.02 24.32
C GLU G 166 -25.27 34.66 25.06
N GLN G 167 -25.10 35.19 26.25
CA GLN G 167 -26.17 35.87 26.98
C GLN G 167 -26.91 36.86 26.10
N ASP G 168 -28.24 36.81 26.05
CA ASP G 168 -28.92 37.72 25.11
C ASP G 168 -28.77 39.16 25.59
N SER G 169 -28.28 39.99 24.67
CA SER G 169 -28.04 41.40 24.89
C SER G 169 -29.29 42.16 25.33
N LYS G 170 -30.43 41.61 24.98
CA LYS G 170 -31.75 42.17 25.18
C LYS G 170 -32.36 41.72 26.50
N ASP G 171 -32.40 40.41 26.73
CA ASP G 171 -33.06 39.94 27.94
C ASP G 171 -32.09 39.23 28.88
N SER G 172 -30.84 39.08 28.47
CA SER G 172 -29.86 38.45 29.34
C SER G 172 -30.18 36.98 29.62
N THR G 173 -30.92 36.34 28.72
CA THR G 173 -31.16 34.91 28.94
C THR G 173 -30.27 34.07 28.04
N TYR G 174 -30.19 32.76 28.32
CA TYR G 174 -29.54 31.87 27.37
C TYR G 174 -30.54 30.95 26.68
N SER G 175 -30.09 30.40 25.57
CA SER G 175 -30.79 29.34 24.86
C SER G 175 -29.78 28.25 24.54
N LEU G 176 -30.28 27.03 24.49
CA LEU G 176 -29.43 25.86 24.35
C LEU G 176 -30.04 24.82 23.42
N SER G 177 -29.19 24.18 22.63
CA SER G 177 -29.63 22.99 21.88
C SER G 177 -28.93 21.75 22.45
N SER G 178 -29.67 20.65 22.54
CA SER G 178 -29.07 19.35 22.79
C SER G 178 -29.34 18.47 21.59
N THR G 179 -28.26 18.03 20.93
CA THR G 179 -28.46 17.21 19.74
C THR G 179 -28.06 15.75 20.02
N LEU G 180 -29.04 14.86 19.90
CA LEU G 180 -28.83 13.42 20.04
C LEU G 180 -28.63 12.80 18.65
N THR G 181 -27.53 12.07 18.49
CA THR G 181 -27.17 11.49 17.21
C THR G 181 -27.25 9.96 17.30
N LEU G 182 -28.08 9.42 16.44
CA LEU G 182 -28.34 8.00 16.39
C LEU G 182 -28.12 7.48 14.97
N SER G 183 -27.88 6.19 14.86
CA SER G 183 -27.83 5.53 13.57
C SER G 183 -29.27 5.41 13.05
N LYS G 184 -29.39 5.25 11.74
CA LYS G 184 -30.73 5.02 11.18
C LYS G 184 -31.36 3.82 11.86
N ALA G 185 -30.56 2.77 12.07
CA ALA G 185 -31.06 1.51 12.61
C ALA G 185 -31.49 1.65 14.05
N ASP G 186 -30.66 2.35 14.82
CA ASP G 186 -31.02 2.55 16.23
C ASP G 186 -32.33 3.33 16.35
N TYR G 187 -32.41 4.45 15.64
CA TYR G 187 -33.60 5.30 15.65
C TYR G 187 -34.88 4.51 15.37
N GLU G 188 -34.86 3.76 14.29
CA GLU G 188 -36.03 3.12 13.71
C GLU G 188 -36.49 1.89 14.47
N LYS G 189 -35.64 1.41 15.36
CA LYS G 189 -35.90 0.26 16.20
C LYS G 189 -36.52 0.69 17.51
N HIS G 190 -36.63 2.00 17.73
CA HIS G 190 -37.22 2.51 18.96
C HIS G 190 -38.36 3.46 18.63
N LYS G 191 -39.34 3.55 19.51
CA LYS G 191 -40.58 4.26 19.26
C LYS G 191 -40.66 5.59 19.98
N VAL G 192 -40.22 5.60 21.23
CA VAL G 192 -40.40 6.76 22.09
C VAL G 192 -39.12 7.56 22.31
N TYR G 193 -39.20 8.86 22.05
CA TYR G 193 -38.07 9.78 22.20
C TYR G 193 -38.35 10.84 23.23
N ALA G 194 -37.49 10.97 24.25
CA ALA G 194 -37.86 11.94 25.28
C ALA G 194 -36.67 12.78 25.72
N CYS G 195 -36.92 14.07 25.83
CA CYS G 195 -35.94 15.03 26.34
C CYS G 195 -36.41 15.46 27.74
N GLU G 196 -35.55 15.24 28.71
CA GLU G 196 -35.75 15.57 30.11
C GLU G 196 -34.95 16.78 30.55
N VAL G 197 -35.58 17.84 31.06
CA VAL G 197 -34.85 19.05 31.39
C VAL G 197 -35.00 19.46 32.85
N THR G 198 -33.86 19.69 33.49
CA THR G 198 -33.83 20.17 34.87
C THR G 198 -33.29 21.59 34.91
N HIS G 199 -34.00 22.45 35.62
CA HIS G 199 -33.63 23.86 35.68
C HIS G 199 -34.25 24.52 36.91
N GLN G 200 -33.60 25.58 37.34
CA GLN G 200 -33.94 26.29 38.57
C GLN G 200 -35.33 26.91 38.50
N GLY G 201 -35.73 27.32 37.31
CA GLY G 201 -37.03 27.90 37.03
C GLY G 201 -38.16 26.90 36.94
N LEU G 202 -37.81 25.62 36.94
CA LEU G 202 -38.72 24.48 36.84
C LEU G 202 -38.83 23.71 38.15
N SER G 203 -40.06 23.63 38.62
CA SER G 203 -40.50 23.02 39.86
C SER G 203 -40.07 21.55 39.97
N SER G 204 -40.02 20.94 38.80
CA SER G 204 -39.72 19.56 38.50
C SER G 204 -39.11 19.48 37.11
N PRO G 205 -38.33 18.45 36.82
CA PRO G 205 -37.77 18.29 35.47
C PRO G 205 -38.89 18.20 34.45
N VAL G 206 -38.77 18.87 33.31
CA VAL G 206 -39.82 18.79 32.29
C VAL G 206 -39.43 17.82 31.19
N THR G 207 -40.37 16.95 30.84
CA THR G 207 -40.17 16.04 29.71
C THR G 207 -40.92 16.53 28.47
N LYS G 208 -40.23 16.65 27.36
CA LYS G 208 -40.83 16.81 26.04
C LYS G 208 -40.55 15.50 25.30
N SER G 209 -41.57 14.93 24.66
CA SER G 209 -41.34 13.66 23.99
C SER G 209 -42.21 13.58 22.75
N PHE G 210 -41.87 12.58 21.94
CA PHE G 210 -42.73 12.20 20.80
C PHE G 210 -42.71 10.68 20.71
N ASN G 211 -43.78 10.15 20.15
CA ASN G 211 -43.91 8.75 19.79
C ASN G 211 -43.83 8.67 18.26
N ARG G 212 -42.94 7.80 17.80
CA ARG G 212 -42.68 7.68 16.38
C ARG G 212 -43.86 7.12 15.62
N VAL H 2 -3.09 53.33 17.36
CA VAL H 2 -2.13 52.29 17.03
C VAL H 2 -2.86 51.08 16.47
N GLN H 3 -2.13 50.25 15.71
CA GLN H 3 -2.88 49.07 15.22
C GLN H 3 -1.94 48.00 14.68
N LEU H 4 -2.48 46.78 14.72
CA LEU H 4 -1.84 45.54 14.33
C LEU H 4 -2.83 44.70 13.52
N VAL H 5 -2.42 44.37 12.30
CA VAL H 5 -3.30 43.62 11.42
C VAL H 5 -2.66 42.34 10.91
N GLU H 6 -3.17 41.22 11.40
CA GLU H 6 -2.71 39.91 10.98
C GLU H 6 -3.35 39.49 9.65
N SER H 7 -2.62 38.60 9.00
CA SER H 7 -2.96 38.02 7.70
C SER H 7 -2.22 36.69 7.54
N GLY H 8 -2.66 35.84 6.62
CA GLY H 8 -1.95 34.59 6.36
C GLY H 8 -2.59 33.35 6.90
N GLY H 9 -3.62 33.48 7.75
CA GLY H 9 -4.32 32.34 8.30
C GLY H 9 -5.05 31.55 7.23
N GLY H 10 -5.35 30.29 7.52
CA GLY H 10 -6.07 29.53 6.50
C GLY H 10 -6.27 28.08 6.91
N LEU H 11 -6.87 27.34 5.98
CA LEU H 11 -7.10 25.91 6.21
C LEU H 11 -5.94 25.09 5.65
N VAL H 12 -5.36 24.24 6.47
CA VAL H 12 -4.20 23.42 6.16
C VAL H 12 -4.40 21.96 6.50
N GLN H 13 -3.83 21.03 5.71
CA GLN H 13 -3.81 19.64 6.18
C GLN H 13 -2.68 19.47 7.20
N PRO H 14 -2.81 18.52 8.10
CA PRO H 14 -1.72 18.23 9.03
C PRO H 14 -0.42 18.00 8.23
N GLY H 15 0.68 18.54 8.73
CA GLY H 15 1.99 18.52 8.10
C GLY H 15 2.13 19.70 7.15
N GLY H 16 1.05 20.45 7.00
CA GLY H 16 1.02 21.57 6.09
C GLY H 16 1.85 22.74 6.57
N SER H 17 1.80 23.82 5.81
CA SER H 17 2.67 24.97 6.06
C SER H 17 1.90 26.27 5.94
N LEU H 18 2.26 27.25 6.78
CA LEU H 18 1.60 28.55 6.75
C LEU H 18 2.56 29.63 7.21
N ARG H 19 2.47 30.82 6.62
CA ARG H 19 3.21 31.98 7.14
C ARG H 19 2.19 33.06 7.53
N LEU H 20 2.19 33.41 8.82
CA LEU H 20 1.38 34.51 9.30
C LEU H 20 2.20 35.80 9.29
N SER H 21 1.51 36.88 8.94
CA SER H 21 2.09 38.19 8.97
C SER H 21 1.27 39.09 9.87
N CYS H 22 1.91 40.10 10.42
CA CYS H 22 1.27 41.06 11.29
C CYS H 22 1.88 42.45 11.02
N ALA H 23 1.08 43.27 10.35
CA ALA H 23 1.43 44.63 10.00
C ALA H 23 1.05 45.62 11.09
N ALA H 24 2.06 46.31 11.61
CA ALA H 24 1.91 47.31 12.63
C ALA H 24 1.87 48.73 12.07
N SER H 25 1.10 49.59 12.73
CA SER H 25 1.17 51.02 12.43
C SER H 25 0.75 51.79 13.69
N GLY H 26 1.14 53.06 13.76
CA GLY H 26 0.70 53.87 14.89
C GLY H 26 1.68 53.94 16.04
N PHE H 27 2.76 53.18 16.03
CA PHE H 27 3.81 53.21 17.04
C PHE H 27 5.15 52.86 16.40
N THR H 28 6.24 52.94 17.18
CA THR H 28 7.55 52.57 16.66
C THR H 28 7.81 51.09 16.82
N PHE H 29 7.24 50.28 15.94
CA PHE H 29 7.44 48.85 15.86
C PHE H 29 8.91 48.47 16.01
N ARG H 30 9.82 49.23 15.40
CA ARG H 30 11.22 48.82 15.36
C ARG H 30 11.87 48.79 16.74
N ASN H 31 11.26 49.50 17.68
CA ASN H 31 11.76 49.54 19.05
C ASN H 31 10.93 48.65 19.97
N SER H 32 10.13 47.75 19.41
CA SER H 32 9.25 46.93 20.24
C SER H 32 9.50 45.43 20.11
N ALA H 33 9.46 44.76 21.27
CA ALA H 33 9.31 43.32 21.31
C ALA H 33 7.91 42.98 20.80
N MET H 34 7.82 41.87 20.08
CA MET H 34 6.57 41.44 19.46
C MET H 34 6.38 39.96 19.77
N HIS H 35 5.13 39.58 20.10
CA HIS H 35 4.89 38.19 20.47
C HIS H 35 3.66 37.69 19.72
N TRP H 36 3.56 36.37 19.65
CA TRP H 36 2.36 35.74 19.09
C TRP H 36 1.64 34.99 20.21
N VAL H 37 0.33 35.09 20.23
CA VAL H 37 -0.50 34.43 21.26
C VAL H 37 -1.65 33.79 20.50
N ARG H 38 -2.04 32.58 20.83
CA ARG H 38 -3.14 31.96 20.09
C ARG H 38 -4.23 31.51 21.05
N GLN H 39 -5.42 31.25 20.49
CA GLN H 39 -6.58 30.84 21.30
C GLN H 39 -7.31 29.73 20.58
N ALA H 40 -7.21 28.52 21.12
CA ALA H 40 -7.94 27.43 20.47
C ALA H 40 -9.42 27.65 20.66
N PRO H 41 -10.25 27.15 19.76
CA PRO H 41 -11.70 27.39 19.86
C PRO H 41 -12.27 26.95 21.21
N GLY H 42 -13.03 27.84 21.84
CA GLY H 42 -13.58 27.58 23.15
C GLY H 42 -12.51 27.60 24.21
N LYS H 43 -11.27 27.94 23.85
CA LYS H 43 -10.21 27.91 24.85
C LYS H 43 -9.65 29.29 25.19
N GLY H 44 -8.67 29.26 26.07
CA GLY H 44 -8.06 30.47 26.58
C GLY H 44 -6.83 30.83 25.76
N LEU H 45 -6.18 31.88 26.20
CA LEU H 45 -4.95 32.46 25.71
C LEU H 45 -3.75 31.57 25.98
N GLU H 46 -2.85 31.40 25.04
CA GLU H 46 -1.66 30.58 25.13
C GLU H 46 -0.50 31.26 24.39
N TRP H 47 0.56 31.59 25.12
CA TRP H 47 1.70 32.26 24.49
C TRP H 47 2.32 31.34 23.45
N VAL H 48 2.81 31.89 22.35
CA VAL H 48 3.40 31.03 21.34
C VAL H 48 4.88 31.32 21.14
N SER H 49 5.22 32.61 21.02
CA SER H 49 6.58 32.95 20.67
C SER H 49 6.85 34.44 20.85
N SER H 50 8.14 34.74 21.04
CA SER H 50 8.63 36.08 21.33
C SER H 50 9.85 36.42 20.47
N ILE H 51 9.99 37.69 20.12
CA ILE H 51 11.17 38.18 19.41
C ILE H 51 11.51 39.59 19.89
N TRP H 52 12.79 39.83 20.12
CA TRP H 52 13.25 41.17 20.49
C TRP H 52 13.15 42.12 19.32
N TYR H 53 13.34 43.42 19.55
CA TYR H 53 13.09 44.31 18.41
C TYR H 53 14.23 44.27 17.41
N SER H 54 15.40 43.81 17.83
CA SER H 54 16.55 43.64 16.96
C SER H 54 16.56 42.32 16.18
N GLY H 55 15.64 41.41 16.49
CA GLY H 55 15.61 40.13 15.81
C GLY H 55 16.25 39.02 16.62
N SER H 56 17.08 39.38 17.60
CA SER H 56 17.70 38.39 18.46
C SER H 56 16.65 37.84 19.43
N ASN H 57 17.07 37.03 20.40
CA ASN H 57 16.29 36.41 21.44
C ASN H 57 14.92 35.93 20.97
N THR H 58 14.88 34.89 20.14
CA THR H 58 13.53 34.38 19.85
C THR H 58 13.25 33.22 20.81
N TYR H 59 12.03 33.20 21.34
CA TYR H 59 11.62 32.13 22.24
C TYR H 59 10.34 31.49 21.70
N TYR H 60 10.13 30.24 22.07
CA TYR H 60 8.99 29.45 21.68
C TYR H 60 8.38 28.64 22.81
N ALA H 61 7.07 28.43 22.70
CA ALA H 61 6.40 27.48 23.60
C ALA H 61 6.85 26.08 23.22
N ASP H 62 7.02 25.20 24.20
CA ASP H 62 7.53 23.87 23.94
C ASP H 62 6.78 23.15 22.83
N SER H 63 5.48 23.37 22.73
CA SER H 63 4.65 22.69 21.76
C SER H 63 4.98 23.03 20.32
N VAL H 64 5.63 24.18 20.08
CA VAL H 64 5.86 24.50 18.66
C VAL H 64 7.34 24.64 18.33
N LYS H 65 8.19 24.56 19.34
CA LYS H 65 9.64 24.66 19.12
C LYS H 65 10.09 23.64 18.08
N GLY H 66 10.91 24.09 17.13
CA GLY H 66 11.39 23.30 16.03
C GLY H 66 10.48 23.25 14.83
N ARG H 67 9.23 23.67 14.97
CA ARG H 67 8.29 23.73 13.87
C ARG H 67 7.92 25.14 13.44
N PHE H 68 7.87 26.05 14.41
CA PHE H 68 7.50 27.43 14.14
C PHE H 68 8.72 28.36 14.20
N THR H 69 8.77 29.35 13.32
CA THR H 69 9.81 30.37 13.45
C THR H 69 9.24 31.77 13.43
N ILE H 70 9.60 32.54 14.45
CA ILE H 70 9.12 33.92 14.55
C ILE H 70 10.18 34.85 13.97
N SER H 71 9.79 35.88 13.24
CA SER H 71 10.78 36.76 12.64
C SER H 71 10.15 38.12 12.42
N ARG H 72 10.95 39.10 12.02
CA ARG H 72 10.38 40.44 11.83
C ARG H 72 11.16 41.15 10.74
N ASP H 73 10.45 42.05 10.06
CA ASP H 73 11.14 42.92 9.13
C ASP H 73 10.80 44.37 9.47
N ASN H 74 11.71 45.06 10.13
CA ASN H 74 11.36 46.41 10.58
C ASN H 74 11.13 47.38 9.43
N SER H 75 11.79 47.19 8.30
CA SER H 75 11.60 48.06 7.14
C SER H 75 10.23 47.90 6.52
N LYS H 76 9.51 46.86 6.97
CA LYS H 76 8.15 46.67 6.46
C LYS H 76 7.17 46.78 7.62
N ASN H 77 7.67 47.05 8.82
CA ASN H 77 6.86 47.15 10.03
C ASN H 77 6.02 45.89 10.20
N THR H 78 6.65 44.73 9.97
CA THR H 78 5.92 43.48 9.94
C THR H 78 6.58 42.36 10.72
N LEU H 79 5.73 41.69 11.49
CA LEU H 79 6.04 40.51 12.27
C LEU H 79 5.55 39.27 11.50
N TYR H 80 6.36 38.22 11.57
CA TYR H 80 6.02 36.98 10.89
C TYR H 80 6.04 35.80 11.86
N LEU H 81 5.29 34.78 11.47
CA LEU H 81 5.34 33.49 12.15
C LEU H 81 5.19 32.43 11.08
N GLN H 82 6.31 31.78 10.79
CA GLN H 82 6.32 30.68 9.82
C GLN H 82 5.95 29.39 10.55
N MET H 83 4.93 28.69 10.06
CA MET H 83 4.51 27.48 10.78
C MET H 83 4.60 26.29 9.86
N ASN H 84 5.48 25.34 10.17
CA ASN H 84 5.67 24.17 9.34
C ASN H 84 5.25 22.91 10.07
N SER H 85 4.93 21.84 9.32
CA SER H 85 4.54 20.61 10.00
C SER H 85 3.40 20.86 10.99
N LEU H 86 2.37 21.51 10.45
CA LEU H 86 1.24 21.93 11.28
C LEU H 86 0.48 20.70 11.76
N ARG H 87 -0.05 20.80 12.96
CA ARG H 87 -0.78 19.76 13.67
C ARG H 87 -2.16 20.29 14.08
N ALA H 88 -3.09 19.35 14.12
CA ALA H 88 -4.49 19.67 14.36
C ALA H 88 -4.60 20.57 15.59
N GLU H 89 -3.79 20.25 16.60
CA GLU H 89 -3.86 21.02 17.83
C GLU H 89 -3.22 22.40 17.72
N ASP H 90 -2.72 22.79 16.56
CA ASP H 90 -2.28 24.18 16.40
C ASP H 90 -3.45 25.04 15.90
N THR H 91 -4.59 24.37 15.71
CA THR H 91 -5.81 25.08 15.34
C THR H 91 -6.15 26.07 16.45
N ALA H 92 -6.27 27.31 16.00
CA ALA H 92 -6.51 28.43 16.88
C ALA H 92 -6.64 29.72 16.10
N VAL H 93 -7.15 30.74 16.76
CA VAL H 93 -7.06 32.13 16.28
C VAL H 93 -5.70 32.65 16.70
N TYR H 94 -4.87 33.16 15.80
CA TYR H 94 -3.53 33.58 16.23
C TYR H 94 -3.49 35.09 16.38
N TYR H 95 -3.05 35.56 17.55
CA TYR H 95 -2.95 36.99 17.79
C TYR H 95 -1.53 37.49 17.80
N CYS H 96 -1.24 38.57 17.08
CA CYS H 96 0.06 39.21 17.35
C CYS H 96 -0.21 40.31 18.37
N ALA H 97 0.79 40.64 19.15
CA ALA H 97 0.68 41.63 20.22
C ALA H 97 2.03 42.27 20.51
N ARG H 98 1.97 43.57 20.82
CA ARG H 98 3.16 44.31 21.21
C ARG H 98 3.38 44.01 22.69
N PHE H 99 4.59 43.58 22.97
CA PHE H 99 5.01 43.31 24.33
C PHE H 99 5.77 44.50 24.87
N ALA H 100 5.25 45.11 25.91
CA ALA H 100 5.84 46.29 26.52
C ALA H 100 6.43 45.95 27.88
N GLY H 101 6.28 44.69 28.28
CA GLY H 101 6.86 44.30 29.56
C GLY H 101 6.31 45.16 30.69
N GLY H 102 7.22 45.58 31.56
CA GLY H 102 6.92 46.48 32.65
C GLY H 102 6.28 47.78 32.23
N TRP H 103 6.42 48.14 30.95
CA TRP H 103 5.77 49.36 30.45
C TRP H 103 4.31 49.16 30.02
N GLY H 104 3.82 47.93 30.13
CA GLY H 104 2.42 47.71 29.77
C GLY H 104 2.07 46.33 29.24
N ALA H 105 2.83 45.29 29.53
CA ALA H 105 2.48 43.94 29.09
C ALA H 105 2.13 43.88 27.62
N TYR H 106 1.08 43.16 27.26
CA TYR H 106 0.55 43.18 25.90
C TYR H 106 -0.40 44.35 25.77
N ASP H 107 0.09 45.52 25.40
CA ASP H 107 -0.76 46.70 25.40
C ASP H 107 -1.39 46.94 24.03
N VAL H 108 -0.87 46.28 23.01
CA VAL H 108 -1.49 46.39 21.69
C VAL H 108 -1.76 45.01 21.12
N TRP H 109 -2.94 44.81 20.54
CA TRP H 109 -3.32 43.51 19.98
C TRP H 109 -3.85 43.66 18.57
N GLY H 110 -3.54 42.67 17.74
CA GLY H 110 -4.14 42.70 16.40
C GLY H 110 -5.52 42.07 16.52
N GLN H 111 -6.18 41.85 15.38
CA GLN H 111 -7.53 41.29 15.43
C GLN H 111 -7.52 39.77 15.42
N GLY H 112 -6.37 39.15 15.19
CA GLY H 112 -6.32 37.68 15.25
C GLY H 112 -6.47 37.13 13.85
N THR H 113 -5.87 35.99 13.52
CA THR H 113 -6.04 35.38 12.20
C THR H 113 -6.23 33.89 12.43
N LEU H 114 -7.15 33.26 11.70
CA LEU H 114 -7.51 31.91 12.13
C LEU H 114 -6.76 30.84 11.35
N VAL H 115 -6.19 29.91 12.13
CA VAL H 115 -5.52 28.78 11.52
C VAL H 115 -6.30 27.50 11.81
N THR H 116 -6.72 26.84 10.74
CA THR H 116 -7.37 25.53 10.94
C THR H 116 -6.48 24.44 10.35
N VAL H 117 -6.19 23.43 11.15
CA VAL H 117 -5.41 22.30 10.67
C VAL H 117 -6.21 21.01 10.79
N SER H 118 -6.64 20.46 9.67
CA SER H 118 -7.48 19.27 9.73
C SER H 118 -7.41 18.46 8.44
N SER H 119 -7.48 17.14 8.60
CA SER H 119 -7.46 16.27 7.41
C SER H 119 -8.78 16.31 6.65
N ALA H 120 -9.75 17.02 7.21
CA ALA H 120 -11.07 17.05 6.60
C ALA H 120 -11.14 17.96 5.39
N SER H 121 -11.75 17.46 4.33
CA SER H 121 -12.00 18.17 3.09
C SER H 121 -13.20 19.12 3.20
N THR H 122 -13.07 20.25 2.51
CA THR H 122 -14.05 21.31 2.50
C THR H 122 -15.38 20.78 2.02
N LYS H 123 -16.45 20.98 2.79
CA LYS H 123 -17.73 20.34 2.44
C LYS H 123 -18.89 21.23 2.85
N GLY H 124 -19.83 21.40 1.93
CA GLY H 124 -21.04 22.16 2.17
C GLY H 124 -22.01 21.38 3.04
N PRO H 125 -22.99 22.03 3.64
CA PRO H 125 -23.83 21.31 4.60
C PRO H 125 -25.03 20.62 3.94
N SER H 126 -25.65 19.74 4.71
CA SER H 126 -27.01 19.28 4.40
C SER H 126 -27.95 20.10 5.30
N VAL H 127 -29.11 20.46 4.75
CA VAL H 127 -30.07 21.20 5.56
C VAL H 127 -31.38 20.42 5.69
N PHE H 128 -31.77 20.17 6.94
CA PHE H 128 -32.98 19.44 7.26
C PHE H 128 -33.91 20.32 8.08
N PRO H 129 -35.22 20.24 7.85
CA PRO H 129 -36.15 21.04 8.66
C PRO H 129 -36.20 20.60 10.11
N LEU H 130 -36.43 21.54 11.00
CA LEU H 130 -36.82 21.35 12.37
C LEU H 130 -38.28 21.82 12.49
N ALA H 131 -39.21 20.93 12.23
CA ALA H 131 -40.63 21.15 12.08
C ALA H 131 -41.34 21.60 13.35
N PRO H 132 -42.16 22.64 13.19
CA PRO H 132 -43.08 23.05 14.23
C PRO H 132 -44.08 21.93 14.56
N GLY H 140 -49.27 29.62 23.05
CA GLY H 140 -49.46 29.93 21.65
C GLY H 140 -48.15 30.20 20.93
N THR H 141 -47.05 29.79 21.56
CA THR H 141 -45.74 29.91 20.95
C THR H 141 -45.20 28.56 20.45
N ALA H 142 -44.79 28.60 19.18
CA ALA H 142 -44.18 27.44 18.54
C ALA H 142 -42.70 27.71 18.29
N ALA H 143 -41.91 26.66 18.08
CA ALA H 143 -40.53 26.85 17.62
C ALA H 143 -40.30 25.97 16.40
N LEU H 144 -39.51 26.52 15.47
CA LEU H 144 -39.15 25.79 14.25
C LEU H 144 -37.69 26.06 13.91
N GLY H 145 -37.11 25.35 12.95
CA GLY H 145 -35.69 25.64 12.72
C GLY H 145 -35.11 24.89 11.55
N CYS H 146 -33.80 24.94 11.43
CA CYS H 146 -33.07 24.23 10.38
C CYS H 146 -31.82 23.59 10.96
N LEU H 147 -31.56 22.34 10.66
CA LEU H 147 -30.34 21.68 11.15
C LEU H 147 -29.32 21.67 10.03
N VAL H 148 -28.21 22.37 10.23
CA VAL H 148 -27.18 22.51 9.18
C VAL H 148 -26.01 21.61 9.54
N LYS H 149 -25.95 20.45 8.90
CA LYS H 149 -25.12 19.35 9.35
C LYS H 149 -24.01 18.97 8.37
N ASP H 150 -22.88 18.57 8.95
CA ASP H 150 -21.72 18.02 8.28
C ASP H 150 -21.13 18.94 7.22
N TYR H 151 -20.73 20.13 7.62
CA TYR H 151 -20.02 21.03 6.71
C TYR H 151 -18.60 21.27 7.20
N PHE H 152 -17.76 21.88 6.37
CA PHE H 152 -16.40 22.18 6.81
C PHE H 152 -15.67 22.97 5.75
N PRO H 153 -14.86 23.95 6.12
CA PRO H 153 -14.67 24.37 7.50
C PRO H 153 -15.75 25.37 7.91
N GLU H 154 -15.52 26.06 9.02
CA GLU H 154 -16.37 27.19 9.34
C GLU H 154 -16.04 28.35 8.39
N PRO H 155 -16.96 29.28 8.21
CA PRO H 155 -18.27 29.27 8.86
C PRO H 155 -19.40 29.07 7.88
N VAL H 156 -20.61 29.10 8.43
CA VAL H 156 -21.81 29.11 7.60
C VAL H 156 -22.66 30.30 8.01
N THR H 157 -23.39 30.92 7.09
CA THR H 157 -24.29 31.98 7.56
C THR H 157 -25.73 31.49 7.40
N VAL H 158 -26.57 31.88 8.34
CA VAL H 158 -27.96 31.44 8.26
C VAL H 158 -28.91 32.63 8.39
N SER H 159 -29.88 32.71 7.48
CA SER H 159 -30.89 33.75 7.66
C SER H 159 -32.26 33.09 7.49
N TRP H 160 -33.30 33.86 7.78
CA TRP H 160 -34.67 33.42 7.59
C TRP H 160 -35.38 34.40 6.65
N ASN H 161 -36.09 33.85 5.68
CA ASN H 161 -36.82 34.63 4.69
C ASN H 161 -35.95 35.74 4.13
N SER H 162 -34.72 35.37 3.76
CA SER H 162 -33.76 36.29 3.17
C SER H 162 -33.48 37.48 4.08
N GLY H 163 -33.49 37.21 5.39
CA GLY H 163 -33.09 38.20 6.37
C GLY H 163 -34.23 39.02 6.91
N ALA H 164 -35.44 38.85 6.36
CA ALA H 164 -36.58 39.66 6.82
C ALA H 164 -37.05 39.18 8.19
N LEU H 165 -36.76 37.91 8.51
CA LEU H 165 -37.19 37.42 9.82
C LEU H 165 -36.00 37.38 10.79
N THR H 166 -35.98 38.26 11.77
CA THR H 166 -34.86 38.31 12.69
C THR H 166 -35.32 38.09 14.13
N SER H 167 -36.55 38.49 14.43
CA SER H 167 -37.01 38.47 15.81
C SER H 167 -37.26 37.03 16.26
N GLY H 168 -36.75 36.71 17.45
CA GLY H 168 -36.89 35.38 18.01
C GLY H 168 -35.94 34.37 17.39
N VAL H 169 -35.11 34.81 16.44
CA VAL H 169 -34.15 33.88 15.83
C VAL H 169 -32.92 33.62 16.70
N HIS H 170 -32.55 32.35 16.87
CA HIS H 170 -31.31 31.99 17.52
C HIS H 170 -30.54 30.98 16.66
N THR H 171 -29.41 31.39 16.10
CA THR H 171 -28.52 30.47 15.41
C THR H 171 -27.44 30.03 16.39
N PHE H 172 -27.43 28.74 16.73
CA PHE H 172 -26.48 28.26 17.73
C PHE H 172 -25.07 28.20 17.17
N PRO H 173 -24.09 28.45 18.02
CA PRO H 173 -22.70 28.29 17.56
C PRO H 173 -22.52 26.88 17.02
N ALA H 174 -21.71 26.75 15.99
CA ALA H 174 -21.47 25.40 15.46
C ALA H 174 -20.71 24.56 16.48
N VAL H 175 -20.90 23.25 16.37
CA VAL H 175 -20.17 22.29 17.19
C VAL H 175 -19.33 21.42 16.27
N LEU H 176 -18.07 21.14 16.62
CA LEU H 176 -17.30 20.21 15.78
C LEU H 176 -17.67 18.79 16.20
N GLN H 177 -18.28 18.00 15.32
CA GLN H 177 -18.69 16.66 15.72
C GLN H 177 -17.51 15.70 15.74
N SER H 178 -17.72 14.47 16.20
CA SER H 178 -16.65 13.47 16.30
C SER H 178 -16.15 13.00 14.94
N SER H 179 -16.84 13.39 13.90
CA SER H 179 -16.51 13.14 12.51
C SER H 179 -15.49 14.14 11.99
N GLY H 180 -15.26 15.23 12.72
CA GLY H 180 -14.39 16.29 12.21
C GLY H 180 -15.18 17.33 11.41
N LEU H 181 -16.48 17.09 11.17
CA LEU H 181 -17.32 18.07 10.51
C LEU H 181 -18.12 18.89 11.53
N TYR H 182 -18.48 20.12 11.18
CA TYR H 182 -19.32 20.95 12.04
C TYR H 182 -20.81 20.69 11.76
N SER H 183 -21.60 21.01 12.76
CA SER H 183 -23.04 21.08 12.73
C SER H 183 -23.53 22.28 13.54
N LEU H 184 -24.64 22.86 13.13
CA LEU H 184 -25.30 23.91 13.91
C LEU H 184 -26.81 23.76 13.70
N SER H 185 -27.61 24.30 14.62
CA SER H 185 -29.03 24.48 14.32
C SER H 185 -29.34 25.98 14.38
N SER H 186 -30.27 26.45 13.56
CA SER H 186 -30.86 27.78 13.64
C SER H 186 -32.35 27.66 13.97
N VAL H 187 -32.80 28.31 15.04
CA VAL H 187 -34.19 28.21 15.47
C VAL H 187 -34.85 29.59 15.59
N VAL H 188 -36.16 29.61 15.37
CA VAL H 188 -36.99 30.80 15.51
C VAL H 188 -38.23 30.47 16.35
N THR H 189 -38.53 31.22 17.41
CA THR H 189 -39.83 30.95 18.07
C THR H 189 -40.88 31.86 17.42
N VAL H 190 -42.05 31.33 17.12
CA VAL H 190 -43.06 32.17 16.48
C VAL H 190 -44.42 31.92 17.12
N PRO H 191 -45.38 32.81 16.89
CA PRO H 191 -46.74 32.54 17.39
C PRO H 191 -47.32 31.35 16.62
N SER H 192 -47.91 30.40 17.34
CA SER H 192 -48.52 29.24 16.70
C SER H 192 -49.56 29.66 15.67
N SER H 193 -50.19 30.83 15.88
CA SER H 193 -51.26 31.23 14.98
C SER H 193 -50.77 31.44 13.55
N SER H 194 -49.50 31.84 13.42
CA SER H 194 -48.97 32.14 12.10
C SER H 194 -48.57 30.88 11.37
N LEU H 195 -48.45 29.76 12.07
CA LEU H 195 -48.22 28.49 11.37
C LEU H 195 -49.38 28.19 10.41
N GLY H 196 -49.05 27.94 9.15
CA GLY H 196 -50.11 27.71 8.17
C GLY H 196 -50.56 29.03 7.54
N THR H 197 -50.29 30.09 8.26
CA THR H 197 -50.52 31.48 7.90
C THR H 197 -49.29 32.12 7.24
N GLN H 198 -48.16 31.95 7.92
CA GLN H 198 -46.90 32.47 7.46
C GLN H 198 -46.03 31.36 6.86
N THR H 199 -45.19 31.70 5.89
CA THR H 199 -44.21 30.72 5.43
C THR H 199 -42.85 30.98 6.08
N TYR H 200 -42.11 29.92 6.37
CA TYR H 200 -40.80 30.11 7.00
C TYR H 200 -39.70 29.43 6.23
N ILE H 201 -38.71 30.19 5.75
CA ILE H 201 -37.62 29.59 4.97
C ILE H 201 -36.25 29.93 5.54
N CYS H 202 -35.36 28.94 5.65
CA CYS H 202 -34.01 29.31 6.08
C CYS H 202 -33.09 29.30 4.86
N ASN H 203 -32.23 30.31 4.82
CA ASN H 203 -31.27 30.48 3.75
C ASN H 203 -29.88 30.27 4.36
N VAL H 204 -29.21 29.27 3.81
CA VAL H 204 -27.96 28.80 4.37
C VAL H 204 -26.86 29.02 3.34
N ASN H 205 -25.84 29.76 3.73
CA ASN H 205 -24.71 29.95 2.84
C ASN H 205 -23.43 29.35 3.46
N HIS H 206 -22.73 28.56 2.67
CA HIS H 206 -21.45 28.02 3.10
C HIS H 206 -20.39 28.50 2.11
N LYS H 207 -19.84 29.69 2.35
CA LYS H 207 -18.87 30.30 1.47
C LYS H 207 -17.74 29.35 1.08
N PRO H 208 -17.03 28.71 2.01
CA PRO H 208 -15.88 27.89 1.61
C PRO H 208 -16.19 26.82 0.57
N SER H 209 -17.43 26.37 0.40
CA SER H 209 -17.71 25.38 -0.62
C SER H 209 -18.68 25.95 -1.66
N ASN H 210 -18.82 27.27 -1.58
CA ASN H 210 -19.81 28.00 -2.38
C ASN H 210 -21.15 27.28 -2.40
N THR H 211 -21.59 26.91 -1.21
CA THR H 211 -22.81 26.16 -1.01
C THR H 211 -23.93 27.05 -0.46
N LYS H 212 -25.05 27.12 -1.18
CA LYS H 212 -26.12 28.02 -0.79
C LYS H 212 -27.46 27.27 -0.84
N VAL H 213 -28.11 27.16 0.31
CA VAL H 213 -29.28 26.30 0.34
C VAL H 213 -30.42 27.00 1.08
N ASP H 214 -31.61 26.83 0.54
CA ASP H 214 -32.85 27.41 1.02
C ASP H 214 -33.83 26.28 1.35
N LYS H 215 -34.26 26.18 2.61
CA LYS H 215 -35.17 25.08 2.93
C LYS H 215 -36.39 25.60 3.68
N LYS H 216 -37.56 25.28 3.14
CA LYS H 216 -38.81 25.63 3.80
C LYS H 216 -39.12 24.67 4.93
N VAL H 217 -39.40 25.24 6.08
CA VAL H 217 -39.84 24.49 7.26
C VAL H 217 -41.36 24.52 7.35
N GLU H 218 -42.02 23.42 7.06
CA GLU H 218 -43.49 23.43 7.22
C GLU H 218 -43.88 22.65 8.48
N PRO H 219 -44.96 23.07 9.11
CA PRO H 219 -45.44 22.47 10.36
C PRO H 219 -45.53 20.95 10.25
#